data_9FAM
#
_entry.id   9FAM
#
_cell.length_a   1.00
_cell.length_b   1.00
_cell.length_c   1.00
_cell.angle_alpha   90.00
_cell.angle_beta   90.00
_cell.angle_gamma   90.00
#
_symmetry.space_group_name_H-M   'P 1'
#
loop_
_entity.id
_entity.type
_entity.pdbx_description
1 polymer 'Gamma-aminobutyric acid receptor subunit alpha-1'
2 polymer 'Gamma-aminobutyric acid receptor subunit beta-3'
3 polymer 'Isoform 2 of Gamma-aminobutyric acid receptor subunit gamma-2'
4 polymer Neuroligin-2
5 polymer 'LHFPL tetraspan subfamily member 4 protein'
6 polymer Megabody38
7 branched alpha-D-mannopyranose-(1-2)-alpha-D-mannopyranose-(1-2)-alpha-D-mannopyranose-(1-3)-[alpha-D-mannopyranose-(1-2)-alpha-D-mannopyranose-(1-6)-[alpha-D-mannopyranose-(1-3)]alpha-D-mannopyranose-(1-6)]beta-D-mannopyranose-(1-4)-2-acetamido-2-deoxy-beta-D-glucopyranose-(1-4)-2-acetamido-2-deoxy-beta-D-glucopyranose
8 branched beta-D-mannopyranose-(1-4)-2-acetamido-2-deoxy-beta-D-glucopyranose-(1-4)-2-acetamido-2-deoxy-beta-D-glucopyranose
9 branched alpha-D-mannopyranose-(1-3)-alpha-D-mannopyranose-(1-6)-[alpha-D-mannopyranose-(1-3)]beta-D-mannopyranose-(1-4)-2-acetamido-2-deoxy-beta-D-glucopyranose-(1-4)-2-acetamido-2-deoxy-beta-D-glucopyranose
10 branched alpha-D-mannopyranose-(1-2)-alpha-D-mannopyranose-(1-3)-[alpha-D-mannopyranose-(1-6)]beta-D-mannopyranose-(1-4)-2-acetamido-2-deoxy-beta-D-glucopyranose-(1-4)-2-acetamido-2-deoxy-beta-D-glucopyranose
11 branched 2-acetamido-2-deoxy-beta-D-glucopyranose-(1-4)-2-acetamido-2-deoxy-beta-D-glucopyranose
12 non-polymer '[(2R)-2-octanoyloxy-3-[oxidanyl-[(1R,2R,3S,4R,5R,6S)-2,3,6-tris(oxidanyl)-4,5-diphosphonooxy-cyclohexyl]oxy-phosphoryl]oxy-propyl] octanoate'
13 non-polymer 'GAMMA-AMINO-BUTANOIC ACID'
14 non-polymer 'CHLORIDE ION'
15 non-polymer HEXANE
16 non-polymer DECANE
17 non-polymer 'PALMITIC ACID'
18 non-polymer CHOLESTEROL
19 non-polymer '(1R)-2-{[(S)-{[(2S)-2,3-dihydroxypropyl]oxy}(hydroxy)phosphoryl]oxy}-1-[(hexadecanoyloxy)methyl]ethyl (9Z)-octadec-9-enoate'
#
loop_
_entity_poly.entity_id
_entity_poly.type
_entity_poly.pdbx_seq_one_letter_code
_entity_poly.pdbx_strand_id
1 'polypeptide(L)'
;DNTTVFTRILDRLLDGYDNRLRPGLGERVTEVKTDIFVTSFGPVSDHDMEYTIDVFFRQSWKDERLKFKGPMTVLRLNNL
MASKIWTPDTFFHNGKKSVAHNMTMPNKLLRITEDGTLLYTMRLTVRAECPMHLEDFPMDAHACPLKFGSYAYTRAEVVY
EWTREPARSVVVAEDGSRLNQYDLLGQTVDSGIVQSSTGEYVVMTTHFHLKRKIGYFVIQTYLPCIMTVILSQVSFWLNR
ESVPARTVFGVTTVLTMTTLSISARNSLPKVAYATAMDWFIAVCYAFVFSALIEFATVNYFTKRGYAWDGKSVVPEKPKK
VKDPLIKKNNTYAPTATSYTPNLARGDPGLATIAKSATIEPKEVKPETKPPEPKKTFNSVSKIDRLSRIAFPLLFGIFNL
VYWATYLNREPQL
;
A,D
2 'polypeptide(L)'
;GNMSFVKETVDKLLKGYDIRLRPDFGGPPVCVGMNIDIASIDMVSEVNMDYTLTMYFQQYWRDKRLAYSGIPLNLTLDNR
VADQLWVPDTYFLNDKKSFVHGVTVKNRMIRLHPDGTVLYGLRITTTAACMMDLRRYPLDEQNCTLEIESYGYTTDDIEF
YWRGGDKAVTGVERIELPQFSIVEHRLVSRNVVFATGAYPRLSLSFRLKRNIGYFILQTYMPSILITILSWVSFWINYDA
SAARVALGITTVLTMTTINTHLRETLPKIPYVKAIDMYLMGCFVFVFLALLEYAFVNYIFFGRGPQRQKKLAEKTAKAKN
DRSKSESNRVDAHGNILLTSLEVHNEMNEVSGGIGDTRNSAISFDNSGIQYRKQSMPREGHGRFLGDRSLPHKKTHLRRR
SSQLKIKIPDLTDVNAIDRWSRIVFPFTFSLFNLVYWLYYV
;
B,E
3 'polypeptide(L)'
;GDVTVILNNLLEGYDNKLRPDIGVKPTLIHTDMYVNSIGPVNAINMEYTIDIFFAQTWYDRRLKFNSTIKVLRLNSNMVG
KIWIPDTFFRNSKKADAHWITTPNRMLRIWNDGRVLYTLRLTIDAECQLQLHNFPMDEHSCPLEFSSYGYPREEIVYQWK
RSSVEVGDTRSWRLYQFSFVGLRNTTEVVKTTSGDYVVMSVYFDLSRRMGYFTIQTYIPCTLIVVLSWVSFWINKDAVPA
RTSLGITTVLTMTTLSTIARKSLPKVSYVTAMDLFVSVCFIFVFSALVEYGTLHYFVSNRKPSKDKDKKKKNPAPTIDIR
PRSATIQMNNATHLQERDEEYGYECLDGKDCASFF(P1L)(P1L)FED(P1L)RTGAWRHGRIHIRIAKMDSYARIFFPT
AFCLFNLVYWVSYLYLG
;
C
4 'polypeptide(L)' DSRDYSTELSVTVAVGASLLFLNILAFAALYYK H
5 'polypeptide(L)'
;YHEHYMRNSRAIGVLWAIFTICFAIINVVVFIQPYWVGDSVSTPKPGYFGLFHYCVGSGLAGRELTCRGSFTDFSTIPSS
AFKAAAFFVLLSMVLILGCITCFSLFFFCNTATVYKICAWMQLLAALCLVLGCMIFPDGWDAETIRDMCGAKTGKYSLGD
CSVRWAYILAIIGILNALILSFLAFVLGNRQTD
;
L
6 'polypeptide(L)'
;QVQLQESGGGLVQTKTTTSVIDTTNDAQNLLTQAQTIVNTLKDYCPILIAKSSSSNGGTNNANTPSWQTAGGGKNSCATF
GAEFSAASDMINNAQKIVQETQQLSANQPKNITQPHNLNLNSPSSLTALAQKMLKNAQSQAEILKLANQVESDFNKLSSG
HLKDYIGKCDASAISSANMTMQNQKNNWGNGCAGVEETQSLLKTSAADFNNQTPQINQAQNLANTLIQELGNNPFRASGG
GSGGGGSGKLSDTYEQLSRLLTNDNGTNSKTSAQAINQAVNNLNERAKTLAGGTTNSPAYQATLLALRSVLGLWNSMGYA
VICGGYTKSPGENNQKDFHYTDENGNGTTINCGGSTNSNGTHSYNGTNTLKADKNVSLSIEQYEKIHEAYQILSKALKQA
GLAPLNSKGEKLEAHVTTSKYGSLRVSCAASGRTFTTYIMAWFRQAPGKEREFLAAMDQGRIQYYGDSVRGRFTISRDYA
KNSVDLQLDGLRPEDTAVYYCAAGAGFWGLRTASSYHYWGQGTQVTVSSHHHHHHEPEA
;
G
#
loop_
_chem_comp.id
_chem_comp.type
_chem_comp.name
_chem_comp.formula
ABU non-polymer 'GAMMA-AMINO-BUTANOIC ACID' 'C4 H9 N O2'
BMA D-saccharide, beta linking beta-D-mannopyranose 'C6 H12 O6'
CL non-polymer 'CHLORIDE ION' 'Cl -1'
CLR non-polymer CHOLESTEROL 'C27 H46 O'
D10 non-polymer DECANE 'C10 H22'
HEX non-polymer HEXANE 'C6 H14'
MAN D-saccharide, alpha linking alpha-D-mannopyranose 'C6 H12 O6'
NAG D-saccharide, beta linking 2-acetamido-2-deoxy-beta-D-glucopyranose 'C8 H15 N O6'
PGW non-polymer '(1R)-2-{[(S)-{[(2S)-2,3-dihydroxypropyl]oxy}(hydroxy)phosphoryl]oxy}-1-[(hexadecanoyloxy)methyl]ethyl (9Z)-octadec-9-enoate' 'C40 H77 O10 P'
PIO non-polymer '[(2R)-2-octanoyloxy-3-[oxidanyl-[(1R,2R,3S,4R,5R,6S)-2,3,6-tris(oxidanyl)-4,5-diphosphonooxy-cyclohexyl]oxy-phosphoryl]oxy-propyl] octanoate' 'C25 H49 O19 P3'
PLM non-polymer 'PALMITIC ACID' 'C16 H32 O2'
#
# COMPACT_ATOMS: atom_id res chain seq x y z
N ASP A 1 43.16 38.62 17.22
CA ASP A 1 41.79 38.53 16.74
C ASP A 1 40.90 37.87 17.80
N ASN A 2 39.59 38.10 17.70
CA ASN A 2 38.66 37.58 18.69
C ASN A 2 38.30 36.11 18.48
N THR A 3 38.58 35.55 17.30
CA THR A 3 38.30 34.15 16.99
C THR A 3 39.53 33.27 17.06
N THR A 4 40.73 33.84 16.84
CA THR A 4 41.94 33.03 16.91
C THR A 4 42.20 32.54 18.33
N VAL A 5 41.74 33.28 19.34
CA VAL A 5 41.89 32.82 20.72
C VAL A 5 41.07 31.55 20.93
N PHE A 6 39.83 31.53 20.43
CA PHE A 6 39.01 30.33 20.53
C PHE A 6 39.61 29.19 19.72
N THR A 7 40.17 29.49 18.55
CA THR A 7 40.82 28.46 17.75
C THR A 7 42.00 27.85 18.50
N ARG A 8 42.81 28.69 19.15
CA ARG A 8 43.93 28.19 19.93
C ARG A 8 43.46 27.38 21.13
N ILE A 9 42.36 27.80 21.76
CA ILE A 9 41.81 27.03 22.88
C ILE A 9 41.39 25.64 22.41
N LEU A 10 40.69 25.58 21.27
CA LEU A 10 40.28 24.29 20.73
C LEU A 10 41.48 23.41 20.38
N ASP A 11 42.50 24.01 19.76
CA ASP A 11 43.70 23.24 19.42
C ASP A 11 44.39 22.72 20.67
N ARG A 12 44.47 23.55 21.72
CA ARG A 12 45.09 23.11 22.96
C ARG A 12 44.30 21.98 23.59
N LEU A 13 42.97 22.07 23.57
CA LEU A 13 42.16 21.00 24.15
C LEU A 13 42.32 19.70 23.38
N LEU A 14 42.34 19.77 22.05
CA LEU A 14 42.45 18.55 21.25
C LEU A 14 43.87 17.99 21.21
N ASP A 15 44.88 18.80 21.50
CA ASP A 15 46.25 18.31 21.47
C ASP A 15 46.48 17.29 22.58
N GLY A 16 47.00 16.12 22.21
CA GLY A 16 47.20 15.05 23.16
C GLY A 16 45.95 14.30 23.54
N TYR A 17 44.79 14.68 23.00
CA TYR A 17 43.54 14.01 23.33
C TYR A 17 43.42 12.70 22.56
N ASP A 18 42.88 11.68 23.23
CA ASP A 18 42.60 10.39 22.61
C ASP A 18 41.15 10.04 22.87
N ASN A 19 40.31 10.16 21.84
CA ASN A 19 38.89 9.86 21.99
C ASN A 19 38.61 8.38 22.19
N ARG A 20 39.60 7.50 21.99
CA ARG A 20 39.39 6.08 22.21
C ARG A 20 39.33 5.71 23.68
N LEU A 21 39.70 6.60 24.59
CA LEU A 21 39.76 6.34 26.02
C LEU A 21 38.73 7.19 26.74
N ARG A 22 37.92 6.54 27.58
CA ARG A 22 36.89 7.26 28.31
C ARG A 22 37.52 8.13 29.40
N PRO A 23 36.80 9.12 29.92
CA PRO A 23 37.33 9.89 31.05
C PRO A 23 37.56 9.01 32.26
N GLY A 24 38.65 9.27 32.97
CA GLY A 24 38.98 8.49 34.16
C GLY A 24 39.16 7.01 33.89
N LEU A 25 39.76 6.67 32.75
CA LEU A 25 39.97 5.26 32.43
C LEU A 25 40.97 4.64 33.39
N GLY A 26 40.56 3.55 34.05
CA GLY A 26 41.43 2.84 34.95
C GLY A 26 41.58 3.45 36.33
N GLU A 27 40.92 4.58 36.61
CA GLU A 27 41.01 5.22 37.91
C GLU A 27 39.68 5.72 38.46
N ARG A 28 38.61 5.79 37.67
CA ARG A 28 37.35 6.33 38.15
C ARG A 28 36.24 5.89 37.21
N VAL A 29 35.04 5.71 37.77
CA VAL A 29 33.86 5.38 36.99
C VAL A 29 33.24 6.65 36.44
N THR A 30 32.80 6.61 35.19
CA THR A 30 32.22 7.77 34.52
C THR A 30 30.73 7.82 34.79
N GLU A 31 30.29 8.86 35.50
CA GLU A 31 28.88 9.07 35.81
C GLU A 31 28.27 9.92 34.70
N VAL A 32 27.34 9.34 33.95
CA VAL A 32 26.68 10.01 32.84
C VAL A 32 25.27 10.36 33.31
N LYS A 33 25.00 11.65 33.44
CA LYS A 33 23.68 12.14 33.81
C LYS A 33 22.86 12.35 32.54
N THR A 34 21.73 11.65 32.43
CA THR A 34 20.93 11.61 31.22
C THR A 34 19.52 12.11 31.50
N ASP A 35 18.85 12.52 30.42
CA ASP A 35 17.43 12.80 30.46
C ASP A 35 16.88 12.76 29.04
N ILE A 36 15.55 12.70 28.94
CA ILE A 36 14.86 12.56 27.67
C ILE A 36 13.73 13.59 27.63
N PHE A 37 13.55 14.21 26.46
CA PHE A 37 12.42 15.09 26.20
C PHE A 37 11.68 14.53 24.99
N VAL A 38 10.47 14.02 25.23
CA VAL A 38 9.70 13.36 24.17
C VAL A 38 8.95 14.45 23.40
N THR A 39 9.37 14.70 22.15
CA THR A 39 8.71 15.70 21.34
C THR A 39 7.38 15.19 20.78
N SER A 40 7.28 13.88 20.54
CA SER A 40 6.04 13.31 20.02
C SER A 40 6.09 11.80 20.24
N PHE A 41 5.10 11.27 20.96
CA PHE A 41 4.97 9.83 21.13
C PHE A 41 4.29 9.25 19.90
N GLY A 42 5.06 8.50 19.10
CA GLY A 42 4.59 8.07 17.82
C GLY A 42 3.50 7.01 17.93
N PRO A 43 2.96 6.60 16.78
CA PRO A 43 1.87 5.62 16.78
C PRO A 43 2.35 4.25 17.23
N VAL A 44 1.42 3.48 17.79
CA VAL A 44 1.66 2.12 18.22
C VAL A 44 1.14 1.19 17.14
N SER A 45 2.00 0.31 16.64
CA SER A 45 1.64 -0.69 15.64
C SER A 45 1.39 -2.01 16.37
N ASP A 46 0.11 -2.40 16.47
CA ASP A 46 -0.23 -3.65 17.12
C ASP A 46 0.31 -4.84 16.35
N HIS A 47 0.30 -4.76 15.02
CA HIS A 47 0.74 -5.88 14.19
C HIS A 47 2.20 -6.21 14.46
N ASP A 48 3.05 -5.19 14.58
CA ASP A 48 4.47 -5.38 14.83
C ASP A 48 4.83 -5.42 16.30
N MET A 49 3.86 -5.21 17.21
CA MET A 49 4.14 -5.09 18.64
C MET A 49 5.19 -4.02 18.90
N GLU A 50 5.01 -2.88 18.24
CA GLU A 50 6.01 -1.84 18.15
C GLU A 50 5.35 -0.48 18.32
N TYR A 51 6.11 0.45 18.91
CA TYR A 51 5.70 1.84 19.03
C TYR A 51 6.89 2.72 18.67
N THR A 52 6.60 3.93 18.19
CA THR A 52 7.61 4.91 17.80
C THR A 52 7.60 6.07 18.77
N ILE A 53 8.78 6.66 18.99
CA ILE A 53 8.92 7.80 19.89
C ILE A 53 10.05 8.69 19.38
N ASP A 54 9.79 10.00 19.34
CA ASP A 54 10.76 11.00 18.93
C ASP A 54 11.24 11.76 20.16
N VAL A 55 12.56 11.83 20.34
CA VAL A 55 13.15 12.30 21.60
C VAL A 55 14.35 13.19 21.32
N PHE A 56 14.47 14.25 22.12
CA PHE A 56 15.76 14.87 22.40
C PHE A 56 16.37 14.10 23.56
N PHE A 57 17.43 13.34 23.28
CA PHE A 57 18.13 12.54 24.27
C PHE A 57 19.37 13.30 24.69
N ARG A 58 19.40 13.75 25.95
CA ARG A 58 20.49 14.55 26.49
C ARG A 58 21.32 13.69 27.43
N GLN A 59 22.65 13.81 27.30
CA GLN A 59 23.60 13.20 28.21
C GLN A 59 24.58 14.28 28.66
N SER A 60 25.21 14.04 29.81
CA SER A 60 26.22 14.97 30.31
C SER A 60 27.19 14.20 31.19
N TRP A 61 28.44 14.65 31.18
CA TRP A 61 29.47 13.97 31.95
C TRP A 61 30.67 14.88 32.13
N LYS A 62 31.47 14.59 33.15
CA LYS A 62 32.70 15.31 33.41
C LYS A 62 33.83 14.73 32.58
N ASP A 63 34.70 15.60 32.10
CA ASP A 63 35.90 15.19 31.35
C ASP A 63 37.01 16.16 31.74
N GLU A 64 37.89 15.71 32.64
CA GLU A 64 38.96 16.58 33.13
C GLU A 64 39.90 17.01 32.01
N ARG A 65 40.04 16.21 30.96
CA ARG A 65 40.90 16.57 29.84
C ARG A 65 40.43 17.82 29.12
N LEU A 66 39.13 18.14 29.20
CA LEU A 66 38.53 19.23 28.44
C LEU A 66 38.14 20.40 29.32
N LYS A 67 38.96 20.71 30.33
CA LYS A 67 38.83 21.94 31.09
C LYS A 67 39.68 23.02 30.44
N PHE A 68 39.27 24.28 30.62
CA PHE A 68 39.98 25.39 30.00
C PHE A 68 39.65 26.66 30.74
N LYS A 69 40.52 27.65 30.60
CA LYS A 69 40.29 29.02 31.06
C LYS A 69 40.23 29.91 29.83
N GLY A 70 39.12 30.65 29.67
CA GLY A 70 38.92 31.45 28.49
C GLY A 70 37.99 32.62 28.74
N PRO A 71 37.79 33.46 27.71
CA PRO A 71 36.93 34.64 27.88
C PRO A 71 35.49 34.31 28.26
N MET A 72 34.95 33.21 27.75
CA MET A 72 33.56 32.83 27.95
C MET A 72 33.48 31.49 28.66
N THR A 73 32.37 31.27 29.38
CA THR A 73 32.26 30.11 30.26
C THR A 73 32.03 28.84 29.47
N VAL A 74 30.91 28.76 28.75
CA VAL A 74 30.48 27.56 28.04
C VAL A 74 30.59 27.82 26.55
N LEU A 75 31.28 26.93 25.85
CA LEU A 75 31.43 27.01 24.40
C LEU A 75 30.31 26.22 23.75
N ARG A 76 29.34 26.94 23.18
CA ARG A 76 28.28 26.31 22.39
C ARG A 76 28.90 25.90 21.06
N LEU A 77 29.62 24.78 21.09
CA LEU A 77 30.50 24.37 20.01
C LEU A 77 29.70 23.64 18.93
N ASN A 78 30.32 23.55 17.75
CA ASN A 78 29.69 22.89 16.62
C ASN A 78 29.54 21.39 16.90
N ASN A 79 28.50 20.81 16.29
CA ASN A 79 28.26 19.37 16.37
C ASN A 79 29.35 18.54 15.71
N LEU A 80 30.21 19.15 14.89
CA LEU A 80 31.33 18.43 14.31
C LEU A 80 32.29 17.93 15.38
N MET A 81 32.43 18.67 16.49
CA MET A 81 33.36 18.29 17.55
C MET A 81 32.93 17.05 18.31
N ALA A 82 31.69 16.59 18.14
CA ALA A 82 31.25 15.39 18.83
C ALA A 82 32.05 14.16 18.42
N SER A 83 32.51 14.12 17.16
CA SER A 83 33.28 12.99 16.67
C SER A 83 34.75 13.04 17.07
N LYS A 84 35.25 14.20 17.52
CA LYS A 84 36.65 14.35 17.86
C LYS A 84 36.98 13.99 19.31
N ILE A 85 35.97 13.69 20.14
CA ILE A 85 36.16 13.39 21.54
C ILE A 85 35.35 12.15 21.90
N TRP A 86 35.68 11.56 23.05
CA TRP A 86 34.93 10.43 23.56
C TRP A 86 33.51 10.86 23.90
N THR A 87 32.55 10.00 23.57
CA THR A 87 31.15 10.20 23.94
C THR A 87 30.58 8.85 24.36
N PRO A 88 29.54 8.83 25.20
CA PRO A 88 28.95 7.54 25.57
C PRO A 88 28.36 6.84 24.36
N ASP A 89 28.56 5.53 24.30
CA ASP A 89 27.98 4.69 23.24
C ASP A 89 26.64 4.11 23.69
N THR A 90 25.75 4.98 24.14
CA THR A 90 24.45 4.55 24.60
C THR A 90 23.65 3.95 23.46
N PHE A 91 23.00 2.82 23.73
CA PHE A 91 22.16 2.12 22.77
C PHE A 91 20.89 1.67 23.48
N PHE A 92 19.84 1.48 22.68
CA PHE A 92 18.53 1.10 23.20
C PHE A 92 18.40 -0.42 23.16
N HIS A 93 18.13 -1.02 24.32
CA HIS A 93 18.11 -2.47 24.43
C HIS A 93 16.99 -3.08 23.60
N ASN A 94 15.81 -2.47 23.63
CA ASN A 94 14.64 -2.97 22.91
C ASN A 94 14.36 -2.21 21.61
N GLY A 95 15.30 -1.38 21.16
CA GLY A 95 15.13 -0.67 19.89
C GLY A 95 15.28 -1.62 18.70
N LYS A 96 14.50 -1.36 17.65
CA LYS A 96 14.47 -2.20 16.46
C LYS A 96 15.18 -1.53 15.28
N LYS A 97 14.75 -0.33 14.90
CA LYS A 97 15.43 0.42 13.83
C LYS A 97 15.24 1.90 14.16
N SER A 98 16.22 2.46 14.86
CA SER A 98 16.19 3.86 15.27
C SER A 98 16.89 4.72 14.24
N VAL A 99 16.47 5.98 14.17
CA VAL A 99 16.99 6.94 13.20
C VAL A 99 17.58 8.12 13.96
N ALA A 100 18.83 8.44 13.64
CA ALA A 100 19.49 9.66 14.10
C ALA A 100 19.37 10.69 12.98
N HIS A 101 18.40 11.60 13.12
CA HIS A 101 18.14 12.55 12.05
C HIS A 101 19.34 13.45 11.81
N ASN A 102 19.65 13.67 10.54
CA ASN A 102 20.77 14.50 10.14
C ASN A 102 20.39 15.41 8.98
N MET A 103 19.19 15.99 9.03
CA MET A 103 18.72 16.98 8.08
C MET A 103 18.51 18.29 8.82
N THR A 104 19.11 19.40 8.37
CA THR A 104 20.06 19.53 7.26
C THR A 104 21.47 19.05 7.64
N MET A 105 21.75 19.00 8.95
CA MET A 105 23.02 18.56 9.51
C MET A 105 22.75 17.57 10.63
N PRO A 106 23.75 16.79 11.09
CA PRO A 106 23.50 15.86 12.21
C PRO A 106 22.94 16.58 13.43
N ASN A 107 21.69 16.27 13.78
CA ASN A 107 20.95 17.00 14.81
C ASN A 107 21.49 16.60 16.18
N LYS A 108 22.64 17.17 16.49
CA LYS A 108 23.29 17.03 17.78
C LYS A 108 23.86 18.37 18.18
N LEU A 109 23.93 18.61 19.48
CA LEU A 109 24.59 19.80 20.02
C LEU A 109 25.50 19.37 21.16
N LEU A 110 26.66 20.03 21.24
CA LEU A 110 27.68 19.74 22.24
C LEU A 110 28.12 21.06 22.86
N ARG A 111 28.23 21.07 24.18
CA ARG A 111 28.65 22.27 24.92
C ARG A 111 29.64 21.87 25.99
N ILE A 112 30.72 22.63 26.10
CA ILE A 112 31.81 22.34 27.03
C ILE A 112 31.83 23.48 28.04
N THR A 113 31.49 23.18 29.29
CA THR A 113 31.58 24.17 30.35
C THR A 113 33.04 24.30 30.79
N GLU A 114 33.38 25.45 31.37
CA GLU A 114 34.77 25.74 31.72
C GLU A 114 35.35 24.71 32.69
N ASP A 115 34.53 24.18 33.60
CA ASP A 115 35.04 23.17 34.52
C ASP A 115 35.36 21.87 33.79
N GLY A 116 34.56 21.53 32.77
CA GLY A 116 34.73 20.30 32.01
C GLY A 116 33.49 19.45 32.01
N THR A 117 32.33 20.04 32.31
CA THR A 117 31.06 19.32 32.37
C THR A 117 30.41 19.37 31.00
N LEU A 118 30.78 18.40 30.15
CA LEU A 118 30.23 18.34 28.80
C LEU A 118 28.75 18.02 28.85
N LEU A 119 27.98 18.73 28.02
CA LEU A 119 26.60 18.40 27.69
C LEU A 119 26.54 18.03 26.22
N TYR A 120 25.69 17.05 25.89
CA TYR A 120 25.68 16.48 24.55
C TYR A 120 24.30 15.90 24.32
N THR A 121 23.53 16.50 23.42
CA THR A 121 22.15 16.07 23.16
C THR A 121 21.99 15.77 21.68
N MET A 122 21.09 14.84 21.37
CA MET A 122 20.85 14.43 19.99
C MET A 122 19.37 14.16 19.77
N ARG A 123 18.94 14.31 18.51
CA ARG A 123 17.55 14.11 18.10
C ARG A 123 17.42 12.72 17.48
N LEU A 124 16.48 11.92 18.02
CA LEU A 124 16.33 10.53 17.61
C LEU A 124 14.86 10.19 17.40
N THR A 125 14.61 9.27 16.47
CA THR A 125 13.35 8.54 16.35
C THR A 125 13.63 7.07 16.62
N VAL A 126 13.20 6.59 17.78
CA VAL A 126 13.43 5.21 18.20
C VAL A 126 12.10 4.47 18.11
N ARG A 127 12.10 3.33 17.41
CA ARG A 127 10.98 2.41 17.42
C ARG A 127 11.43 1.15 18.14
N ALA A 128 10.71 0.81 19.22
CA ALA A 128 11.15 -0.20 20.17
C ALA A 128 10.04 -1.22 20.40
N GLU A 129 10.45 -2.40 20.84
CA GLU A 129 9.52 -3.49 21.08
C GLU A 129 8.66 -3.18 22.30
N CYS A 130 7.35 -3.37 22.16
CA CYS A 130 6.38 -3.18 23.23
C CYS A 130 5.52 -4.44 23.30
N PRO A 131 5.97 -5.48 24.00
CA PRO A 131 5.18 -6.72 24.04
C PRO A 131 3.80 -6.48 24.65
N MET A 132 2.81 -7.16 24.11
CA MET A 132 1.40 -6.89 24.38
C MET A 132 0.71 -8.17 24.83
N HIS A 133 -0.25 -8.01 25.75
CA HIS A 133 -1.13 -9.08 26.20
C HIS A 133 -2.53 -8.75 25.72
N LEU A 134 -2.94 -9.36 24.61
CA LEU A 134 -4.21 -9.05 23.97
C LEU A 134 -5.37 -9.90 24.48
N GLU A 135 -5.28 -10.41 25.71
CA GLU A 135 -6.37 -11.20 26.27
C GLU A 135 -7.64 -10.35 26.42
N ASP A 136 -7.49 -9.09 26.86
CA ASP A 136 -8.61 -8.20 27.12
C ASP A 136 -8.86 -7.23 25.96
N PHE A 137 -8.33 -7.52 24.78
CA PHE A 137 -8.51 -6.66 23.62
C PHE A 137 -9.99 -6.56 23.28
N PRO A 138 -10.51 -5.38 22.85
CA PRO A 138 -9.91 -4.05 22.72
C PRO A 138 -9.84 -3.25 24.02
N MET A 139 -10.21 -3.89 25.12
CA MET A 139 -10.31 -3.25 26.42
C MET A 139 -9.08 -3.52 27.28
N ASP A 140 -7.93 -3.67 26.64
CA ASP A 140 -6.64 -3.97 27.27
C ASP A 140 -5.84 -2.69 27.49
N ALA A 141 -4.68 -2.86 28.11
CA ALA A 141 -3.77 -1.74 28.34
C ALA A 141 -2.34 -2.27 28.33
N HIS A 142 -1.39 -1.38 28.05
CA HIS A 142 -0.01 -1.75 27.82
C HIS A 142 0.92 -0.83 28.60
N ALA A 143 2.12 -1.32 28.85
CA ALA A 143 3.21 -0.56 29.46
C ALA A 143 4.43 -0.74 28.57
N CYS A 144 4.56 0.10 27.56
CA CYS A 144 5.65 -0.04 26.59
C CYS A 144 6.95 0.42 27.24
N PRO A 145 8.00 -0.40 27.29
CA PRO A 145 9.28 0.09 27.84
C PRO A 145 10.09 0.87 26.81
N LEU A 146 11.02 1.66 27.35
CA LEU A 146 12.06 2.35 26.59
C LEU A 146 13.31 2.26 27.45
N LYS A 147 14.25 1.41 27.06
CA LYS A 147 15.38 1.04 27.90
C LYS A 147 16.67 1.31 27.14
N PHE A 148 17.61 1.98 27.80
CA PHE A 148 18.88 2.35 27.16
C PHE A 148 20.03 2.16 28.14
N GLY A 149 21.21 1.94 27.58
CA GLY A 149 22.40 1.76 28.39
C GLY A 149 23.63 1.67 27.52
N SER A 150 24.78 1.65 28.18
CA SER A 150 26.05 1.57 27.46
C SER A 150 26.19 0.19 26.83
N TYR A 151 26.65 0.17 25.58
CA TYR A 151 26.83 -1.10 24.87
C TYR A 151 28.14 -1.77 25.27
N ALA A 152 29.22 -1.02 25.36
CA ALA A 152 30.55 -1.57 25.57
C ALA A 152 30.99 -1.57 27.03
N TYR A 153 30.59 -0.56 27.80
CA TYR A 153 31.11 -0.34 29.14
C TYR A 153 30.19 -0.93 30.20
N THR A 154 30.80 -1.61 31.16
CA THR A 154 30.07 -2.28 32.24
C THR A 154 29.82 -1.28 33.38
N ARG A 155 29.34 -1.78 34.52
CA ARG A 155 29.10 -0.91 35.66
C ARG A 155 30.39 -0.27 36.16
N ALA A 156 31.48 -1.03 36.21
CA ALA A 156 32.73 -0.53 36.78
C ALA A 156 33.37 0.57 35.93
N GLU A 157 32.91 0.77 34.70
CA GLU A 157 33.46 1.76 33.79
C GLU A 157 32.55 2.96 33.59
N VAL A 158 31.27 2.74 33.25
CA VAL A 158 30.31 3.81 33.03
C VAL A 158 29.02 3.46 33.79
N VAL A 159 28.49 4.45 34.50
CA VAL A 159 27.24 4.30 35.25
C VAL A 159 26.32 5.46 34.89
N TYR A 160 25.04 5.15 34.66
CA TYR A 160 24.06 6.13 34.24
C TYR A 160 23.22 6.60 35.43
N GLU A 161 22.99 7.91 35.49
CA GLU A 161 22.15 8.54 36.49
C GLU A 161 21.18 9.47 35.78
N TRP A 162 20.12 9.86 36.48
CA TRP A 162 19.16 10.82 35.95
C TRP A 162 19.58 12.23 36.31
N THR A 163 19.38 13.16 35.38
CA THR A 163 19.82 14.54 35.60
C THR A 163 19.12 15.15 36.79
N ARG A 164 17.82 14.93 36.92
CA ARG A 164 17.02 15.29 38.08
C ARG A 164 16.44 14.00 38.66
N GLU A 165 15.51 14.12 39.59
CA GLU A 165 14.83 12.93 40.09
C GLU A 165 14.05 12.28 38.94
N PRO A 166 13.83 10.96 38.99
CA PRO A 166 13.32 10.24 37.81
C PRO A 166 11.97 10.73 37.31
N ALA A 167 11.10 11.22 38.20
CA ALA A 167 9.78 11.65 37.79
C ALA A 167 9.86 12.82 36.81
N ARG A 168 10.70 13.81 37.11
CA ARG A 168 10.86 14.99 36.26
C ARG A 168 12.06 14.90 35.32
N SER A 169 12.78 13.78 35.30
CA SER A 169 13.87 13.61 34.35
C SER A 169 13.39 13.18 32.97
N VAL A 170 12.11 12.86 32.80
CA VAL A 170 11.53 12.54 31.51
C VAL A 170 10.28 13.39 31.36
N VAL A 171 10.21 14.15 30.27
CA VAL A 171 9.13 15.10 30.03
C VAL A 171 8.58 14.86 28.63
N VAL A 172 7.25 14.93 28.51
CA VAL A 172 6.55 14.76 27.24
C VAL A 172 5.91 16.09 26.88
N ALA A 173 6.10 16.52 25.64
CA ALA A 173 5.50 17.77 25.19
C ALA A 173 3.99 17.69 25.23
N GLU A 174 3.35 18.83 25.53
CA GLU A 174 1.91 18.85 25.72
C GLU A 174 1.17 18.48 24.44
N ASP A 175 1.66 18.95 23.29
CA ASP A 175 1.08 18.63 21.99
C ASP A 175 1.73 17.43 21.32
N GLY A 176 2.73 16.82 21.96
CA GLY A 176 3.43 15.70 21.36
C GLY A 176 2.73 14.38 21.54
N SER A 177 1.67 14.16 20.77
CA SER A 177 0.90 12.92 20.86
C SER A 177 0.39 12.57 19.46
N ARG A 178 1.07 11.65 18.79
CA ARG A 178 0.64 11.11 17.50
C ARG A 178 -0.13 9.81 17.65
N LEU A 179 -0.76 9.60 18.80
CA LEU A 179 -1.50 8.37 19.06
C LEU A 179 -2.94 8.53 18.58
N ASN A 180 -3.37 7.60 17.74
CA ASN A 180 -4.74 7.62 17.22
C ASN A 180 -5.70 6.89 18.16
N GLN A 181 -5.38 5.63 18.48
CA GLN A 181 -6.27 4.75 19.24
C GLN A 181 -5.75 4.44 20.63
N TYR A 182 -4.88 5.29 21.18
CA TYR A 182 -4.32 5.06 22.51
C TYR A 182 -4.31 6.37 23.29
N ASP A 183 -4.33 6.23 24.61
CA ASP A 183 -4.23 7.33 25.56
C ASP A 183 -2.98 7.11 26.41
N LEU A 184 -2.03 8.05 26.33
CA LEU A 184 -0.82 7.99 27.13
C LEU A 184 -1.16 8.49 28.54
N LEU A 185 -1.49 7.55 29.42
CA LEU A 185 -1.88 7.94 30.77
C LEU A 185 -0.72 8.58 31.53
N GLY A 186 0.48 8.03 31.39
CA GLY A 186 1.62 8.57 32.10
C GLY A 186 2.86 7.73 31.84
N GLN A 187 3.91 8.05 32.60
CA GLN A 187 5.19 7.36 32.50
C GLN A 187 5.73 7.08 33.89
N THR A 188 6.46 5.97 34.01
CA THR A 188 7.16 5.61 35.24
C THR A 188 8.62 5.35 34.91
N VAL A 189 9.52 5.96 35.69
CA VAL A 189 10.95 5.97 35.41
C VAL A 189 11.67 5.16 36.47
N ASP A 190 12.58 4.28 36.04
CA ASP A 190 13.33 3.43 36.94
C ASP A 190 14.68 3.11 36.30
N SER A 191 15.52 2.41 37.07
CA SER A 191 16.79 1.91 36.59
C SER A 191 16.98 0.49 37.09
N GLY A 192 17.76 -0.29 36.35
CA GLY A 192 17.96 -1.67 36.69
C GLY A 192 19.27 -2.18 36.15
N ILE A 193 19.49 -3.49 36.32
CA ILE A 193 20.74 -4.13 35.99
C ILE A 193 20.45 -5.29 35.06
N VAL A 194 21.40 -5.58 34.17
CA VAL A 194 21.32 -6.73 33.28
C VAL A 194 22.69 -7.39 33.24
N GLN A 195 22.71 -8.73 33.38
CA GLN A 195 23.94 -9.52 33.41
C GLN A 195 24.05 -10.24 32.07
N SER A 196 24.70 -9.59 31.11
CA SER A 196 24.91 -10.18 29.80
C SER A 196 26.12 -11.10 29.82
N SER A 197 26.34 -11.80 28.70
CA SER A 197 27.47 -12.72 28.61
C SER A 197 28.80 -11.97 28.71
N THR A 198 28.84 -10.72 28.23
CA THR A 198 30.07 -9.93 28.31
C THR A 198 30.32 -9.41 29.72
N GLY A 199 29.27 -9.08 30.47
CA GLY A 199 29.44 -8.60 31.82
C GLY A 199 28.18 -7.92 32.32
N GLU A 200 28.33 -7.24 33.45
CA GLU A 200 27.24 -6.52 34.08
C GLU A 200 27.06 -5.16 33.41
N TYR A 201 25.80 -4.72 33.31
CA TYR A 201 25.47 -3.44 32.69
C TYR A 201 24.30 -2.79 33.41
N VAL A 202 24.32 -1.46 33.41
CA VAL A 202 23.24 -0.65 33.98
C VAL A 202 22.32 -0.23 32.85
N VAL A 203 21.02 -0.39 33.06
CA VAL A 203 20.00 -0.11 32.03
C VAL A 203 18.98 0.84 32.65
N MET A 204 18.87 2.03 32.06
CA MET A 204 17.89 3.03 32.49
C MET A 204 16.61 2.80 31.70
N THR A 205 15.49 2.67 32.40
CA THR A 205 14.22 2.27 31.81
C THR A 205 13.15 3.30 32.11
N THR A 206 12.32 3.56 31.10
CA THR A 206 11.06 4.27 31.26
C THR A 206 9.96 3.32 30.79
N HIS A 207 8.77 3.48 31.36
CA HIS A 207 7.61 2.66 31.00
C HIS A 207 6.46 3.60 30.74
N PHE A 208 6.03 3.69 29.48
CA PHE A 208 4.92 4.52 29.09
C PHE A 208 3.64 3.69 29.14
N HIS A 209 2.67 4.14 29.95
CA HIS A 209 1.43 3.42 30.15
C HIS A 209 0.39 3.93 29.16
N LEU A 210 -0.16 3.01 28.37
CA LEU A 210 -1.11 3.32 27.31
C LEU A 210 -2.40 2.54 27.53
N LYS A 211 -3.53 3.23 27.32
CA LYS A 211 -4.85 2.61 27.39
C LYS A 211 -5.50 2.72 26.02
N ARG A 212 -5.92 1.57 25.47
CA ARG A 212 -6.54 1.59 24.15
C ARG A 212 -7.91 2.23 24.21
N LYS A 213 -8.23 3.04 23.20
CA LYS A 213 -9.55 3.63 23.06
C LYS A 213 -10.48 2.67 22.35
N ILE A 214 -11.72 2.60 22.82
CA ILE A 214 -12.64 1.53 22.43
C ILE A 214 -13.57 1.92 21.28
N GLY A 215 -13.72 3.21 20.99
CA GLY A 215 -14.75 3.64 20.04
C GLY A 215 -14.55 3.08 18.64
N TYR A 216 -13.29 3.04 18.18
CA TYR A 216 -13.03 2.54 16.83
C TYR A 216 -13.49 1.10 16.67
N PHE A 217 -13.09 0.24 17.61
CA PHE A 217 -13.43 -1.17 17.47
C PHE A 217 -14.89 -1.42 17.79
N VAL A 218 -15.51 -0.57 18.62
CA VAL A 218 -16.95 -0.58 18.78
C VAL A 218 -17.61 -0.44 17.42
N ILE A 219 -17.35 0.68 16.73
CA ILE A 219 -17.93 0.91 15.40
C ILE A 219 -17.48 -0.14 14.40
N GLN A 220 -16.31 -0.75 14.60
CA GLN A 220 -15.79 -1.76 13.68
C GLN A 220 -16.61 -3.04 13.74
N THR A 221 -16.81 -3.60 14.94
CA THR A 221 -17.35 -4.94 15.11
C THR A 221 -18.58 -5.00 15.98
N TYR A 222 -18.63 -4.26 17.09
CA TYR A 222 -19.67 -4.50 18.08
C TYR A 222 -21.03 -4.03 17.56
N LEU A 223 -21.09 -2.82 17.01
CA LEU A 223 -22.35 -2.32 16.48
C LEU A 223 -22.84 -3.16 15.29
N PRO A 224 -22.01 -3.45 14.28
CA PRO A 224 -22.50 -4.35 13.21
C PRO A 224 -22.95 -5.71 13.71
N CYS A 225 -22.24 -6.30 14.67
CA CYS A 225 -22.64 -7.61 15.19
C CYS A 225 -23.98 -7.52 15.94
N ILE A 226 -24.16 -6.48 16.74
CA ILE A 226 -25.41 -6.31 17.49
C ILE A 226 -26.57 -6.11 16.52
N MET A 227 -26.36 -5.29 15.49
CA MET A 227 -27.41 -5.08 14.50
C MET A 227 -27.71 -6.37 13.74
N THR A 228 -26.68 -7.17 13.45
CA THR A 228 -26.91 -8.45 12.78
C THR A 228 -27.73 -9.39 13.66
N VAL A 229 -27.44 -9.41 14.97
CA VAL A 229 -28.19 -10.27 15.88
C VAL A 229 -29.65 -9.82 15.96
N ILE A 230 -29.88 -8.50 16.04
CA ILE A 230 -31.25 -8.00 16.07
C ILE A 230 -31.94 -8.33 14.75
N LEU A 231 -31.22 -8.23 13.63
CA LEU A 231 -31.78 -8.57 12.33
C LEU A 231 -32.19 -10.04 12.29
N SER A 232 -31.37 -10.92 12.86
CA SER A 232 -31.74 -12.33 12.94
C SER A 232 -32.98 -12.52 13.81
N GLN A 233 -33.06 -11.81 14.94
CA GLN A 233 -34.21 -11.91 15.81
C GLN A 233 -35.49 -11.34 15.20
N VAL A 234 -35.36 -10.48 14.20
CA VAL A 234 -36.55 -9.95 13.53
C VAL A 234 -37.35 -11.08 12.87
N SER A 235 -36.69 -12.19 12.52
CA SER A 235 -37.35 -13.29 11.82
C SER A 235 -38.48 -13.91 12.62
N PHE A 236 -38.46 -13.80 13.96
CA PHE A 236 -39.47 -14.48 14.76
C PHE A 236 -40.86 -13.90 14.56
N TRP A 237 -40.95 -12.60 14.26
CA TRP A 237 -42.24 -11.94 14.17
C TRP A 237 -42.97 -12.22 12.85
N LEU A 238 -42.29 -12.77 11.85
CA LEU A 238 -42.97 -13.13 10.61
C LEU A 238 -43.85 -14.36 10.83
N ASN A 239 -44.75 -14.59 9.88
CA ASN A 239 -45.59 -15.76 9.92
C ASN A 239 -44.77 -17.02 9.63
N ARG A 240 -45.20 -18.13 10.22
CA ARG A 240 -44.44 -19.37 10.11
C ARG A 240 -44.44 -19.94 8.69
N GLU A 241 -45.41 -19.54 7.85
CA GLU A 241 -45.48 -20.04 6.49
C GLU A 241 -44.55 -19.32 5.53
N SER A 242 -43.93 -18.21 5.95
CA SER A 242 -42.97 -17.49 5.12
C SER A 242 -41.59 -18.16 5.18
N VAL A 243 -41.56 -19.40 4.67
CA VAL A 243 -40.33 -20.19 4.75
C VAL A 243 -39.20 -19.56 3.96
N PRO A 244 -39.38 -19.12 2.70
CA PRO A 244 -38.24 -18.49 2.00
C PRO A 244 -37.73 -17.24 2.68
N ALA A 245 -38.62 -16.37 3.18
CA ALA A 245 -38.18 -15.14 3.83
C ALA A 245 -37.40 -15.42 5.11
N ARG A 246 -37.92 -16.33 5.95
CA ARG A 246 -37.25 -16.62 7.20
C ARG A 246 -35.92 -17.34 6.96
N THR A 247 -35.88 -18.23 5.96
CA THR A 247 -34.62 -18.86 5.59
C THR A 247 -33.62 -17.83 5.08
N VAL A 248 -34.10 -16.83 4.34
CA VAL A 248 -33.22 -15.78 3.83
C VAL A 248 -32.62 -15.00 4.99
N PHE A 249 -33.46 -14.62 5.97
CA PHE A 249 -32.93 -14.02 7.20
C PHE A 249 -31.86 -14.87 7.84
N GLY A 250 -32.15 -16.16 8.05
CA GLY A 250 -31.19 -17.00 8.75
C GLY A 250 -29.86 -17.11 8.03
N VAL A 251 -29.91 -17.42 6.73
CA VAL A 251 -28.68 -17.65 5.99
C VAL A 251 -27.91 -16.34 5.81
N THR A 252 -28.62 -15.24 5.57
CA THR A 252 -27.95 -13.96 5.40
C THR A 252 -27.26 -13.51 6.67
N THR A 253 -27.93 -13.68 7.82
CA THR A 253 -27.30 -13.33 9.09
C THR A 253 -26.10 -14.23 9.37
N VAL A 254 -26.20 -15.52 9.04
CA VAL A 254 -25.07 -16.42 9.24
C VAL A 254 -23.88 -15.96 8.38
N LEU A 255 -24.14 -15.62 7.12
CA LEU A 255 -23.06 -15.17 6.24
C LEU A 255 -22.45 -13.86 6.75
N THR A 256 -23.28 -12.93 7.19
CA THR A 256 -22.78 -11.66 7.69
C THR A 256 -21.90 -11.86 8.92
N MET A 257 -22.34 -12.71 9.85
CA MET A 257 -21.53 -12.98 11.03
C MET A 257 -20.24 -13.68 10.66
N THR A 258 -20.28 -14.58 9.67
CA THR A 258 -19.07 -15.23 9.22
C THR A 258 -18.07 -14.22 8.66
N THR A 259 -18.55 -13.28 7.83
CA THR A 259 -17.67 -12.26 7.28
C THR A 259 -17.09 -11.38 8.38
N LEU A 260 -17.92 -11.00 9.35
CA LEU A 260 -17.44 -10.19 10.46
C LEU A 260 -16.38 -10.93 11.27
N SER A 261 -16.60 -12.22 11.52
CA SER A 261 -15.61 -13.01 12.26
C SER A 261 -14.31 -13.11 11.48
N ILE A 262 -14.40 -13.29 10.15
CA ILE A 262 -13.19 -13.43 9.35
C ILE A 262 -12.40 -12.12 9.35
N SER A 263 -13.09 -10.99 9.22
CA SER A 263 -12.43 -9.69 9.13
C SER A 263 -12.23 -9.03 10.50
N ALA A 264 -12.53 -9.73 11.60
CA ALA A 264 -12.46 -9.11 12.90
C ALA A 264 -11.03 -8.71 13.28
N ARG A 265 -10.06 -9.58 13.01
CA ARG A 265 -8.70 -9.44 13.55
C ARG A 265 -7.67 -9.20 12.46
N ASN A 266 -7.98 -8.30 11.52
CA ASN A 266 -7.06 -8.05 10.41
C ASN A 266 -5.72 -7.51 10.89
N SER A 267 -5.75 -6.55 11.83
CA SER A 267 -4.55 -5.82 12.21
C SER A 267 -3.71 -6.52 13.28
N LEU A 268 -4.33 -7.34 14.12
CA LEU A 268 -3.63 -7.88 15.27
C LEU A 268 -2.69 -9.02 14.88
N PRO A 269 -1.67 -9.30 15.68
CA PRO A 269 -0.83 -10.46 15.39
C PRO A 269 -1.60 -11.75 15.57
N LYS A 270 -1.12 -12.80 14.89
CA LYS A 270 -1.82 -14.08 14.83
C LYS A 270 -1.60 -14.83 16.15
N VAL A 271 -2.20 -14.29 17.21
CA VAL A 271 -2.02 -14.86 18.54
C VAL A 271 -2.81 -16.16 18.66
N ALA A 272 -2.42 -16.97 19.65
CA ALA A 272 -2.99 -18.30 19.86
C ALA A 272 -3.93 -18.33 21.07
N TYR A 273 -4.66 -17.26 21.32
CA TYR A 273 -5.67 -17.24 22.37
C TYR A 273 -6.85 -16.39 21.91
N ALA A 274 -8.01 -16.68 22.48
CA ALA A 274 -9.24 -15.98 22.15
C ALA A 274 -9.34 -14.71 22.98
N THR A 275 -9.62 -13.58 22.31
CA THR A 275 -9.74 -12.30 22.97
C THR A 275 -11.21 -12.04 23.31
N ALA A 276 -11.46 -10.91 23.98
CA ALA A 276 -12.82 -10.53 24.33
C ALA A 276 -13.65 -10.30 23.07
N MET A 277 -13.06 -9.67 22.06
CA MET A 277 -13.78 -9.48 20.80
C MET A 277 -14.11 -10.81 20.15
N ASP A 278 -13.18 -11.77 20.22
CA ASP A 278 -13.44 -13.09 19.68
C ASP A 278 -14.59 -13.76 20.41
N TRP A 279 -14.62 -13.65 21.74
CA TRP A 279 -15.72 -14.25 22.51
C TRP A 279 -17.05 -13.58 22.16
N PHE A 280 -17.05 -12.26 22.02
CA PHE A 280 -18.28 -11.55 21.64
C PHE A 280 -18.77 -12.00 20.27
N ILE A 281 -17.86 -12.11 19.31
CA ILE A 281 -18.24 -12.57 17.97
C ILE A 281 -18.78 -13.98 18.03
N ALA A 282 -18.14 -14.85 18.81
CA ALA A 282 -18.60 -16.24 18.92
C ALA A 282 -20.00 -16.30 19.51
N VAL A 283 -20.26 -15.51 20.56
CA VAL A 283 -21.58 -15.54 21.18
C VAL A 283 -22.64 -15.00 20.24
N CYS A 284 -22.32 -13.93 19.49
CA CYS A 284 -23.28 -13.40 18.54
C CYS A 284 -23.58 -14.39 17.43
N TYR A 285 -22.54 -15.07 16.92
CA TYR A 285 -22.78 -16.08 15.89
C TYR A 285 -23.60 -17.23 16.46
N ALA A 286 -23.38 -17.58 17.73
CA ALA A 286 -24.18 -18.61 18.37
C ALA A 286 -25.63 -18.19 18.45
N PHE A 287 -25.88 -16.91 18.75
CA PHE A 287 -27.26 -16.40 18.76
C PHE A 287 -27.90 -16.53 17.39
N VAL A 288 -27.16 -16.16 16.33
CA VAL A 288 -27.71 -16.25 14.98
C VAL A 288 -28.00 -17.71 14.60
N PHE A 289 -27.06 -18.60 14.90
CA PHE A 289 -27.25 -20.01 14.60
C PHE A 289 -28.42 -20.59 15.37
N SER A 290 -28.57 -20.19 16.63
CA SER A 290 -29.71 -20.63 17.43
C SER A 290 -31.01 -20.13 16.83
N ALA A 291 -31.04 -18.89 16.34
CA ALA A 291 -32.24 -18.37 15.71
C ALA A 291 -32.60 -19.18 14.47
N LEU A 292 -31.60 -19.52 13.65
CA LEU A 292 -31.89 -20.30 12.45
C LEU A 292 -32.38 -21.71 12.81
N ILE A 293 -31.76 -22.34 13.81
CA ILE A 293 -32.21 -23.66 14.23
C ILE A 293 -33.62 -23.59 14.79
N GLU A 294 -33.94 -22.51 15.50
CA GLU A 294 -35.28 -22.31 16.02
C GLU A 294 -36.29 -22.20 14.88
N PHE A 295 -35.94 -21.46 13.83
CA PHE A 295 -36.83 -21.38 12.68
C PHE A 295 -37.01 -22.74 12.02
N ALA A 296 -35.94 -23.52 11.92
CA ALA A 296 -36.06 -24.86 11.35
C ALA A 296 -36.99 -25.73 12.18
N THR A 297 -36.86 -25.65 13.50
CA THR A 297 -37.75 -26.39 14.38
C THR A 297 -39.20 -25.96 14.21
N VAL A 298 -39.44 -24.65 14.10
CA VAL A 298 -40.80 -24.14 13.92
C VAL A 298 -41.37 -24.63 12.60
N ASN A 299 -40.57 -24.57 11.53
CA ASN A 299 -41.05 -25.00 10.22
C ASN A 299 -41.31 -26.49 10.17
N TYR A 300 -40.58 -27.27 10.99
CA TYR A 300 -40.82 -28.71 11.01
C TYR A 300 -42.22 -29.08 11.49
N PHE A 301 -42.89 -28.19 12.23
CA PHE A 301 -44.22 -28.44 12.76
C PHE A 301 -45.27 -27.54 12.10
N THR A 302 -45.08 -27.20 10.84
CA THR A 302 -46.07 -26.48 10.04
C THR A 302 -46.81 -27.51 9.20
N LYS A 303 -48.03 -27.85 9.62
CA LYS A 303 -48.75 -28.95 8.98
C LYS A 303 -49.20 -28.59 7.58
N ARG A 304 -49.80 -27.41 7.41
CA ARG A 304 -50.41 -26.98 6.16
C ARG A 304 -49.62 -25.81 5.58
N GLY A 305 -49.29 -25.91 4.29
CA GLY A 305 -48.36 -24.99 3.67
C GLY A 305 -48.97 -23.78 3.00
N TYR A 306 -50.21 -23.44 3.34
CA TYR A 306 -50.87 -22.24 2.84
C TYR A 306 -51.08 -21.26 3.98
N ALA A 307 -50.88 -19.98 3.69
CA ALA A 307 -50.93 -18.93 4.70
C ALA A 307 -52.39 -18.61 5.04
N TRP A 308 -52.59 -17.57 5.84
CA TRP A 308 -53.91 -17.17 6.29
C TRP A 308 -54.46 -16.07 5.37
N ASP A 309 -55.69 -16.26 4.92
CA ASP A 309 -56.36 -15.29 4.07
C ASP A 309 -57.10 -14.25 4.92
N GLY A 310 -57.30 -13.06 4.33
CA GLY A 310 -57.76 -11.93 5.11
C GLY A 310 -59.15 -12.12 5.70
N LYS A 311 -60.06 -12.72 4.94
CA LYS A 311 -61.48 -12.68 5.30
C LYS A 311 -61.92 -13.85 6.17
N SER A 312 -61.23 -14.98 6.14
CA SER A 312 -61.66 -16.15 6.90
C SER A 312 -61.51 -15.88 8.40
N VAL A 313 -61.92 -16.89 9.19
CA VAL A 313 -61.90 -16.81 10.65
C VAL A 313 -61.32 -18.11 11.19
N VAL A 314 -60.56 -18.00 12.27
CA VAL A 314 -59.91 -19.11 12.94
C VAL A 314 -60.65 -19.35 14.26
N PRO A 315 -61.48 -20.38 14.38
CA PRO A 315 -62.07 -20.69 15.69
C PRO A 315 -61.00 -21.05 16.72
N GLU A 316 -61.21 -20.63 17.95
CA GLU A 316 -60.26 -20.91 19.02
C GLU A 316 -60.26 -22.40 19.34
N LYS A 317 -59.08 -22.93 19.64
CA LYS A 317 -58.93 -24.34 19.97
C LYS A 317 -59.64 -24.68 21.28
N LYS A 375 -61.79 -25.90 6.18
CA LYS A 375 -60.47 -25.32 5.95
C LYS A 375 -59.92 -24.71 7.24
N THR A 376 -58.88 -25.34 7.78
CA THR A 376 -58.22 -24.89 9.00
C THR A 376 -56.94 -24.15 8.66
N PHE A 377 -56.46 -23.36 9.63
CA PHE A 377 -55.26 -22.56 9.48
C PHE A 377 -54.33 -22.83 10.65
N ASN A 378 -53.03 -22.73 10.38
CA ASN A 378 -52.04 -22.93 11.43
C ASN A 378 -52.14 -21.82 12.47
N SER A 379 -52.03 -22.21 13.74
CA SER A 379 -52.03 -21.26 14.83
C SER A 379 -50.64 -20.63 14.98
N VAL A 380 -50.58 -19.56 15.76
CA VAL A 380 -49.31 -18.88 15.98
C VAL A 380 -48.40 -19.78 16.81
N SER A 381 -47.16 -19.93 16.37
CA SER A 381 -46.24 -20.87 17.00
C SER A 381 -45.84 -20.37 18.38
N LYS A 382 -46.11 -21.18 19.41
CA LYS A 382 -45.72 -20.80 20.76
C LYS A 382 -44.20 -20.71 20.90
N ILE A 383 -43.46 -21.50 20.11
CA ILE A 383 -42.01 -21.40 20.12
C ILE A 383 -41.58 -19.98 19.71
N ASP A 384 -42.14 -19.48 18.62
CA ASP A 384 -41.83 -18.12 18.20
C ASP A 384 -42.32 -17.10 19.22
N ARG A 385 -43.50 -17.33 19.80
CA ARG A 385 -44.05 -16.38 20.77
C ARG A 385 -43.11 -16.22 21.96
N LEU A 386 -42.64 -17.33 22.53
CA LEU A 386 -41.73 -17.23 23.66
C LEU A 386 -40.32 -16.83 23.24
N SER A 387 -39.92 -17.15 22.01
CA SER A 387 -38.61 -16.73 21.54
C SER A 387 -38.53 -15.22 21.38
N ARG A 388 -39.64 -14.59 21.01
CA ARG A 388 -39.67 -13.13 20.88
C ARG A 388 -39.26 -12.45 22.18
N ILE A 389 -39.63 -13.03 23.32
CA ILE A 389 -39.25 -12.46 24.61
C ILE A 389 -37.94 -13.06 25.14
N ALA A 390 -37.58 -14.26 24.69
CA ALA A 390 -36.38 -14.92 25.20
C ALA A 390 -35.12 -14.37 24.55
N PHE A 391 -35.04 -14.42 23.22
CA PHE A 391 -33.80 -14.10 22.52
C PHE A 391 -33.31 -12.68 22.80
N PRO A 392 -34.13 -11.64 22.69
CA PRO A 392 -33.65 -10.31 23.12
C PRO A 392 -33.26 -10.26 24.58
N LEU A 393 -33.97 -10.98 25.45
CA LEU A 393 -33.65 -10.95 26.87
C LEU A 393 -32.30 -11.61 27.14
N LEU A 394 -32.05 -12.78 26.55
CA LEU A 394 -30.75 -13.41 26.71
C LEU A 394 -29.64 -12.57 26.10
N PHE A 395 -29.89 -11.95 24.94
CA PHE A 395 -28.86 -11.11 24.34
C PHE A 395 -28.54 -9.91 25.23
N GLY A 396 -29.57 -9.28 25.80
CA GLY A 396 -29.34 -8.16 26.69
C GLY A 396 -28.60 -8.55 27.96
N ILE A 397 -28.97 -9.71 28.53
CA ILE A 397 -28.29 -10.18 29.73
C ILE A 397 -26.83 -10.48 29.41
N PHE A 398 -26.57 -11.13 28.28
CA PHE A 398 -25.19 -11.42 27.89
C PHE A 398 -24.40 -10.13 27.68
N ASN A 399 -25.00 -9.14 27.03
CA ASN A 399 -24.30 -7.87 26.82
C ASN A 399 -23.99 -7.20 28.15
N LEU A 400 -24.96 -7.21 29.07
CA LEU A 400 -24.72 -6.59 30.38
C LEU A 400 -23.58 -7.28 31.11
N VAL A 401 -23.60 -8.62 31.15
CA VAL A 401 -22.55 -9.36 31.85
C VAL A 401 -21.20 -9.11 31.20
N TYR A 402 -21.16 -9.18 29.86
CA TYR A 402 -19.90 -9.01 29.14
C TYR A 402 -19.30 -7.63 29.39
N TRP A 403 -20.10 -6.58 29.19
CA TRP A 403 -19.56 -5.24 29.37
C TRP A 403 -19.19 -4.97 30.82
N ALA A 404 -20.02 -5.41 31.77
CA ALA A 404 -19.74 -5.17 33.18
C ALA A 404 -18.46 -5.87 33.61
N THR A 405 -18.25 -7.11 33.19
CA THR A 405 -17.09 -7.86 33.63
C THR A 405 -15.82 -7.45 32.92
N TYR A 406 -15.90 -6.91 31.70
CA TYR A 406 -14.70 -6.56 30.94
C TYR A 406 -14.29 -5.10 31.07
N LEU A 407 -15.23 -4.14 31.14
CA LEU A 407 -14.86 -2.73 31.10
C LEU A 407 -14.08 -2.32 32.34
N ASN A 408 -14.60 -2.64 33.53
CA ASN A 408 -13.96 -2.27 34.79
C ASN A 408 -12.94 -3.36 35.18
N ARG A 409 -11.85 -3.37 34.44
CA ARG A 409 -10.80 -4.39 34.58
C ARG A 409 -9.40 -3.83 34.71
N GLU A 410 -9.12 -2.63 34.21
CA GLU A 410 -7.78 -2.10 34.23
C GLU A 410 -7.40 -1.65 35.65
N PRO A 411 -6.11 -1.58 35.98
CA PRO A 411 -5.72 -1.04 37.28
C PRO A 411 -5.95 0.46 37.36
N GLN A 412 -6.07 0.94 38.60
CA GLN A 412 -6.25 2.36 38.89
C GLN A 412 -5.32 2.76 40.03
N LEU A 413 -4.94 4.03 40.05
CA LEU A 413 -4.05 4.56 41.07
C LEU A 413 -4.82 4.87 42.35
N ASN B 2 41.20 36.52 -13.73
CA ASN B 2 42.05 35.38 -14.05
C ASN B 2 41.68 34.18 -13.20
N MET B 3 41.69 32.99 -13.82
CA MET B 3 41.39 31.77 -13.08
C MET B 3 42.42 31.51 -11.99
N SER B 4 43.69 31.77 -12.28
CA SER B 4 44.73 31.60 -11.27
C SER B 4 44.52 32.55 -10.10
N PHE B 5 44.16 33.81 -10.39
CA PHE B 5 43.93 34.76 -9.30
C PHE B 5 42.71 34.37 -8.48
N VAL B 6 41.66 33.87 -9.14
CA VAL B 6 40.50 33.37 -8.41
C VAL B 6 40.91 32.17 -7.55
N LYS B 7 41.80 31.33 -8.07
CA LYS B 7 42.24 30.14 -7.34
C LYS B 7 43.00 30.54 -6.08
N GLU B 8 43.96 31.45 -6.20
CA GLU B 8 44.70 31.87 -5.02
C GLU B 8 43.82 32.63 -4.05
N THR B 9 42.82 33.37 -4.56
CA THR B 9 41.88 34.05 -3.67
C THR B 9 41.09 33.05 -2.84
N VAL B 10 40.51 32.02 -3.48
CA VAL B 10 39.71 31.05 -2.73
C VAL B 10 40.61 30.23 -1.81
N ASP B 11 41.85 29.94 -2.25
CA ASP B 11 42.77 29.22 -1.38
C ASP B 11 43.08 30.02 -0.12
N LYS B 12 43.29 31.33 -0.26
CA LYS B 12 43.51 32.17 0.91
C LYS B 12 42.26 32.22 1.78
N LEU B 13 41.08 32.25 1.16
CA LEU B 13 39.83 32.27 1.92
C LEU B 13 39.68 31.00 2.75
N LEU B 14 39.99 29.85 2.18
CA LEU B 14 39.86 28.58 2.88
C LEU B 14 41.04 28.27 3.80
N LYS B 15 42.14 28.99 3.68
CA LYS B 15 43.32 28.73 4.51
C LYS B 15 43.10 29.26 5.91
N GLY B 16 43.37 28.43 6.91
CA GLY B 16 43.20 28.84 8.30
C GLY B 16 41.77 29.16 8.65
N TYR B 17 40.81 28.40 8.13
CA TYR B 17 39.39 28.59 8.39
C TYR B 17 38.95 27.60 9.45
N ASP B 18 38.42 28.11 10.56
CA ASP B 18 37.95 27.26 11.65
C ASP B 18 36.47 26.95 11.42
N ILE B 19 36.19 25.72 10.99
CA ILE B 19 34.81 25.32 10.76
C ILE B 19 34.03 25.23 12.07
N ARG B 20 34.71 24.89 13.17
CA ARG B 20 34.03 24.66 14.44
C ARG B 20 33.35 25.92 14.95
N LEU B 21 33.88 27.10 14.63
CA LEU B 21 33.36 28.36 15.13
C LEU B 21 32.43 29.00 14.10
N ARG B 22 31.32 29.55 14.59
CA ARG B 22 30.38 30.26 13.76
C ARG B 22 30.99 31.61 13.37
N PRO B 23 30.36 32.35 12.44
CA PRO B 23 31.01 33.56 11.90
C PRO B 23 31.44 34.58 12.94
N ASP B 24 30.64 34.78 13.99
CA ASP B 24 31.00 35.66 15.10
C ASP B 24 30.77 34.89 16.39
N PHE B 25 31.78 34.12 16.81
CA PHE B 25 31.61 33.23 17.95
C PHE B 25 31.35 34.02 19.23
N GLY B 26 32.21 35.00 19.51
CA GLY B 26 32.02 35.88 20.65
C GLY B 26 31.14 37.08 20.39
N GLY B 27 30.75 37.32 19.14
CA GLY B 27 30.02 38.51 18.77
C GLY B 27 28.51 38.34 18.87
N PRO B 28 27.76 39.30 18.35
CA PRO B 28 26.30 39.21 18.38
C PRO B 28 25.81 38.04 17.54
N PRO B 29 24.53 37.69 17.63
CA PRO B 29 24.03 36.52 16.88
C PRO B 29 24.10 36.74 15.38
N VAL B 30 24.31 35.65 14.67
CA VAL B 30 24.35 35.66 13.20
C VAL B 30 22.93 35.56 12.68
N CYS B 31 22.56 36.46 11.77
CA CYS B 31 21.23 36.48 11.17
C CYS B 31 21.22 35.61 9.92
N VAL B 32 20.17 34.80 9.78
CA VAL B 32 20.01 33.88 8.66
C VAL B 32 18.63 34.10 8.06
N GLY B 33 18.59 34.48 6.79
CA GLY B 33 17.35 34.60 6.06
C GLY B 33 17.06 33.38 5.22
N MET B 34 15.87 32.82 5.40
CA MET B 34 15.47 31.58 4.73
C MET B 34 14.36 31.85 3.73
N ASN B 35 14.45 31.21 2.56
CA ASN B 35 13.34 31.19 1.63
C ASN B 35 13.25 29.82 0.98
N ILE B 36 12.01 29.42 0.66
CA ILE B 36 11.69 28.08 0.20
C ILE B 36 10.91 28.19 -1.10
N ASP B 37 11.20 27.28 -2.03
CA ASP B 37 10.43 27.12 -3.27
C ASP B 37 9.86 25.71 -3.27
N ILE B 38 8.55 25.60 -3.08
CA ILE B 38 7.90 24.30 -2.96
C ILE B 38 7.73 23.71 -4.35
N ALA B 39 8.43 22.61 -4.62
CA ALA B 39 8.29 21.95 -5.93
C ALA B 39 6.95 21.22 -6.04
N SER B 40 6.57 20.47 -5.00
CA SER B 40 5.34 19.69 -5.05
C SER B 40 5.03 19.13 -3.68
N ILE B 41 3.77 18.72 -3.50
CA ILE B 41 3.34 17.92 -2.36
C ILE B 41 2.83 16.61 -2.93
N ASP B 42 3.42 15.50 -2.48
CA ASP B 42 3.27 14.23 -3.20
C ASP B 42 2.11 13.40 -2.63
N MET B 43 2.16 13.06 -1.35
CA MET B 43 1.20 12.13 -0.73
C MET B 43 0.78 12.70 0.62
N VAL B 44 -0.42 13.27 0.69
CA VAL B 44 -1.00 13.71 1.96
C VAL B 44 -1.75 12.51 2.52
N SER B 45 -1.07 11.74 3.37
CA SER B 45 -1.57 10.47 3.86
C SER B 45 -2.35 10.67 5.15
N GLU B 46 -3.60 10.22 5.15
CA GLU B 46 -4.40 10.25 6.38
C GLU B 46 -4.00 9.12 7.33
N VAL B 47 -3.70 7.94 6.77
CA VAL B 47 -3.38 6.79 7.63
C VAL B 47 -2.06 7.01 8.35
N ASN B 48 -1.06 7.54 7.65
CA ASN B 48 0.24 7.82 8.26
C ASN B 48 0.29 9.15 8.97
N MET B 49 -0.70 10.04 8.77
CA MET B 49 -0.73 11.35 9.40
C MET B 49 0.53 12.16 9.08
N ASP B 50 0.96 12.09 7.81
CA ASP B 50 2.11 12.85 7.36
C ASP B 50 1.94 13.19 5.88
N TYR B 51 2.70 14.19 5.44
CA TYR B 51 2.72 14.62 4.06
C TYR B 51 4.17 14.73 3.60
N THR B 52 4.40 14.43 2.33
CA THR B 52 5.71 14.57 1.71
C THR B 52 5.80 15.89 0.96
N LEU B 53 6.99 16.48 0.98
CA LEU B 53 7.19 17.84 0.50
C LEU B 53 8.58 17.96 -0.08
N THR B 54 8.66 18.22 -1.38
CA THR B 54 9.92 18.52 -2.06
C THR B 54 10.07 20.02 -2.21
N MET B 55 11.28 20.52 -1.96
CA MET B 55 11.50 21.95 -1.95
C MET B 55 12.95 22.28 -2.27
N TYR B 56 13.14 23.51 -2.75
CA TYR B 56 14.46 24.15 -2.81
C TYR B 56 14.52 25.11 -1.63
N PHE B 57 15.33 24.77 -0.63
CA PHE B 57 15.42 25.49 0.63
C PHE B 57 16.75 26.22 0.65
N GLN B 58 16.71 27.54 0.79
CA GLN B 58 17.89 28.39 0.64
C GLN B 58 18.06 29.26 1.87
N GLN B 59 19.29 29.30 2.39
CA GLN B 59 19.68 30.11 3.54
C GLN B 59 20.68 31.18 3.09
N TYR B 60 20.61 32.32 3.75
CA TYR B 60 21.39 33.50 3.40
CA TYR B 60 21.38 33.51 3.41
C TYR B 60 21.98 34.06 4.68
N TRP B 61 23.31 34.12 4.76
CA TRP B 61 23.97 34.68 5.95
C TRP B 61 25.22 35.42 5.52
N ARG B 62 25.94 35.97 6.50
CA ARG B 62 27.07 36.85 6.27
C ARG B 62 28.23 36.39 7.14
N ASP B 63 29.34 36.00 6.48
CA ASP B 63 30.55 35.56 7.15
C ASP B 63 31.69 36.45 6.70
N LYS B 64 32.22 37.26 7.62
CA LYS B 64 33.32 38.17 7.28
C LYS B 64 34.60 37.42 6.92
N ARG B 65 34.77 36.20 7.41
CA ARG B 65 35.97 35.44 7.07
C ARG B 65 36.06 35.15 5.58
N LEU B 66 34.92 34.99 4.92
CA LEU B 66 34.88 34.64 3.50
C LEU B 66 34.81 35.85 2.59
N ALA B 67 34.85 37.07 3.12
CA ALA B 67 34.85 38.25 2.28
C ALA B 67 36.14 38.32 1.47
N TYR B 68 36.01 38.59 0.18
CA TYR B 68 37.12 38.72 -0.74
C TYR B 68 37.00 40.05 -1.49
N SER B 69 37.98 40.32 -2.35
CA SER B 69 38.02 41.56 -3.09
C SER B 69 38.78 41.35 -4.39
N GLY B 70 38.58 42.29 -5.33
CA GLY B 70 39.20 42.20 -6.63
C GLY B 70 38.50 41.30 -7.62
N ILE B 71 37.38 40.71 -7.24
CA ILE B 71 36.62 39.78 -8.08
C ILE B 71 35.19 40.30 -8.20
N PRO B 72 34.86 41.07 -9.25
CA PRO B 72 33.46 41.48 -9.43
C PRO B 72 32.58 40.36 -9.97
N LEU B 73 32.45 39.29 -9.18
CA LEU B 73 31.69 38.12 -9.58
C LEU B 73 31.23 37.38 -8.33
N ASN B 74 30.16 36.60 -8.48
CA ASN B 74 29.72 35.67 -7.45
C ASN B 74 30.35 34.32 -7.72
N LEU B 75 31.16 33.85 -6.77
CA LEU B 75 31.90 32.60 -6.95
C LEU B 75 30.99 31.44 -6.55
N THR B 76 30.23 30.94 -7.52
CA THR B 76 29.41 29.75 -7.32
C THR B 76 30.35 28.55 -7.38
N LEU B 77 30.91 28.20 -6.22
CA LEU B 77 31.88 27.13 -6.13
C LEU B 77 31.18 25.77 -6.18
N ASP B 78 31.97 24.73 -6.40
CA ASP B 78 31.44 23.38 -6.37
C ASP B 78 30.90 23.06 -4.98
N ASN B 79 29.83 22.28 -4.94
CA ASN B 79 29.12 22.03 -3.69
C ASN B 79 29.95 21.29 -2.65
N ARG B 80 31.06 20.66 -3.05
CA ARG B 80 31.89 19.94 -2.09
C ARG B 80 32.56 20.88 -1.08
N VAL B 81 32.64 22.18 -1.39
CA VAL B 81 33.18 23.14 -0.44
C VAL B 81 32.23 23.43 0.72
N ALA B 82 30.97 23.00 0.62
CA ALA B 82 30.06 23.12 1.74
C ALA B 82 30.56 22.34 2.96
N ASP B 83 31.25 21.22 2.73
CA ASP B 83 31.86 20.49 3.82
C ASP B 83 32.93 21.33 4.51
N GLN B 84 33.74 22.05 3.73
CA GLN B 84 34.81 22.88 4.28
C GLN B 84 34.29 24.17 4.90
N LEU B 85 33.11 24.62 4.51
CA LEU B 85 32.53 25.85 5.05
C LEU B 85 31.57 25.55 6.19
N TRP B 86 31.40 26.53 7.08
CA TRP B 86 30.39 26.46 8.12
C TRP B 86 29.03 26.82 7.55
N VAL B 87 28.01 26.08 7.98
CA VAL B 87 26.63 26.33 7.57
C VAL B 87 25.72 26.19 8.79
N PRO B 88 24.53 26.80 8.75
CA PRO B 88 23.59 26.63 9.87
C PRO B 88 23.16 25.19 10.03
N ASP B 89 22.91 24.81 11.28
CA ASP B 89 22.43 23.46 11.61
C ASP B 89 20.91 23.41 11.66
N THR B 90 20.28 23.85 10.57
CA THR B 90 18.83 23.89 10.51
C THR B 90 18.25 22.48 10.47
N TYR B 91 17.10 22.30 11.12
CA TYR B 91 16.42 21.01 11.09
C TYR B 91 14.92 21.25 11.20
N PHE B 92 14.15 20.29 10.70
CA PHE B 92 12.70 20.31 10.75
C PHE B 92 12.23 19.43 11.91
N LEU B 93 11.55 20.04 12.87
CA LEU B 93 11.22 19.33 14.11
C LEU B 93 10.26 18.17 13.85
N ASN B 94 9.24 18.39 13.02
CA ASN B 94 8.23 17.38 12.75
C ASN B 94 8.60 16.46 11.60
N ASP B 95 9.89 16.32 11.30
CA ASP B 95 10.34 15.43 10.25
C ASP B 95 10.18 13.96 10.67
N LYS B 96 10.05 13.10 9.66
CA LYS B 96 10.02 11.66 9.84
C LYS B 96 11.03 10.94 8.97
N LYS B 97 11.24 11.40 7.74
CA LYS B 97 12.19 10.77 6.83
C LYS B 97 12.50 11.76 5.73
N SER B 98 13.77 12.17 5.63
CA SER B 98 14.18 13.20 4.68
C SER B 98 15.55 12.87 4.10
N PHE B 99 15.80 13.41 2.91
CA PHE B 99 17.07 13.21 2.23
C PHE B 99 17.29 14.36 1.26
N VAL B 100 18.55 14.55 0.90
CA VAL B 100 18.95 15.50 -0.14
C VAL B 100 19.15 14.72 -1.43
N HIS B 101 18.50 15.16 -2.50
CA HIS B 101 18.57 14.45 -3.77
C HIS B 101 20.00 14.44 -4.28
N GLY B 102 20.42 13.30 -4.82
CA GLY B 102 21.82 13.04 -5.14
C GLY B 102 22.09 12.56 -6.55
N VAL B 103 21.37 13.11 -7.52
CA VAL B 103 21.59 12.83 -8.94
C VAL B 103 21.61 14.16 -9.69
N THR B 104 22.60 14.40 -10.57
CA THR B 104 23.79 13.57 -10.82
C THR B 104 24.75 13.64 -9.63
N VAL B 105 24.80 14.82 -8.99
CA VAL B 105 25.55 15.02 -7.76
C VAL B 105 24.57 15.50 -6.69
N LYS B 106 25.08 15.78 -5.50
CA LYS B 106 24.23 16.27 -4.43
C LYS B 106 23.65 17.63 -4.81
N ASN B 107 22.32 17.71 -4.85
CA ASN B 107 21.65 18.94 -5.29
C ASN B 107 21.79 19.97 -4.17
N ARG B 108 22.95 20.62 -4.18
CA ARG B 108 23.38 21.54 -3.16
C ARG B 108 24.08 22.70 -3.85
N MET B 109 23.73 23.93 -3.46
CA MET B 109 24.27 25.15 -4.03
C MET B 109 25.03 25.89 -2.94
N ILE B 110 26.19 26.42 -3.31
CA ILE B 110 26.97 27.31 -2.44
C ILE B 110 27.46 28.47 -3.28
N ARG B 111 27.29 29.69 -2.77
CA ARG B 111 27.65 30.88 -3.53
C ARG B 111 28.15 31.96 -2.58
N LEU B 112 29.38 32.40 -2.80
CA LEU B 112 29.98 33.50 -2.05
C LEU B 112 29.83 34.80 -2.84
N HIS B 113 29.91 35.90 -2.11
CA HIS B 113 29.80 37.25 -2.65
C HIS B 113 30.97 38.08 -2.15
N PRO B 114 31.29 39.20 -2.81
CA PRO B 114 32.49 39.97 -2.41
C PRO B 114 32.47 40.45 -0.98
N ASP B 115 31.30 40.73 -0.41
CA ASP B 115 31.21 41.23 0.95
C ASP B 115 31.26 40.12 1.99
N GLY B 116 31.43 38.87 1.59
CA GLY B 116 31.43 37.74 2.50
C GLY B 116 30.08 37.06 2.67
N THR B 117 29.05 37.53 1.97
CA THR B 117 27.73 36.92 2.07
C THR B 117 27.76 35.53 1.45
N VAL B 118 27.00 34.61 2.06
CA VAL B 118 26.95 33.21 1.64
C VAL B 118 25.49 32.83 1.41
N LEU B 119 25.22 32.25 0.24
CA LEU B 119 23.94 31.66 -0.11
C LEU B 119 24.13 30.15 -0.20
N TYR B 120 23.31 29.40 0.55
CA TYR B 120 23.45 27.96 0.67
C TYR B 120 22.08 27.32 0.41
N GLY B 121 21.98 26.60 -0.70
CA GLY B 121 20.73 25.99 -1.11
C GLY B 121 20.80 24.47 -1.09
N LEU B 122 19.66 23.84 -0.85
CA LEU B 122 19.55 22.40 -0.82
C LEU B 122 18.22 21.98 -1.44
N ARG B 123 18.24 20.93 -2.25
CA ARG B 123 17.00 20.30 -2.72
C ARG B 123 16.65 19.19 -1.74
N ILE B 124 15.58 19.41 -0.97
CA ILE B 124 15.24 18.56 0.18
C ILE B 124 13.82 18.02 -0.02
N THR B 125 13.67 16.72 0.15
CA THR B 125 12.37 16.06 0.21
C THR B 125 12.17 15.54 1.62
N THR B 126 11.10 15.96 2.28
CA THR B 126 10.84 15.64 3.67
C THR B 126 9.43 15.09 3.83
N THR B 127 9.31 14.03 4.62
CA THR B 127 8.02 13.49 5.05
C THR B 127 7.77 13.98 6.46
N ALA B 128 6.86 14.93 6.61
CA ALA B 128 6.61 15.62 7.87
C ALA B 128 5.26 15.21 8.44
N ALA B 129 5.21 15.04 9.76
CA ALA B 129 3.98 14.65 10.42
C ALA B 129 2.97 15.78 10.40
N CYS B 130 1.73 15.46 10.04
CA CYS B 130 0.62 16.41 10.04
C CYS B 130 -0.60 15.68 10.63
N MET B 131 -0.76 15.78 11.95
CA MET B 131 -1.91 15.17 12.60
C MET B 131 -3.19 15.85 12.15
N MET B 132 -4.23 15.04 11.94
CA MET B 132 -5.47 15.47 11.31
C MET B 132 -6.66 15.22 12.22
N ASP B 133 -7.59 16.17 12.23
CA ASP B 133 -8.85 16.05 12.97
C ASP B 133 -9.92 15.66 11.94
N LEU B 134 -10.21 14.37 11.86
CA LEU B 134 -11.14 13.84 10.88
C LEU B 134 -12.59 13.82 11.37
N ARG B 135 -12.94 14.66 12.33
CA ARG B 135 -14.30 14.68 12.84
C ARG B 135 -15.28 15.10 11.76
N ARG B 136 -14.92 16.09 10.94
CA ARG B 136 -15.73 16.56 9.83
C ARG B 136 -15.31 15.93 8.50
N TYR B 137 -14.57 14.82 8.55
CA TYR B 137 -14.12 14.18 7.32
C TYR B 137 -15.33 13.65 6.55
N PRO B 138 -15.37 13.79 5.21
CA PRO B 138 -14.43 14.40 4.26
C PRO B 138 -14.68 15.88 4.00
N LEU B 139 -15.44 16.53 4.88
CA LEU B 139 -15.77 17.96 4.76
C LEU B 139 -14.90 18.80 5.70
N ASP B 140 -13.64 18.40 5.86
CA ASP B 140 -12.74 18.97 6.86
C ASP B 140 -11.69 19.85 6.19
N GLU B 141 -11.02 20.65 7.03
CA GLU B 141 -9.88 21.47 6.63
C GLU B 141 -8.71 21.12 7.53
N GLN B 142 -7.53 20.93 6.94
CA GLN B 142 -6.35 20.45 7.64
C GLN B 142 -5.27 21.53 7.69
N ASN B 143 -4.69 21.72 8.87
CA ASN B 143 -3.51 22.57 9.07
C ASN B 143 -2.27 21.69 9.08
N CYS B 144 -1.45 21.79 8.03
CA CYS B 144 -0.20 21.04 7.94
C CYS B 144 0.97 22.01 7.98
N THR B 145 1.88 21.81 8.93
CA THR B 145 2.94 22.76 9.23
C THR B 145 4.31 22.11 9.07
N LEU B 146 5.26 22.92 8.60
CA LEU B 146 6.67 22.58 8.57
C LEU B 146 7.39 23.49 9.55
N GLU B 147 8.17 22.89 10.45
CA GLU B 147 8.66 23.54 11.67
C GLU B 147 10.18 23.63 11.63
N ILE B 148 10.69 24.73 11.06
CA ILE B 148 12.13 24.93 10.90
C ILE B 148 12.69 25.49 12.20
N GLU B 149 13.85 24.97 12.62
CA GLU B 149 14.43 25.34 13.90
C GLU B 149 15.94 25.13 13.84
N SER B 150 16.63 25.75 14.79
CA SER B 150 18.07 25.56 14.99
C SER B 150 18.28 24.65 16.18
N TYR B 151 19.16 23.65 16.01
CA TYR B 151 19.39 22.66 17.06
C TYR B 151 20.45 23.14 18.05
N GLY B 152 21.66 23.43 17.57
CA GLY B 152 22.80 23.67 18.43
C GLY B 152 23.15 25.13 18.66
N TYR B 153 22.24 26.05 18.37
CA TYR B 153 22.48 27.46 18.56
C TYR B 153 21.23 28.11 19.12
N THR B 154 21.36 28.77 20.27
CA THR B 154 20.26 29.49 20.88
C THR B 154 20.11 30.86 20.21
N THR B 155 19.13 31.65 20.68
CA THR B 155 18.94 32.98 20.13
C THR B 155 20.13 33.89 20.40
N ASP B 156 20.95 33.58 21.41
CA ASP B 156 22.17 34.33 21.63
C ASP B 156 23.20 34.12 20.53
N ASP B 157 23.10 33.03 19.76
CA ASP B 157 24.05 32.67 18.72
C ASP B 157 23.51 32.86 17.31
N ILE B 158 22.26 32.47 17.06
CA ILE B 158 21.68 32.51 15.72
C ILE B 158 20.28 33.11 15.79
N GLU B 159 19.96 33.94 14.80
CA GLU B 159 18.63 34.51 14.62
C GLU B 159 18.15 34.13 13.22
N PHE B 160 16.86 33.84 13.10
CA PHE B 160 16.25 33.42 11.85
C PHE B 160 15.22 34.44 11.40
N TYR B 161 15.09 34.60 10.09
CA TYR B 161 14.03 35.43 9.54
C TYR B 161 13.65 34.91 8.16
N TRP B 162 12.47 35.32 7.72
CA TRP B 162 11.95 34.96 6.40
C TRP B 162 12.45 36.00 5.40
N ARG B 163 13.37 35.60 4.53
CA ARG B 163 13.93 36.51 3.54
C ARG B 163 12.85 36.89 2.54
N GLY B 164 12.47 38.17 2.53
CA GLY B 164 11.44 38.66 1.65
C GLY B 164 10.05 38.76 2.25
N GLY B 165 9.92 38.61 3.57
CA GLY B 165 8.61 38.72 4.19
C GLY B 165 7.67 37.63 3.73
N ASP B 166 6.41 38.01 3.47
CA ASP B 166 5.41 37.04 3.04
C ASP B 166 5.74 36.41 1.70
N LYS B 167 6.58 37.06 0.89
CA LYS B 167 7.04 36.48 -0.37
C LYS B 167 8.23 35.54 -0.20
N ALA B 168 8.59 35.20 1.04
CA ALA B 168 9.72 34.30 1.26
C ALA B 168 9.46 32.92 0.66
N VAL B 169 8.25 32.41 0.83
CA VAL B 169 7.84 31.12 0.28
C VAL B 169 7.15 31.35 -1.04
N THR B 170 7.57 30.64 -2.08
CA THR B 170 7.02 30.76 -3.42
C THR B 170 6.74 29.38 -3.98
N GLY B 171 5.89 29.34 -5.01
CA GLY B 171 5.50 28.11 -5.65
C GLY B 171 4.27 27.45 -5.06
N VAL B 172 3.69 28.02 -4.00
CA VAL B 172 2.48 27.45 -3.42
C VAL B 172 1.33 27.52 -4.42
N GLU B 173 1.26 28.59 -5.20
CA GLU B 173 0.17 28.77 -6.14
C GLU B 173 0.18 27.71 -7.24
N ARG B 174 1.36 27.18 -7.59
CA ARG B 174 1.49 26.22 -8.68
C ARG B 174 1.30 24.77 -8.24
N ILE B 175 1.10 24.52 -6.93
CA ILE B 175 0.94 23.15 -6.48
C ILE B 175 -0.41 22.61 -6.93
N GLU B 176 -0.46 21.32 -7.22
CA GLU B 176 -1.66 20.64 -7.70
C GLU B 176 -1.82 19.35 -6.92
N LEU B 177 -2.53 19.42 -5.80
CA LEU B 177 -2.82 18.23 -5.00
C LEU B 177 -4.05 17.53 -5.58
N PRO B 178 -3.98 16.25 -5.94
CA PRO B 178 -5.19 15.58 -6.44
C PRO B 178 -6.33 15.53 -5.44
N GLN B 179 -6.02 15.43 -4.15
CA GLN B 179 -7.02 15.20 -3.12
C GLN B 179 -7.45 16.46 -2.39
N PHE B 180 -6.61 17.48 -2.34
CA PHE B 180 -6.86 18.70 -1.57
C PHE B 180 -6.66 19.93 -2.45
N SER B 181 -7.02 21.08 -1.89
CA SER B 181 -6.74 22.38 -2.48
C SER B 181 -6.16 23.27 -1.40
N ILE B 182 -5.04 23.93 -1.71
CA ILE B 182 -4.35 24.77 -0.74
C ILE B 182 -5.04 26.13 -0.74
N VAL B 183 -5.83 26.40 0.31
CA VAL B 183 -6.60 27.64 0.33
C VAL B 183 -5.75 28.80 0.84
N GLU B 184 -4.76 28.55 1.69
CA GLU B 184 -3.94 29.62 2.24
C GLU B 184 -2.64 29.02 2.77
N HIS B 185 -1.59 29.84 2.73
CA HIS B 185 -0.30 29.52 3.33
C HIS B 185 0.14 30.69 4.18
N ARG B 186 0.81 30.38 5.29
CA ARG B 186 1.19 31.37 6.29
C ARG B 186 2.60 31.10 6.77
N LEU B 187 3.30 32.19 7.14
CA LEU B 187 4.66 32.13 7.67
C LEU B 187 4.67 32.79 9.03
N VAL B 188 5.28 32.13 10.01
CA VAL B 188 5.36 32.64 11.38
C VAL B 188 6.80 32.52 11.85
N SER B 189 7.24 33.50 12.64
CA SER B 189 8.56 33.51 13.25
C SER B 189 8.42 33.81 14.73
N ARG B 190 9.13 33.06 15.56
CA ARG B 190 8.99 33.17 17.01
C ARG B 190 10.20 32.53 17.68
N ASN B 191 10.13 32.36 18.99
CA ASN B 191 11.17 31.73 19.79
C ASN B 191 10.53 30.64 20.65
N VAL B 192 11.23 29.51 20.75
CA VAL B 192 10.76 28.35 21.51
C VAL B 192 11.77 28.07 22.62
N VAL B 193 11.26 27.87 23.83
CA VAL B 193 12.09 27.67 25.02
C VAL B 193 12.09 26.18 25.37
N PHE B 194 13.29 25.62 25.51
CA PHE B 194 13.50 24.26 26.00
C PHE B 194 14.34 24.32 27.27
N ALA B 195 14.57 23.16 27.87
CA ALA B 195 15.42 23.08 29.06
C ALA B 195 16.86 23.49 28.75
N THR B 196 17.30 23.38 27.50
CA THR B 196 18.64 23.75 27.10
C THR B 196 18.77 25.21 26.67
N GLY B 197 17.67 25.96 26.62
CA GLY B 197 17.68 27.36 26.27
C GLY B 197 16.62 27.69 25.25
N ALA B 198 16.62 28.95 24.83
CA ALA B 198 15.68 29.48 23.85
C ALA B 198 16.30 29.46 22.47
N TYR B 199 15.50 29.10 21.47
CA TYR B 199 15.96 28.92 20.10
C TYR B 199 15.03 29.67 19.15
N PRO B 200 15.52 30.08 17.97
CA PRO B 200 14.62 30.67 16.98
C PRO B 200 13.80 29.60 16.30
N ARG B 201 12.66 30.01 15.76
CA ARG B 201 11.69 29.06 15.23
C ARG B 201 10.93 29.72 14.07
N LEU B 202 10.86 29.02 12.95
CA LEU B 202 10.04 29.42 11.80
C LEU B 202 9.02 28.32 11.53
N SER B 203 7.85 28.74 11.06
CA SER B 203 6.75 27.81 10.80
C SER B 203 6.09 28.19 9.48
N LEU B 204 6.06 27.24 8.56
CA LEU B 204 5.38 27.38 7.28
C LEU B 204 4.15 26.48 7.31
N SER B 205 2.97 27.09 7.38
CA SER B 205 1.72 26.37 7.55
C SER B 205 0.87 26.47 6.29
N PHE B 206 0.20 25.38 5.94
CA PHE B 206 -0.76 25.34 4.84
C PHE B 206 -2.12 24.91 5.38
N ARG B 207 -3.17 25.55 4.88
CA ARG B 207 -4.55 25.13 5.11
C ARG B 207 -5.04 24.43 3.85
N LEU B 208 -5.43 23.17 4.01
CA LEU B 208 -5.86 22.31 2.90
C LEU B 208 -7.35 22.02 3.05
N LYS B 209 -8.12 22.32 2.01
CA LYS B 209 -9.53 21.97 1.95
C LYS B 209 -9.68 20.70 1.14
N ARG B 210 -10.40 19.73 1.69
CA ARG B 210 -10.57 18.44 1.06
C ARG B 210 -11.66 18.50 -0.01
N ASN B 211 -11.35 18.04 -1.21
CA ASN B 211 -12.32 18.01 -2.29
C ASN B 211 -13.34 16.92 -2.05
N ILE B 212 -14.60 17.21 -2.40
CA ILE B 212 -15.73 16.34 -2.10
C ILE B 212 -16.22 15.54 -3.31
N GLY B 213 -15.72 15.82 -4.51
CA GLY B 213 -16.22 15.15 -5.69
C GLY B 213 -15.99 13.65 -5.67
N TYR B 214 -14.80 13.22 -5.28
CA TYR B 214 -14.49 11.79 -5.21
C TYR B 214 -15.43 11.08 -4.24
N PHE B 215 -15.67 11.68 -3.08
CA PHE B 215 -16.52 11.06 -2.09
C PHE B 215 -17.97 11.02 -2.56
N ILE B 216 -18.43 12.06 -3.24
CA ILE B 216 -19.79 12.03 -3.78
C ILE B 216 -19.90 10.93 -4.83
N LEU B 217 -18.86 10.76 -5.66
CA LEU B 217 -18.88 9.70 -6.65
C LEU B 217 -18.96 8.32 -5.99
N GLN B 218 -18.15 8.10 -4.95
CA GLN B 218 -17.95 6.74 -4.45
C GLN B 218 -18.92 6.33 -3.35
N THR B 219 -19.34 7.25 -2.49
CA THR B 219 -20.02 6.91 -1.24
C THR B 219 -21.43 7.46 -1.16
N TYR B 220 -21.61 8.78 -1.36
CA TYR B 220 -22.90 9.39 -1.10
C TYR B 220 -23.95 8.95 -2.12
N MET B 221 -23.62 9.02 -3.41
CA MET B 221 -24.60 8.64 -4.43
C MET B 221 -25.01 7.17 -4.34
N PRO B 222 -24.10 6.18 -4.25
CA PRO B 222 -24.58 4.81 -4.08
C PRO B 222 -25.39 4.59 -2.82
N SER B 223 -24.99 5.21 -1.70
CA SER B 223 -25.76 5.05 -0.46
C SER B 223 -27.14 5.68 -0.59
N ILE B 224 -27.22 6.88 -1.17
CA ILE B 224 -28.51 7.53 -1.34
C ILE B 224 -29.39 6.71 -2.27
N LEU B 225 -28.80 6.14 -3.32
CA LEU B 225 -29.59 5.37 -4.27
C LEU B 225 -30.07 4.06 -3.67
N ILE B 226 -29.25 3.42 -2.85
CA ILE B 226 -29.69 2.21 -2.15
C ILE B 226 -30.82 2.54 -1.19
N THR B 227 -30.69 3.65 -0.47
CA THR B 227 -31.76 4.06 0.45
C THR B 227 -33.05 4.34 -0.31
N ILE B 228 -32.95 5.00 -1.47
CA ILE B 228 -34.13 5.27 -2.27
C ILE B 228 -34.74 3.98 -2.79
N LEU B 229 -33.88 3.02 -3.19
CA LEU B 229 -34.36 1.75 -3.70
C LEU B 229 -35.08 0.95 -2.63
N SER B 230 -34.64 1.10 -1.37
CA SER B 230 -35.24 0.32 -0.29
C SER B 230 -36.73 0.61 -0.10
N TRP B 231 -37.23 1.74 -0.60
CA TRP B 231 -38.64 2.07 -0.44
C TRP B 231 -39.55 1.33 -1.42
N VAL B 232 -39.00 0.62 -2.40
CA VAL B 232 -39.82 -0.09 -3.38
C VAL B 232 -40.62 -1.21 -2.70
N SER B 233 -40.15 -1.69 -1.55
CA SER B 233 -40.92 -2.66 -0.79
C SER B 233 -42.28 -2.10 -0.39
N PHE B 234 -42.36 -0.79 -0.15
CA PHE B 234 -43.65 -0.19 0.21
C PHE B 234 -44.66 -0.33 -0.92
N TRP B 235 -44.24 -0.12 -2.16
CA TRP B 235 -45.12 -0.30 -3.31
C TRP B 235 -45.34 -1.76 -3.66
N ILE B 236 -44.42 -2.65 -3.28
CA ILE B 236 -44.61 -4.08 -3.49
C ILE B 236 -45.72 -4.56 -2.55
N ASN B 237 -46.53 -5.50 -3.05
CA ASN B 237 -47.61 -6.05 -2.25
C ASN B 237 -47.07 -6.75 -1.00
N TYR B 238 -47.80 -6.59 0.11
CA TYR B 238 -47.37 -7.20 1.36
C TYR B 238 -47.51 -8.71 1.36
N ASP B 239 -48.40 -9.27 0.55
CA ASP B 239 -48.58 -10.71 0.53
C ASP B 239 -47.35 -11.42 -0.01
N ALA B 240 -46.59 -10.77 -0.89
CA ALA B 240 -45.35 -11.34 -1.42
C ALA B 240 -44.23 -11.05 -0.43
N SER B 241 -44.12 -11.92 0.57
CA SER B 241 -43.19 -11.68 1.67
C SER B 241 -41.75 -11.81 1.21
N ALA B 242 -41.48 -12.78 0.33
CA ALA B 242 -40.10 -13.09 -0.04
C ALA B 242 -39.43 -11.89 -0.73
N ALA B 243 -40.14 -11.21 -1.62
CA ALA B 243 -39.54 -10.10 -2.35
C ALA B 243 -39.17 -8.95 -1.41
N ARG B 244 -40.10 -8.55 -0.54
CA ARG B 244 -39.82 -7.45 0.38
C ARG B 244 -38.71 -7.83 1.35
N VAL B 245 -38.71 -9.07 1.83
CA VAL B 245 -37.66 -9.53 2.73
C VAL B 245 -36.30 -9.49 2.04
N ALA B 246 -36.25 -9.98 0.80
CA ALA B 246 -34.99 -9.97 0.06
C ALA B 246 -34.50 -8.55 -0.16
N LEU B 247 -35.40 -7.64 -0.51
CA LEU B 247 -35.01 -6.25 -0.73
C LEU B 247 -34.45 -5.62 0.54
N GLY B 248 -35.16 -5.76 1.66
CA GLY B 248 -34.70 -5.15 2.89
C GLY B 248 -33.39 -5.72 3.37
N ILE B 249 -33.28 -7.05 3.41
CA ILE B 249 -32.07 -7.67 3.92
C ILE B 249 -30.90 -7.37 2.99
N THR B 250 -31.15 -7.31 1.68
CA THR B 250 -30.10 -6.99 0.72
C THR B 250 -29.59 -5.57 0.91
N THR B 251 -30.49 -4.61 1.10
CA THR B 251 -30.04 -3.23 1.33
C THR B 251 -29.25 -3.13 2.63
N VAL B 252 -29.70 -3.83 3.68
CA VAL B 252 -29.00 -3.77 4.97
C VAL B 252 -27.58 -4.30 4.84
N LEU B 253 -27.43 -5.49 4.27
CA LEU B 253 -26.09 -6.05 4.12
C LEU B 253 -25.26 -5.22 3.16
N THR B 254 -25.91 -4.61 2.16
CA THR B 254 -25.20 -3.79 1.18
C THR B 254 -24.56 -2.60 1.84
N MET B 255 -25.30 -1.91 2.70
CA MET B 255 -24.78 -0.71 3.32
C MET B 255 -23.77 -1.04 4.41
N THR B 256 -23.95 -2.16 5.12
CA THR B 256 -22.92 -2.60 6.05
C THR B 256 -21.62 -2.88 5.31
N THR B 257 -21.70 -3.59 4.18
CA THR B 257 -20.50 -3.87 3.38
C THR B 257 -19.89 -2.57 2.84
N ILE B 258 -20.73 -1.62 2.43
CA ILE B 258 -20.22 -0.36 1.89
C ILE B 258 -19.43 0.38 2.96
N ASN B 259 -19.97 0.48 4.17
CA ASN B 259 -19.28 1.19 5.23
C ASN B 259 -17.96 0.51 5.58
N THR B 260 -17.99 -0.83 5.69
CA THR B 260 -16.78 -1.56 6.04
C THR B 260 -15.71 -1.42 4.97
N HIS B 261 -16.10 -1.50 3.70
CA HIS B 261 -15.14 -1.33 2.61
C HIS B 261 -14.62 0.10 2.56
N LEU B 262 -15.48 1.08 2.87
CA LEU B 262 -15.07 2.48 2.83
C LEU B 262 -13.97 2.75 3.85
N ARG B 263 -14.26 2.54 5.14
CA ARG B 263 -13.41 3.06 6.20
C ARG B 263 -12.45 2.00 6.77
N GLU B 264 -11.92 1.13 5.92
CA GLU B 264 -10.70 0.39 6.22
C GLU B 264 -9.44 1.08 5.70
N THR B 265 -9.58 2.09 4.84
CA THR B 265 -8.41 2.82 4.35
C THR B 265 -7.96 3.90 5.32
N LEU B 266 -8.89 4.51 6.04
CA LEU B 266 -8.58 5.54 7.01
C LEU B 266 -7.96 4.92 8.26
N PRO B 267 -7.24 5.70 9.08
CA PRO B 267 -6.63 5.12 10.28
C PRO B 267 -7.68 4.73 11.32
N LYS B 268 -7.23 4.14 12.43
CA LYS B 268 -8.13 3.63 13.46
C LYS B 268 -8.50 4.73 14.45
N ILE B 269 -9.09 5.79 13.92
CA ILE B 269 -9.51 6.91 14.78
C ILE B 269 -10.67 6.45 15.66
N PRO B 270 -10.75 6.85 16.94
CA PRO B 270 -11.79 6.33 17.83
C PRO B 270 -13.08 7.14 17.89
N TYR B 271 -13.25 8.14 17.04
CA TYR B 271 -14.43 9.00 17.03
C TYR B 271 -15.18 8.82 15.71
N VAL B 272 -16.36 9.45 15.63
CA VAL B 272 -17.27 9.29 14.50
C VAL B 272 -17.01 10.43 13.52
N LYS B 273 -16.92 10.08 12.24
CA LYS B 273 -16.73 11.04 11.15
C LYS B 273 -18.08 11.45 10.57
N ALA B 274 -18.05 12.48 9.73
CA ALA B 274 -19.28 12.90 9.05
C ALA B 274 -19.78 11.82 8.12
N ILE B 275 -18.88 11.13 7.42
CA ILE B 275 -19.28 10.02 6.56
C ILE B 275 -19.88 8.91 7.40
N ASP B 276 -19.34 8.69 8.61
CA ASP B 276 -19.91 7.68 9.50
C ASP B 276 -21.32 8.07 9.93
N MET B 277 -21.53 9.35 10.27
CA MET B 277 -22.87 9.80 10.64
C MET B 277 -23.85 9.61 9.49
N TYR B 278 -23.43 9.99 8.27
CA TYR B 278 -24.33 9.86 7.13
C TYR B 278 -24.66 8.39 6.85
N LEU B 279 -23.64 7.53 6.85
CA LEU B 279 -23.88 6.11 6.59
C LEU B 279 -24.75 5.51 7.69
N MET B 280 -24.52 5.89 8.94
CA MET B 280 -25.33 5.35 10.03
C MET B 280 -26.78 5.82 9.92
N GLY B 281 -27.01 7.08 9.55
CA GLY B 281 -28.37 7.55 9.41
C GLY B 281 -29.10 6.87 8.28
N CYS B 282 -28.44 6.71 7.13
CA CYS B 282 -29.10 6.07 6.00
C CYS B 282 -29.29 4.56 6.27
N PHE B 283 -28.36 3.95 7.01
CA PHE B 283 -28.54 2.58 7.48
C PHE B 283 -29.75 2.47 8.38
N VAL B 284 -29.92 3.45 9.28
CA VAL B 284 -31.09 3.48 10.14
C VAL B 284 -32.35 3.56 9.30
N PHE B 285 -32.31 4.34 8.23
CA PHE B 285 -33.47 4.46 7.35
C PHE B 285 -33.83 3.13 6.71
N VAL B 286 -32.86 2.44 6.11
CA VAL B 286 -33.19 1.17 5.46
C VAL B 286 -33.61 0.12 6.50
N PHE B 287 -32.99 0.17 7.68
CA PHE B 287 -33.34 -0.79 8.72
C PHE B 287 -34.77 -0.59 9.19
N LEU B 288 -35.20 0.66 9.36
CA LEU B 288 -36.59 0.90 9.72
C LEU B 288 -37.53 0.62 8.57
N ALA B 289 -37.06 0.70 7.31
CA ALA B 289 -37.91 0.23 6.21
C ALA B 289 -38.18 -1.27 6.33
N LEU B 290 -37.12 -2.04 6.58
CA LEU B 290 -37.31 -3.48 6.76
C LEU B 290 -38.17 -3.77 7.98
N LEU B 291 -37.94 -3.06 9.08
CA LEU B 291 -38.76 -3.28 10.27
C LEU B 291 -40.20 -2.81 10.06
N GLU B 292 -40.42 -1.84 9.18
CA GLU B 292 -41.77 -1.45 8.82
C GLU B 292 -42.49 -2.58 8.10
N TYR B 293 -41.79 -3.23 7.16
CA TYR B 293 -42.40 -4.41 6.53
C TYR B 293 -42.68 -5.48 7.59
N ALA B 294 -41.72 -5.73 8.47
CA ALA B 294 -41.93 -6.76 9.49
C ALA B 294 -43.10 -6.41 10.40
N PHE B 295 -43.26 -5.12 10.69
CA PHE B 295 -44.34 -4.66 11.57
C PHE B 295 -45.70 -4.86 10.92
N VAL B 296 -45.84 -4.47 9.65
CA VAL B 296 -47.12 -4.65 8.98
C VAL B 296 -47.42 -6.14 8.79
N ASN B 297 -46.39 -6.94 8.47
CA ASN B 297 -46.59 -8.38 8.34
C ASN B 297 -47.03 -9.00 9.66
N TYR B 298 -46.40 -8.59 10.77
CA TYR B 298 -46.79 -9.10 12.06
C TYR B 298 -48.22 -8.74 12.39
N ILE B 299 -48.61 -7.48 12.14
CA ILE B 299 -49.98 -7.06 12.40
C ILE B 299 -50.95 -7.92 11.62
N PHE B 300 -50.72 -8.07 10.32
CA PHE B 300 -51.59 -8.88 9.48
C PHE B 300 -51.69 -10.31 10.01
N PHE B 301 -50.58 -11.04 10.00
CA PHE B 301 -50.62 -12.48 10.23
C PHE B 301 -50.73 -12.85 11.70
N GLY B 302 -50.73 -11.90 12.62
CA GLY B 302 -50.85 -12.19 14.04
C GLY B 302 -52.01 -11.49 14.72
N ARG B 303 -52.74 -10.62 14.01
CA ARG B 303 -53.91 -9.98 14.57
C ARG B 303 -55.06 -9.90 13.56
N GLY B 304 -54.98 -10.59 12.43
CA GLY B 304 -56.12 -10.73 11.55
C GLY B 304 -57.22 -11.57 12.17
N PRO B 305 -56.95 -12.87 12.39
CA PRO B 305 -58.01 -13.72 12.96
C PRO B 305 -58.49 -13.27 14.32
N GLN B 306 -57.60 -12.77 15.17
CA GLN B 306 -58.01 -12.31 16.50
C GLN B 306 -58.97 -11.14 16.40
N ARG B 307 -58.59 -10.10 15.65
CA ARG B 307 -59.47 -8.94 15.50
C ARG B 307 -60.77 -9.32 14.83
N GLN B 308 -60.71 -10.16 13.79
CA GLN B 308 -61.92 -10.56 13.08
C GLN B 308 -62.86 -11.34 14.00
N LYS B 309 -62.32 -12.22 14.84
CA LYS B 309 -63.16 -12.92 15.81
C LYS B 309 -63.77 -11.95 16.80
N LYS B 310 -62.98 -10.99 17.28
CA LYS B 310 -63.52 -10.02 18.24
C LYS B 310 -64.56 -9.09 17.61
N LEU B 311 -64.57 -8.94 16.29
CA LEU B 311 -65.64 -8.19 15.64
C LEU B 311 -66.96 -8.94 15.80
N LYS B 407 -49.65 12.47 9.95
CA LYS B 407 -49.81 11.82 11.24
C LYS B 407 -49.85 10.31 11.06
N ILE B 408 -49.80 9.58 12.18
CA ILE B 408 -49.73 8.12 12.15
C ILE B 408 -51.02 7.56 11.56
N PRO B 409 -51.00 6.37 10.95
CA PRO B 409 -52.21 5.81 10.37
C PRO B 409 -52.93 4.91 11.36
N ASP B 410 -54.11 4.43 10.94
CA ASP B 410 -54.79 3.39 11.68
C ASP B 410 -54.03 2.08 11.51
N LEU B 411 -53.57 1.51 12.62
CA LEU B 411 -52.74 0.31 12.56
C LEU B 411 -53.50 -0.92 12.09
N THR B 412 -54.84 -0.86 12.03
CA THR B 412 -55.60 -2.01 11.57
C THR B 412 -55.47 -2.22 10.06
N ASP B 413 -55.22 -1.15 9.30
CA ASP B 413 -55.19 -1.21 7.85
C ASP B 413 -53.74 -1.28 7.37
N VAL B 414 -53.34 -2.47 6.92
CA VAL B 414 -52.00 -2.67 6.40
C VAL B 414 -51.76 -1.76 5.20
N ASN B 415 -52.79 -1.56 4.37
CA ASN B 415 -52.65 -0.65 3.24
C ASN B 415 -52.39 0.78 3.72
N ALA B 416 -53.06 1.20 4.79
CA ALA B 416 -52.80 2.51 5.35
C ALA B 416 -51.37 2.62 5.86
N ILE B 417 -50.86 1.58 6.50
CA ILE B 417 -49.48 1.59 6.97
C ILE B 417 -48.53 1.73 5.79
N ASP B 418 -48.78 0.98 4.71
CA ASP B 418 -47.92 1.03 3.53
C ASP B 418 -47.94 2.42 2.91
N ARG B 419 -49.13 3.01 2.75
CA ARG B 419 -49.23 4.34 2.15
C ARG B 419 -48.57 5.39 3.02
N TRP B 420 -48.74 5.29 4.35
CA TRP B 420 -48.07 6.21 5.25
C TRP B 420 -46.56 6.10 5.12
N SER B 421 -46.03 4.88 5.01
CA SER B 421 -44.60 4.72 4.82
C SER B 421 -44.16 5.34 3.49
N ARG B 422 -44.95 5.13 2.42
CA ARG B 422 -44.64 5.73 1.13
C ARG B 422 -44.53 7.23 1.23
N ILE B 423 -45.48 7.87 1.93
CA ILE B 423 -45.48 9.32 2.04
C ILE B 423 -44.32 9.80 2.91
N VAL B 424 -44.05 9.10 4.02
CA VAL B 424 -43.20 9.66 5.06
C VAL B 424 -41.72 9.38 4.82
N PHE B 425 -41.36 8.18 4.35
CA PHE B 425 -39.94 7.83 4.27
C PHE B 425 -39.15 8.75 3.35
N PRO B 426 -39.55 9.01 2.11
CA PRO B 426 -38.80 9.98 1.29
C PRO B 426 -38.78 11.38 1.89
N PHE B 427 -39.87 11.81 2.51
CA PHE B 427 -39.93 13.16 3.05
C PHE B 427 -38.94 13.33 4.21
N THR B 428 -38.97 12.41 5.18
CA THR B 428 -38.04 12.53 6.30
C THR B 428 -36.61 12.22 5.88
N PHE B 429 -36.42 11.40 4.83
CA PHE B 429 -35.07 11.22 4.31
C PHE B 429 -34.53 12.52 3.72
N SER B 430 -35.36 13.24 2.97
CA SER B 430 -34.94 14.53 2.44
C SER B 430 -34.68 15.53 3.56
N LEU B 431 -35.51 15.50 4.61
CA LEU B 431 -35.29 16.37 5.75
C LEU B 431 -33.95 16.08 6.43
N PHE B 432 -33.64 14.79 6.63
CA PHE B 432 -32.37 14.42 7.23
C PHE B 432 -31.21 14.85 6.36
N ASN B 433 -31.34 14.65 5.04
CA ASN B 433 -30.28 15.07 4.13
C ASN B 433 -30.05 16.58 4.19
N LEU B 434 -31.15 17.35 4.21
CA LEU B 434 -31.05 18.80 4.28
C LEU B 434 -30.35 19.22 5.57
N VAL B 435 -30.76 18.66 6.70
CA VAL B 435 -30.17 19.05 7.98
C VAL B 435 -28.69 18.67 8.01
N TYR B 436 -28.36 17.48 7.53
CA TYR B 436 -26.97 17.03 7.53
C TYR B 436 -26.09 17.94 6.68
N TRP B 437 -26.51 18.22 5.45
CA TRP B 437 -25.67 19.02 4.57
C TRP B 437 -25.57 20.46 5.07
N LEU B 438 -26.67 21.03 5.56
CA LEU B 438 -26.61 22.40 6.08
C LEU B 438 -25.70 22.49 7.30
N TYR B 439 -25.76 21.49 8.18
CA TYR B 439 -24.89 21.52 9.36
C TYR B 439 -23.43 21.36 8.97
N TYR B 440 -23.12 20.40 8.09
CA TYR B 440 -21.73 20.07 7.81
C TYR B 440 -21.11 20.96 6.73
N VAL B 441 -21.88 21.82 6.07
CA VAL B 441 -21.35 22.76 5.10
C VAL B 441 -21.77 24.17 5.49
N ASP C 1 59.51 -8.02 13.18
CA ASP C 1 58.55 -9.10 13.44
C ASP C 1 58.59 -10.13 12.31
N ASN C 2 58.07 -11.32 12.58
CA ASN C 2 58.07 -12.38 11.57
C ASN C 2 57.21 -12.03 10.37
N THR C 3 56.10 -11.33 10.59
CA THR C 3 55.15 -11.01 9.54
C THR C 3 55.48 -9.74 8.77
N THR C 4 56.50 -8.97 9.19
CA THR C 4 56.82 -7.71 8.52
C THR C 4 57.33 -7.93 7.09
N VAL C 5 57.78 -9.15 6.76
CA VAL C 5 58.24 -9.42 5.40
C VAL C 5 57.10 -9.25 4.42
N PHE C 6 55.91 -9.77 4.76
CA PHE C 6 54.76 -9.62 3.87
C PHE C 6 54.34 -8.16 3.77
N THR C 7 54.43 -7.41 4.86
CA THR C 7 54.13 -5.97 4.79
C THR C 7 55.07 -5.26 3.85
N ARG C 8 56.36 -5.57 3.90
CA ARG C 8 57.32 -4.97 2.98
C ARG C 8 57.02 -5.40 1.55
N ILE C 9 56.60 -6.64 1.34
CA ILE C 9 56.27 -7.12 0.00
C ILE C 9 55.10 -6.33 -0.56
N LEU C 10 54.05 -6.13 0.25
CA LEU C 10 52.90 -5.37 -0.22
C LEU C 10 53.25 -3.91 -0.46
N ASP C 11 54.11 -3.34 0.39
CA ASP C 11 54.53 -1.95 0.18
C ASP C 11 55.29 -1.81 -1.13
N ARG C 12 56.18 -2.76 -1.44
CA ARG C 12 56.89 -2.72 -2.71
C ARG C 12 55.93 -2.92 -3.88
N LEU C 13 54.91 -3.75 -3.69
CA LEU C 13 53.92 -3.95 -4.75
C LEU C 13 53.16 -2.66 -5.03
N LEU C 14 52.73 -1.95 -4.00
CA LEU C 14 51.96 -0.74 -4.17
C LEU C 14 52.80 0.50 -4.49
N ASP C 15 54.11 0.45 -4.30
CA ASP C 15 54.96 1.60 -4.59
C ASP C 15 54.95 1.85 -6.08
N GLY C 16 54.31 2.94 -6.50
CA GLY C 16 54.25 3.32 -7.90
C GLY C 16 53.10 2.71 -8.67
N TYR C 17 52.29 1.85 -8.06
CA TYR C 17 51.17 1.22 -8.76
C TYR C 17 50.06 2.25 -8.95
N ASP C 18 49.77 2.60 -10.21
CA ASP C 18 48.69 3.50 -10.55
C ASP C 18 47.45 2.68 -10.91
N ASN C 19 46.45 2.70 -10.03
CA ASN C 19 45.23 1.94 -10.25
C ASN C 19 44.25 2.64 -11.20
N ARG C 20 44.55 3.87 -11.63
CA ARG C 20 43.69 4.55 -12.59
C ARG C 20 43.75 3.93 -13.98
N LEU C 21 44.79 3.14 -14.27
CA LEU C 21 45.01 2.55 -15.58
C LEU C 21 44.83 1.05 -15.52
N ARG C 22 44.21 0.48 -16.55
CA ARG C 22 44.02 -0.96 -16.62
C ARG C 22 45.37 -1.65 -16.87
N PRO C 23 45.51 -2.92 -16.48
CA PRO C 23 46.75 -3.63 -16.76
C PRO C 23 46.96 -3.81 -18.26
N GLY C 24 48.22 -3.75 -18.66
CA GLY C 24 48.56 -3.89 -20.07
C GLY C 24 48.00 -2.80 -20.95
N LEU C 25 47.81 -1.60 -20.41
CA LEU C 25 47.29 -0.49 -21.20
C LEU C 25 48.30 -0.11 -22.28
N GLY C 26 47.86 -0.12 -23.53
CA GLY C 26 48.73 0.18 -24.65
C GLY C 26 49.61 -0.97 -25.09
N GLU C 27 49.50 -2.14 -24.47
CA GLU C 27 50.31 -3.31 -24.80
C GLU C 27 49.48 -4.53 -25.14
N ARG C 28 48.37 -4.75 -24.44
CA ARG C 28 47.55 -5.94 -24.68
C ARG C 28 46.12 -5.64 -24.24
N VAL C 29 45.21 -6.50 -24.66
CA VAL C 29 43.80 -6.40 -24.30
C VAL C 29 43.58 -7.17 -23.00
N THR C 30 43.02 -6.50 -22.00
CA THR C 30 42.80 -7.11 -20.69
C THR C 30 41.75 -8.21 -20.83
N GLU C 31 42.18 -9.46 -20.68
CA GLU C 31 41.30 -10.62 -20.74
C GLU C 31 40.84 -10.96 -19.32
N VAL C 32 39.53 -10.92 -19.11
CA VAL C 32 38.92 -11.19 -17.80
C VAL C 32 38.13 -12.48 -17.91
N LYS C 33 38.59 -13.52 -17.22
CA LYS C 33 37.86 -14.79 -17.13
C LYS C 33 36.88 -14.67 -15.97
N THR C 34 35.61 -14.47 -16.29
CA THR C 34 34.56 -14.28 -15.30
C THR C 34 33.68 -15.52 -15.25
N ASP C 35 33.08 -15.75 -14.07
CA ASP C 35 32.07 -16.79 -13.94
C ASP C 35 31.26 -16.55 -12.68
N ILE C 36 30.17 -17.30 -12.58
CA ILE C 36 29.12 -17.08 -11.58
C ILE C 36 28.81 -18.39 -10.89
N PHE C 37 28.62 -18.32 -9.57
CA PHE C 37 28.05 -19.41 -8.78
C PHE C 37 26.76 -18.91 -8.16
N VAL C 38 25.63 -19.44 -8.61
CA VAL C 38 24.32 -18.99 -8.14
C VAL C 38 24.05 -19.69 -6.82
N THR C 39 24.24 -18.97 -5.71
CA THR C 39 23.97 -19.55 -4.40
C THR C 39 22.50 -19.86 -4.23
N SER C 40 21.62 -18.98 -4.71
CA SER C 40 20.19 -19.18 -4.59
C SER C 40 19.48 -18.38 -5.67
N PHE C 41 18.63 -19.04 -6.44
CA PHE C 41 17.85 -18.38 -7.49
C PHE C 41 16.59 -17.81 -6.85
N GLY C 42 16.59 -16.49 -6.64
CA GLY C 42 15.55 -15.86 -5.88
C GLY C 42 14.20 -15.91 -6.58
N PRO C 43 13.17 -15.45 -5.88
CA PRO C 43 11.82 -15.53 -6.44
C PRO C 43 11.65 -14.62 -7.65
N VAL C 44 10.72 -15.02 -8.53
CA VAL C 44 10.39 -14.26 -9.74
C VAL C 44 9.16 -13.43 -9.45
N SER C 45 9.31 -12.11 -9.57
CA SER C 45 8.19 -11.19 -9.38
C SER C 45 7.57 -10.85 -10.73
N ASP C 46 6.30 -11.18 -10.90
CA ASP C 46 5.57 -10.93 -12.13
C ASP C 46 5.00 -9.51 -12.20
N HIS C 47 4.71 -8.90 -11.05
CA HIS C 47 4.17 -7.55 -11.05
C HIS C 47 5.18 -6.56 -11.60
N ASP C 48 6.47 -6.80 -11.37
CA ASP C 48 7.54 -5.94 -11.88
C ASP C 48 8.24 -6.55 -13.09
N MET C 49 7.89 -7.75 -13.50
CA MET C 49 8.60 -8.50 -14.54
C MET C 49 10.09 -8.55 -14.22
N GLU C 50 10.39 -9.15 -13.08
CA GLU C 50 11.72 -9.12 -12.50
C GLU C 50 11.94 -10.38 -11.67
N TYR C 51 13.21 -10.68 -11.42
CA TYR C 51 13.58 -11.81 -10.59
C TYR C 51 14.85 -11.48 -9.83
N THR C 52 15.04 -12.16 -8.70
CA THR C 52 16.18 -11.96 -7.83
C THR C 52 17.10 -13.17 -7.91
N ILE C 53 18.39 -12.93 -7.74
CA ILE C 53 19.39 -14.00 -7.77
C ILE C 53 20.57 -13.58 -6.91
N ASP C 54 21.00 -14.48 -6.03
CA ASP C 54 22.17 -14.28 -5.18
C ASP C 54 23.34 -15.07 -5.76
N VAL C 55 24.47 -14.39 -5.99
CA VAL C 55 25.58 -14.96 -6.74
C VAL C 55 26.91 -14.62 -6.09
N PHE C 56 27.83 -15.58 -6.17
CA PHE C 56 29.26 -15.30 -6.07
C PHE C 56 29.75 -15.03 -7.49
N PHE C 57 30.16 -13.80 -7.74
CA PHE C 57 30.65 -13.36 -9.04
C PHE C 57 32.16 -13.28 -8.96
N ARG C 58 32.86 -14.14 -9.70
CA ARG C 58 34.31 -14.19 -9.70
C ARG C 58 34.85 -13.65 -11.02
N GLN C 59 35.91 -12.86 -10.93
CA GLN C 59 36.72 -12.44 -12.07
C GLN C 59 38.15 -12.92 -11.85
N SER C 60 38.84 -13.20 -12.95
CA SER C 60 40.25 -13.52 -12.91
C SER C 60 40.95 -12.78 -14.04
N TRP C 61 42.11 -12.19 -13.74
CA TRP C 61 42.85 -11.48 -14.79
C TRP C 61 44.31 -11.36 -14.39
N LYS C 62 45.18 -11.30 -15.40
CA LYS C 62 46.60 -11.13 -15.18
C LYS C 62 46.94 -9.66 -15.03
N ASP C 63 47.87 -9.37 -14.12
CA ASP C 63 48.35 -8.01 -13.87
C ASP C 63 49.84 -8.12 -13.58
N GLU C 64 50.67 -7.88 -14.61
CA GLU C 64 52.10 -8.07 -14.47
C GLU C 64 52.73 -7.12 -13.48
N ARG C 65 52.09 -5.98 -13.20
CA ARG C 65 52.63 -5.03 -12.24
C ARG C 65 52.68 -5.58 -10.83
N LEU C 66 51.86 -6.60 -10.52
CA LEU C 66 51.77 -7.15 -9.18
C LEU C 66 52.55 -8.45 -9.02
N LYS C 67 53.50 -8.73 -9.91
CA LYS C 67 54.38 -9.87 -9.73
C LYS C 67 55.23 -9.69 -8.49
N PHE C 68 55.37 -10.77 -7.71
CA PHE C 68 56.13 -10.72 -6.47
C PHE C 68 56.78 -12.07 -6.22
N LYS C 69 57.85 -12.05 -5.44
CA LYS C 69 58.53 -13.25 -4.97
C LYS C 69 58.46 -13.27 -3.45
N GLY C 70 58.00 -14.38 -2.87
CA GLY C 70 57.89 -14.48 -1.44
C GLY C 70 57.81 -15.92 -0.97
N PRO C 71 57.78 -16.13 0.35
CA PRO C 71 57.69 -17.50 0.87
C PRO C 71 56.44 -18.24 0.42
N MET C 72 55.31 -17.54 0.31
CA MET C 72 54.02 -18.16 0.00
C MET C 72 53.71 -18.01 -1.48
N THR C 73 53.07 -19.03 -2.05
CA THR C 73 52.75 -19.02 -3.46
C THR C 73 51.57 -18.12 -3.79
N VAL C 74 50.63 -17.95 -2.85
CA VAL C 74 49.45 -17.11 -3.05
C VAL C 74 49.22 -16.30 -1.78
N LEU C 75 48.83 -15.04 -1.97
CA LEU C 75 48.51 -14.13 -0.86
C LEU C 75 47.00 -13.93 -0.84
N ARG C 76 46.34 -14.52 0.16
CA ARG C 76 44.90 -14.33 0.35
C ARG C 76 44.70 -13.10 1.22
N LEU C 77 44.83 -11.94 0.59
CA LEU C 77 44.87 -10.67 1.29
C LEU C 77 43.45 -10.19 1.59
N ASN C 78 43.37 -9.16 2.43
CA ASN C 78 42.08 -8.64 2.86
C ASN C 78 41.37 -7.96 1.71
N ASN C 79 40.04 -7.88 1.84
CA ASN C 79 39.20 -7.36 0.76
C ASN C 79 39.43 -5.87 0.48
N LEU C 80 40.02 -5.13 1.44
CA LEU C 80 40.15 -3.68 1.25
C LEU C 80 41.16 -3.32 0.16
N MET C 81 42.06 -4.23 -0.20
CA MET C 81 43.07 -3.92 -1.20
C MET C 81 42.48 -3.74 -2.59
N ALA C 82 41.27 -4.26 -2.83
CA ALA C 82 40.64 -4.11 -4.14
C ALA C 82 40.42 -2.65 -4.49
N SER C 83 40.10 -1.82 -3.50
CA SER C 83 40.01 -0.38 -3.73
C SER C 83 41.35 0.19 -4.15
N LYS C 84 42.45 -0.31 -3.58
CA LYS C 84 43.76 0.23 -3.88
C LYS C 84 44.27 -0.22 -5.25
N ILE C 85 43.86 -1.39 -5.71
CA ILE C 85 44.31 -1.90 -7.00
C ILE C 85 43.23 -1.67 -8.06
N TRP C 86 43.59 -1.90 -9.32
CA TRP C 86 42.64 -1.84 -10.41
C TRP C 86 41.80 -3.12 -10.44
N THR C 87 40.51 -2.95 -10.74
CA THR C 87 39.59 -4.06 -10.94
C THR C 87 38.64 -3.71 -12.07
N PRO C 88 38.11 -4.69 -12.80
CA PRO C 88 37.22 -4.37 -13.91
C PRO C 88 35.91 -3.74 -13.41
N ASP C 89 35.39 -2.82 -14.22
CA ASP C 89 34.14 -2.13 -13.90
C ASP C 89 32.94 -2.83 -14.51
N THR C 90 32.81 -4.13 -14.24
CA THR C 90 31.70 -4.90 -14.77
C THR C 90 30.39 -4.43 -14.19
N PHE C 91 29.35 -4.36 -15.03
CA PHE C 91 28.01 -3.99 -14.62
C PHE C 91 27.01 -4.84 -15.37
N PHE C 92 25.82 -4.96 -14.79
CA PHE C 92 24.74 -5.76 -15.36
C PHE C 92 23.86 -4.87 -16.21
N HIS C 93 23.74 -5.20 -17.50
CA HIS C 93 23.01 -4.35 -18.43
C HIS C 93 21.53 -4.26 -18.06
N ASN C 94 20.91 -5.40 -17.72
CA ASN C 94 19.50 -5.46 -17.37
C ASN C 94 19.27 -5.48 -15.86
N GLY C 95 20.28 -5.13 -15.07
CA GLY C 95 20.12 -5.12 -13.63
C GLY C 95 19.18 -4.02 -13.17
N LYS C 96 18.73 -4.15 -11.92
CA LYS C 96 17.81 -3.18 -11.33
C LYS C 96 18.11 -3.11 -9.82
N LYS C 97 18.98 -2.18 -9.45
CA LYS C 97 19.33 -1.93 -8.06
C LYS C 97 19.84 -3.20 -7.37
N SER C 98 20.92 -3.75 -7.93
CA SER C 98 21.56 -4.89 -7.29
C SER C 98 22.22 -4.44 -5.99
N VAL C 99 22.37 -5.40 -5.07
CA VAL C 99 22.87 -5.14 -3.72
C VAL C 99 24.14 -5.95 -3.51
N ALA C 100 25.20 -5.27 -3.08
CA ALA C 100 26.44 -5.91 -2.66
C ALA C 100 26.44 -6.00 -1.14
N HIS C 101 26.43 -7.22 -0.62
CA HIS C 101 26.28 -7.42 0.82
C HIS C 101 27.52 -6.92 1.57
N ASN C 102 27.28 -6.34 2.75
CA ASN C 102 28.31 -5.66 3.53
C ASN C 102 28.19 -6.04 5.01
N MET C 103 28.08 -7.35 5.29
CA MET C 103 28.09 -7.89 6.65
C MET C 103 28.95 -9.14 6.71
N THR C 104 29.81 -9.30 7.75
CA THR C 104 30.20 -8.28 8.73
C THR C 104 31.11 -7.27 8.06
N MET C 105 32.06 -7.78 7.28
CA MET C 105 32.92 -7.01 6.41
C MET C 105 32.36 -7.05 5.00
N PRO C 106 32.93 -6.29 4.07
CA PRO C 106 32.53 -6.45 2.67
C PRO C 106 32.72 -7.88 2.20
N ASN C 107 31.68 -8.44 1.58
CA ASN C 107 31.70 -9.82 1.11
C ASN C 107 32.44 -9.88 -0.22
N LYS C 108 33.76 -9.72 -0.11
CA LYS C 108 34.67 -9.77 -1.25
C LYS C 108 35.92 -10.52 -0.84
N LEU C 109 36.65 -11.00 -1.84
CA LEU C 109 37.98 -11.56 -1.57
C LEU C 109 38.87 -11.32 -2.77
N LEU C 110 40.14 -11.04 -2.48
CA LEU C 110 41.17 -10.82 -3.48
C LEU C 110 42.34 -11.75 -3.20
N ARG C 111 42.82 -12.43 -4.24
CA ARG C 111 43.95 -13.34 -4.13
C ARG C 111 44.94 -13.02 -5.24
N ILE C 112 46.20 -12.84 -4.86
CA ILE C 112 47.27 -12.45 -5.79
C ILE C 112 48.26 -13.62 -5.83
N THR C 113 48.46 -14.18 -7.01
CA THR C 113 49.41 -15.25 -7.22
C THR C 113 50.77 -14.68 -7.61
N GLU C 114 51.83 -15.48 -7.39
CA GLU C 114 53.18 -15.02 -7.69
C GLU C 114 53.37 -14.68 -9.17
N ASP C 115 52.67 -15.37 -10.06
CA ASP C 115 52.75 -15.05 -11.48
C ASP C 115 52.03 -13.76 -11.85
N GLY C 116 51.23 -13.20 -10.94
CA GLY C 116 50.48 -11.98 -11.21
C GLY C 116 49.03 -12.21 -11.59
N THR C 117 48.52 -13.44 -11.50
CA THR C 117 47.13 -13.70 -11.79
C THR C 117 46.29 -13.38 -10.57
N LEU C 118 45.41 -12.39 -10.69
CA LEU C 118 44.53 -11.95 -9.62
C LEU C 118 43.18 -12.63 -9.76
N LEU C 119 42.65 -13.08 -8.62
CA LEU C 119 41.29 -13.60 -8.51
C LEU C 119 40.52 -12.68 -7.57
N TYR C 120 39.41 -12.13 -8.05
CA TYR C 120 38.60 -11.18 -7.30
C TYR C 120 37.15 -11.66 -7.33
N THR C 121 36.61 -12.00 -6.16
CA THR C 121 35.25 -12.49 -6.05
C THR C 121 34.43 -11.54 -5.18
N MET C 122 33.15 -11.41 -5.55
CA MET C 122 32.19 -10.54 -4.87
C MET C 122 30.93 -11.34 -4.60
N ARG C 123 30.21 -10.97 -3.55
CA ARG C 123 28.88 -11.53 -3.28
C ARG C 123 27.84 -10.47 -3.59
N LEU C 124 26.86 -10.82 -4.42
CA LEU C 124 25.87 -9.88 -4.91
C LEU C 124 24.49 -10.49 -4.84
N THR C 125 23.49 -9.62 -4.72
CA THR C 125 22.07 -9.96 -4.89
C THR C 125 21.61 -9.21 -6.13
N VAL C 126 21.82 -9.82 -7.29
CA VAL C 126 21.49 -9.18 -8.56
C VAL C 126 19.98 -9.23 -8.75
N ARG C 127 19.42 -8.11 -9.23
CA ARG C 127 18.00 -8.02 -9.58
C ARG C 127 17.94 -7.62 -11.05
N ALA C 128 17.58 -8.58 -11.91
CA ALA C 128 17.65 -8.43 -13.35
C ALA C 128 16.26 -8.45 -13.96
N GLU C 129 16.13 -7.79 -15.12
CA GLU C 129 14.88 -7.74 -15.85
C GLU C 129 14.77 -8.92 -16.80
N CYS C 130 13.55 -9.25 -17.20
CA CYS C 130 13.30 -10.13 -18.33
C CYS C 130 11.91 -9.83 -18.88
N PRO C 131 11.77 -9.43 -20.17
CA PRO C 131 10.42 -9.13 -20.68
C PRO C 131 9.57 -10.39 -20.79
N MET C 132 8.52 -10.47 -19.97
CA MET C 132 7.68 -11.64 -19.89
C MET C 132 6.47 -11.48 -20.79
N HIS C 133 6.31 -12.39 -21.75
CA HIS C 133 5.13 -12.43 -22.61
C HIS C 133 4.09 -13.33 -21.94
N LEU C 134 3.17 -12.70 -21.21
CA LEU C 134 2.17 -13.43 -20.43
C LEU C 134 0.91 -13.68 -21.26
N GLU C 135 1.11 -14.31 -22.42
CA GLU C 135 0.03 -14.62 -23.34
C GLU C 135 -0.56 -16.00 -23.06
N ASP C 136 0.29 -17.00 -22.88
CA ASP C 136 -0.16 -18.36 -22.57
C ASP C 136 -0.19 -18.59 -21.07
N PHE C 137 -0.35 -17.53 -20.29
CA PHE C 137 -0.39 -17.65 -18.84
C PHE C 137 -1.61 -18.46 -18.41
N PRO C 138 -1.50 -19.35 -17.42
CA PRO C 138 -0.33 -19.80 -16.64
C PRO C 138 0.44 -20.97 -17.24
N MET C 139 0.19 -21.28 -18.52
CA MET C 139 0.93 -22.32 -19.23
C MET C 139 2.14 -21.76 -19.98
N ASP C 140 2.72 -20.67 -19.49
CA ASP C 140 3.79 -19.98 -20.17
C ASP C 140 5.15 -20.38 -19.62
N ALA C 141 6.16 -20.36 -20.49
CA ALA C 141 7.55 -20.58 -20.13
C ALA C 141 8.37 -19.38 -20.59
N HIS C 142 9.40 -19.07 -19.83
CA HIS C 142 10.19 -17.86 -20.02
C HIS C 142 11.67 -18.23 -20.04
N ALA C 143 12.47 -17.30 -20.54
CA ALA C 143 13.90 -17.48 -20.78
C ALA C 143 14.67 -16.28 -20.23
N CYS C 144 14.47 -15.95 -18.95
CA CYS C 144 14.87 -14.67 -18.39
C CYS C 144 16.38 -14.43 -18.56
N PRO C 145 16.81 -13.34 -19.20
CA PRO C 145 18.26 -13.14 -19.40
C PRO C 145 18.97 -12.54 -18.20
N LEU C 146 20.29 -12.51 -18.31
CA LEU C 146 21.17 -11.83 -17.36
C LEU C 146 22.44 -11.50 -18.16
N LYS C 147 22.56 -10.24 -18.57
CA LYS C 147 23.67 -9.78 -19.39
C LYS C 147 24.55 -8.84 -18.59
N PHE C 148 25.86 -8.94 -18.80
CA PHE C 148 26.79 -8.06 -18.09
C PHE C 148 28.02 -7.81 -18.94
N GLY C 149 28.80 -6.82 -18.54
CA GLY C 149 30.02 -6.50 -19.25
C GLY C 149 30.63 -5.23 -18.74
N SER C 150 31.74 -4.84 -19.37
CA SER C 150 32.44 -3.62 -18.98
C SER C 150 31.60 -2.40 -19.33
N TYR C 151 31.66 -1.39 -18.46
CA TYR C 151 30.95 -0.14 -18.67
C TYR C 151 31.78 0.87 -19.45
N ALA C 152 33.06 1.02 -19.10
CA ALA C 152 33.89 2.08 -19.64
C ALA C 152 34.89 1.62 -20.70
N TYR C 153 35.13 0.31 -20.82
CA TYR C 153 36.16 -0.22 -21.71
C TYR C 153 35.51 -0.98 -22.86
N THR C 154 35.87 -0.61 -24.09
CA THR C 154 35.39 -1.28 -25.28
C THR C 154 36.16 -2.60 -25.46
N ARG C 155 35.87 -3.31 -26.55
CA ARG C 155 36.52 -4.60 -26.79
C ARG C 155 38.02 -4.43 -27.00
N ALA C 156 38.44 -3.32 -27.61
CA ALA C 156 39.86 -3.08 -27.84
C ALA C 156 40.64 -2.94 -26.54
N GLU C 157 39.98 -2.60 -25.44
CA GLU C 157 40.61 -2.45 -24.14
C GLU C 157 40.40 -3.66 -23.24
N VAL C 158 39.15 -4.07 -23.05
CA VAL C 158 38.79 -5.16 -22.14
C VAL C 158 37.92 -6.15 -22.87
N VAL C 159 38.21 -7.44 -22.71
CA VAL C 159 37.40 -8.53 -23.25
C VAL C 159 37.13 -9.54 -22.15
N TYR C 160 35.88 -9.99 -22.07
CA TYR C 160 35.47 -10.98 -21.09
C TYR C 160 35.41 -12.36 -21.73
N GLU C 161 35.52 -13.38 -20.87
CA GLU C 161 35.48 -14.77 -21.31
C GLU C 161 35.01 -15.60 -20.13
N TRP C 162 34.68 -16.87 -20.42
CA TRP C 162 34.27 -17.82 -19.40
C TRP C 162 35.47 -18.67 -18.98
N THR C 163 35.63 -18.84 -17.67
CA THR C 163 36.78 -19.58 -17.15
C THR C 163 36.77 -21.02 -17.65
N ARG C 164 35.76 -21.79 -17.25
CA ARG C 164 35.53 -23.11 -17.81
C ARG C 164 34.75 -22.93 -19.11
N GLU C 165 34.18 -24.03 -19.64
CA GLU C 165 33.32 -23.91 -20.80
C GLU C 165 32.08 -23.10 -20.42
N PRO C 166 31.40 -22.49 -21.40
CA PRO C 166 30.28 -21.60 -21.05
C PRO C 166 29.16 -22.29 -20.29
N ALA C 167 28.87 -23.55 -20.60
CA ALA C 167 27.83 -24.28 -19.88
C ALA C 167 28.26 -24.55 -18.43
N ARG C 168 29.53 -24.87 -18.23
CA ARG C 168 30.04 -25.20 -16.90
C ARG C 168 30.39 -23.96 -16.07
N SER C 169 30.40 -22.77 -16.67
CA SER C 169 30.81 -21.56 -15.97
C SER C 169 29.66 -20.85 -15.26
N VAL C 170 28.46 -21.41 -15.26
CA VAL C 170 27.33 -20.89 -14.51
C VAL C 170 26.74 -22.06 -13.73
N VAL C 171 27.14 -22.20 -12.47
CA VAL C 171 26.76 -23.33 -11.63
C VAL C 171 25.71 -22.87 -10.64
N VAL C 172 24.66 -23.67 -10.48
CA VAL C 172 23.57 -23.40 -9.54
C VAL C 172 23.64 -24.43 -8.43
N ALA C 173 23.62 -23.94 -7.19
CA ALA C 173 23.66 -24.84 -6.04
C ALA C 173 22.38 -25.67 -5.97
N GLU C 174 22.52 -26.94 -5.59
CA GLU C 174 21.39 -27.85 -5.59
C GLU C 174 20.33 -27.44 -4.57
N ASP C 175 20.76 -27.21 -3.32
CA ASP C 175 19.80 -26.86 -2.27
C ASP C 175 19.24 -25.45 -2.45
N GLY C 176 20.02 -24.55 -3.03
CA GLY C 176 19.63 -23.16 -3.13
C GLY C 176 18.69 -22.87 -4.29
N SER C 177 17.41 -23.21 -4.12
CA SER C 177 16.36 -22.90 -5.09
C SER C 177 15.23 -22.22 -4.34
N ARG C 178 15.14 -20.89 -4.48
CA ARG C 178 14.15 -20.09 -3.78
C ARG C 178 12.88 -19.85 -4.59
N LEU C 179 12.75 -20.49 -5.75
CA LEU C 179 11.57 -20.29 -6.58
C LEU C 179 10.34 -20.88 -5.90
N ASN C 180 9.21 -20.19 -6.04
CA ASN C 180 7.94 -20.61 -5.46
C ASN C 180 7.04 -21.28 -6.49
N GLN C 181 6.80 -20.62 -7.63
CA GLN C 181 5.89 -21.10 -8.66
C GLN C 181 6.60 -21.19 -10.01
N TYR C 182 7.84 -21.68 -10.01
CA TYR C 182 8.60 -21.83 -11.23
C TYR C 182 9.56 -23.01 -11.08
N ASP C 183 9.81 -23.68 -12.21
CA ASP C 183 10.80 -24.76 -12.31
C ASP C 183 11.92 -24.28 -13.21
N LEU C 184 13.15 -24.27 -12.67
CA LEU C 184 14.33 -23.87 -13.43
C LEU C 184 14.78 -25.06 -14.27
N LEU C 185 14.36 -25.08 -15.53
CA LEU C 185 14.73 -26.20 -16.41
C LEU C 185 16.24 -26.23 -16.65
N GLY C 186 16.86 -25.07 -16.82
CA GLY C 186 18.28 -25.01 -17.06
C GLY C 186 18.72 -23.59 -17.39
N GLN C 187 19.98 -23.48 -17.78
CA GLN C 187 20.59 -22.22 -18.18
C GLN C 187 21.32 -22.41 -19.50
N THR C 188 21.25 -21.39 -20.35
CA THR C 188 22.01 -21.36 -21.60
C THR C 188 22.89 -20.11 -21.59
N VAL C 189 24.19 -20.32 -21.83
CA VAL C 189 25.20 -19.28 -21.70
C VAL C 189 25.71 -18.89 -23.08
N ASP C 190 26.10 -17.63 -23.24
CA ASP C 190 26.55 -17.12 -24.52
C ASP C 190 27.39 -15.87 -24.27
N SER C 191 28.17 -15.50 -25.28
CA SER C 191 28.93 -14.25 -25.29
C SER C 191 28.76 -13.60 -26.64
N GLY C 192 28.89 -12.28 -26.67
CA GLY C 192 28.71 -11.56 -27.92
C GLY C 192 29.12 -10.12 -27.82
N ILE C 193 28.67 -9.34 -28.81
CA ILE C 193 29.06 -7.95 -28.99
C ILE C 193 27.81 -7.10 -29.12
N VAL C 194 27.93 -5.84 -28.70
CA VAL C 194 26.83 -4.88 -28.78
C VAL C 194 27.37 -3.55 -29.27
N GLN C 195 26.62 -2.91 -30.16
CA GLN C 195 26.97 -1.59 -30.65
C GLN C 195 26.35 -0.52 -29.76
N SER C 196 26.99 0.65 -29.73
CA SER C 196 26.49 1.80 -28.99
C SER C 196 27.14 3.05 -29.53
N SER C 197 26.61 4.21 -29.12
CA SER C 197 27.17 5.47 -29.56
C SER C 197 28.60 5.68 -29.06
N THR C 198 29.00 5.00 -28.00
CA THR C 198 30.34 5.15 -27.44
C THR C 198 31.34 4.17 -28.05
N GLY C 199 30.89 3.01 -28.51
CA GLY C 199 31.79 2.04 -29.10
C GLY C 199 31.17 0.66 -29.06
N GLU C 200 32.05 -0.35 -29.13
CA GLU C 200 31.66 -1.76 -29.10
C GLU C 200 32.09 -2.37 -27.77
N TYR C 201 31.18 -3.16 -27.18
CA TYR C 201 31.39 -3.74 -25.86
C TYR C 201 31.14 -5.24 -25.92
N VAL C 202 32.02 -6.00 -25.29
CA VAL C 202 31.84 -7.44 -25.15
C VAL C 202 30.86 -7.68 -24.01
N VAL C 203 29.76 -8.39 -24.31
CA VAL C 203 28.69 -8.64 -23.35
C VAL C 203 28.54 -10.14 -23.18
N MET C 204 28.58 -10.59 -21.93
CA MET C 204 28.37 -12.00 -21.59
C MET C 204 26.96 -12.15 -21.07
N THR C 205 26.21 -13.09 -21.66
CA THR C 205 24.80 -13.29 -21.38
C THR C 205 24.56 -14.70 -20.87
N THR C 206 23.61 -14.81 -19.96
CA THR C 206 23.04 -16.08 -19.53
C THR C 206 21.53 -15.97 -19.70
N HIS C 207 20.87 -17.11 -19.87
CA HIS C 207 19.41 -17.15 -19.95
C HIS C 207 18.93 -18.32 -19.11
N PHE C 208 18.20 -18.02 -18.04
CA PHE C 208 17.62 -19.05 -17.17
C PHE C 208 16.22 -19.35 -17.68
N HIS C 209 15.98 -20.62 -18.05
CA HIS C 209 14.69 -21.04 -18.57
C HIS C 209 13.83 -21.51 -17.41
N LEU C 210 12.66 -20.88 -17.25
CA LEU C 210 11.75 -21.11 -16.15
C LEU C 210 10.38 -21.48 -16.69
N LYS C 211 9.83 -22.59 -16.21
CA LYS C 211 8.49 -23.03 -16.57
C LYS C 211 7.56 -22.80 -15.39
N ARG C 212 6.42 -22.14 -15.64
CA ARG C 212 5.48 -21.85 -14.58
C ARG C 212 4.82 -23.13 -14.09
N LYS C 213 4.43 -23.12 -12.81
CA LYS C 213 3.75 -24.24 -12.17
C LYS C 213 2.25 -23.93 -12.13
N ILE C 214 1.44 -24.83 -12.71
CA ILE C 214 0.01 -24.58 -12.87
C ILE C 214 -0.80 -25.03 -11.66
N GLY C 215 -0.18 -25.60 -10.64
CA GLY C 215 -0.95 -26.18 -9.54
C GLY C 215 -1.75 -25.14 -8.78
N TYR C 216 -1.13 -24.00 -8.47
CA TYR C 216 -1.81 -22.95 -7.72
C TYR C 216 -3.03 -22.44 -8.47
N PHE C 217 -2.86 -22.14 -9.75
CA PHE C 217 -3.96 -21.59 -10.53
C PHE C 217 -5.05 -22.63 -10.75
N VAL C 218 -4.67 -23.89 -10.97
CA VAL C 218 -5.66 -24.95 -11.10
C VAL C 218 -6.48 -25.07 -9.82
N ILE C 219 -5.83 -24.94 -8.67
CA ILE C 219 -6.55 -25.06 -7.41
C ILE C 219 -7.48 -23.87 -7.20
N GLN C 220 -7.02 -22.66 -7.51
CA GLN C 220 -7.67 -21.44 -7.03
C GLN C 220 -8.56 -20.72 -8.03
N THR C 221 -8.34 -20.88 -9.34
CA THR C 221 -9.11 -20.19 -10.37
C THR C 221 -9.85 -21.13 -11.30
N TYR C 222 -9.16 -22.08 -11.92
CA TYR C 222 -9.79 -22.94 -12.92
C TYR C 222 -10.85 -23.83 -12.29
N LEU C 223 -10.58 -24.37 -11.10
CA LEU C 223 -11.44 -25.37 -10.50
C LEU C 223 -12.69 -24.72 -9.90
N PRO C 224 -12.59 -23.58 -9.20
CA PRO C 224 -13.83 -22.87 -8.84
C PRO C 224 -14.67 -22.48 -10.04
N CYS C 225 -14.04 -22.11 -11.16
CA CYS C 225 -14.81 -21.78 -12.36
C CYS C 225 -15.58 -23.00 -12.86
N ILE C 226 -14.93 -24.17 -12.88
CA ILE C 226 -15.60 -25.39 -13.34
C ILE C 226 -16.75 -25.74 -12.40
N MET C 227 -16.52 -25.63 -11.09
CA MET C 227 -17.58 -25.93 -10.14
C MET C 227 -18.74 -24.95 -10.26
N THR C 228 -18.45 -23.67 -10.53
CA THR C 228 -19.53 -22.72 -10.76
C THR C 228 -20.32 -23.05 -12.01
N VAL C 229 -19.62 -23.48 -13.07
CA VAL C 229 -20.31 -23.88 -14.30
C VAL C 229 -21.22 -25.08 -14.03
N ILE C 230 -20.71 -26.07 -13.30
CA ILE C 230 -21.51 -27.24 -12.98
C ILE C 230 -22.70 -26.86 -12.11
N LEU C 231 -22.50 -25.93 -11.17
CA LEU C 231 -23.58 -25.46 -10.32
C LEU C 231 -24.66 -24.78 -11.16
N SER C 232 -24.25 -23.97 -12.14
CA SER C 232 -25.23 -23.34 -13.02
C SER C 232 -25.97 -24.38 -13.84
N GLN C 233 -25.27 -25.40 -14.34
CA GLN C 233 -25.91 -26.43 -15.15
C GLN C 233 -26.81 -27.33 -14.33
N VAL C 234 -26.63 -27.38 -13.00
CA VAL C 234 -27.51 -28.18 -12.16
C VAL C 234 -28.94 -27.66 -12.21
N SER C 235 -29.12 -26.37 -12.54
CA SER C 235 -30.45 -25.77 -12.53
C SER C 235 -31.42 -26.43 -13.53
N PHE C 236 -30.90 -27.14 -14.53
CA PHE C 236 -31.78 -27.72 -15.55
C PHE C 236 -32.60 -28.90 -15.02
N TRP C 237 -32.31 -29.41 -13.82
CA TRP C 237 -32.99 -30.59 -13.30
C TRP C 237 -34.18 -30.25 -12.43
N LEU C 238 -34.24 -29.06 -11.86
CA LEU C 238 -35.40 -28.66 -11.08
C LEU C 238 -36.60 -28.39 -11.99
N ASN C 239 -37.79 -28.51 -11.43
CA ASN C 239 -39.00 -28.31 -12.20
C ASN C 239 -39.09 -26.86 -12.68
N ARG C 240 -39.73 -26.67 -13.84
CA ARG C 240 -39.80 -25.36 -14.45
C ARG C 240 -40.61 -24.36 -13.62
N GLU C 241 -41.45 -24.83 -12.71
CA GLU C 241 -42.22 -23.95 -11.85
C GLU C 241 -41.41 -23.38 -10.69
N SER C 242 -40.18 -23.84 -10.48
CA SER C 242 -39.33 -23.34 -9.40
C SER C 242 -38.61 -22.07 -9.85
N VAL C 243 -39.43 -21.03 -10.11
CA VAL C 243 -38.91 -19.80 -10.71
C VAL C 243 -37.92 -19.09 -9.80
N PRO C 244 -38.25 -18.77 -8.53
CA PRO C 244 -37.24 -18.10 -7.68
C PRO C 244 -35.99 -18.93 -7.46
N ALA C 245 -36.13 -20.25 -7.36
CA ALA C 245 -34.97 -21.11 -7.15
C ALA C 245 -34.03 -21.08 -8.34
N ARG C 246 -34.57 -21.26 -9.55
CA ARG C 246 -33.73 -21.25 -10.74
C ARG C 246 -33.16 -19.87 -11.01
N THR C 247 -33.92 -18.82 -10.69
CA THR C 247 -33.39 -17.46 -10.79
C THR C 247 -32.24 -17.28 -9.81
N VAL C 248 -32.34 -17.86 -8.62
CA VAL C 248 -31.26 -17.77 -7.64
C VAL C 248 -30.01 -18.47 -8.17
N PHE C 249 -30.19 -19.68 -8.75
CA PHE C 249 -29.06 -20.34 -9.41
C PHE C 249 -28.39 -19.43 -10.43
N GLY C 250 -29.17 -18.90 -11.37
CA GLY C 250 -28.58 -18.11 -12.43
C GLY C 250 -27.89 -16.86 -11.91
N VAL C 251 -28.56 -16.13 -11.02
CA VAL C 251 -28.04 -14.87 -10.51
C VAL C 251 -26.75 -15.11 -9.72
N THR C 252 -26.78 -16.07 -8.79
CA THR C 252 -25.62 -16.28 -7.94
C THR C 252 -24.45 -16.85 -8.75
N THR C 253 -24.73 -17.71 -9.73
CA THR C 253 -23.63 -18.22 -10.55
C THR C 253 -23.00 -17.10 -11.38
N VAL C 254 -23.83 -16.21 -11.94
CA VAL C 254 -23.28 -15.09 -12.71
C VAL C 254 -22.45 -14.19 -11.81
N LEU C 255 -22.94 -13.92 -10.60
CA LEU C 255 -22.18 -13.08 -9.67
C LEU C 255 -20.86 -13.73 -9.29
N THR C 256 -20.87 -15.03 -9.02
CA THR C 256 -19.64 -15.73 -8.66
C THR C 256 -18.65 -15.72 -9.80
N MET C 257 -19.12 -15.91 -11.04
CA MET C 257 -18.21 -15.87 -12.18
C MET C 257 -17.65 -14.47 -12.38
N THR C 258 -18.47 -13.44 -12.15
CA THR C 258 -17.95 -12.07 -12.22
C THR C 258 -16.87 -11.84 -11.17
N THR C 259 -17.08 -12.34 -9.96
CA THR C 259 -16.09 -12.19 -8.91
C THR C 259 -14.79 -12.91 -9.27
N LEU C 260 -14.90 -14.12 -9.82
CA LEU C 260 -13.69 -14.84 -10.24
C LEU C 260 -12.99 -14.11 -11.38
N SER C 261 -13.75 -13.54 -12.31
CA SER C 261 -13.14 -12.78 -13.39
C SER C 261 -12.40 -11.56 -12.85
N ILE C 262 -12.98 -10.89 -11.86
CA ILE C 262 -12.29 -9.74 -11.26
C ILE C 262 -11.02 -10.19 -10.54
N SER C 263 -11.10 -11.29 -9.78
CA SER C 263 -9.98 -11.72 -8.96
C SER C 263 -8.88 -12.42 -9.76
N ALA C 264 -9.17 -12.87 -10.99
CA ALA C 264 -8.14 -13.54 -11.78
C ALA C 264 -7.02 -12.58 -12.15
N ARG C 265 -7.36 -11.33 -12.51
CA ARG C 265 -6.35 -10.38 -12.97
C ARG C 265 -5.44 -9.88 -11.85
N ASN C 266 -5.76 -10.15 -10.59
CA ASN C 266 -4.97 -9.62 -9.49
C ASN C 266 -3.55 -10.19 -9.48
N SER C 267 -3.40 -11.48 -9.83
CA SER C 267 -2.09 -12.11 -9.76
C SER C 267 -1.10 -11.56 -10.78
N LEU C 268 -1.58 -10.90 -11.83
CA LEU C 268 -0.76 -10.51 -12.97
C LEU C 268 -0.44 -9.03 -12.93
N PRO C 269 0.50 -8.58 -13.77
CA PRO C 269 0.54 -7.16 -14.11
C PRO C 269 -0.61 -6.82 -15.06
N LYS C 270 -0.85 -5.51 -15.19
CA LYS C 270 -2.01 -5.01 -15.93
C LYS C 270 -1.66 -4.94 -17.43
N VAL C 271 -1.47 -6.12 -18.02
CA VAL C 271 -1.18 -6.21 -19.44
C VAL C 271 -2.46 -6.04 -20.23
N ALA C 272 -2.33 -5.41 -21.41
CA ALA C 272 -3.48 -5.00 -22.20
C ALA C 272 -4.01 -6.08 -23.13
N TYR C 273 -3.44 -7.29 -23.10
CA TYR C 273 -3.85 -8.39 -23.96
C TYR C 273 -4.49 -9.49 -23.13
N ALA C 274 -5.20 -10.40 -23.83
CA ALA C 274 -5.95 -11.46 -23.19
C ALA C 274 -5.11 -12.71 -23.07
N THR C 275 -5.24 -13.39 -21.93
CA THR C 275 -4.48 -14.59 -21.60
C THR C 275 -5.39 -15.82 -21.69
N ALA C 276 -4.76 -16.99 -21.53
CA ALA C 276 -5.52 -18.24 -21.55
C ALA C 276 -6.50 -18.30 -20.40
N MET C 277 -6.09 -17.82 -19.23
CA MET C 277 -7.01 -17.76 -18.09
C MET C 277 -8.19 -16.86 -18.40
N ASP C 278 -7.94 -15.72 -19.04
CA ASP C 278 -9.03 -14.82 -19.40
C ASP C 278 -9.99 -15.47 -20.39
N TRP C 279 -9.45 -16.19 -21.38
CA TRP C 279 -10.33 -16.86 -22.34
C TRP C 279 -11.14 -17.97 -21.67
N PHE C 280 -10.52 -18.72 -20.75
CA PHE C 280 -11.25 -19.75 -20.02
C PHE C 280 -12.38 -19.14 -19.18
N ILE C 281 -12.09 -18.04 -18.49
CA ILE C 281 -13.11 -17.38 -17.68
C ILE C 281 -14.22 -16.84 -18.58
N ALA C 282 -13.86 -16.31 -19.75
CA ALA C 282 -14.87 -15.80 -20.66
C ALA C 282 -15.79 -16.91 -21.15
N VAL C 283 -15.23 -18.08 -21.48
CA VAL C 283 -16.06 -19.18 -21.95
C VAL C 283 -16.93 -19.71 -20.83
N CYS C 284 -16.40 -19.79 -19.61
CA CYS C 284 -17.22 -20.22 -18.47
C CYS C 284 -18.36 -19.23 -18.22
N TYR C 285 -18.08 -17.93 -18.34
CA TYR C 285 -19.13 -16.93 -18.19
C TYR C 285 -20.18 -17.08 -19.28
N ALA C 286 -19.74 -17.37 -20.50
CA ALA C 286 -20.69 -17.61 -21.58
C ALA C 286 -21.58 -18.80 -21.28
N PHE C 287 -21.00 -19.88 -20.75
CA PHE C 287 -21.80 -21.05 -20.41
C PHE C 287 -22.82 -20.74 -19.32
N VAL C 288 -22.39 -20.03 -18.27
CA VAL C 288 -23.31 -19.70 -17.17
C VAL C 288 -24.43 -18.80 -17.67
N PHE C 289 -24.09 -17.79 -18.46
CA PHE C 289 -25.10 -16.88 -18.96
C PHE C 289 -26.05 -17.59 -19.92
N SER C 290 -25.52 -18.55 -20.69
CA SER C 290 -26.38 -19.35 -21.57
C SER C 290 -27.36 -20.18 -20.77
N ALA C 291 -26.91 -20.74 -19.63
CA ALA C 291 -27.82 -21.46 -18.76
C ALA C 291 -28.91 -20.54 -18.22
N LEU C 292 -28.53 -19.32 -17.85
CA LEU C 292 -29.52 -18.35 -17.36
C LEU C 292 -30.56 -18.04 -18.44
N ILE C 293 -30.11 -17.77 -19.67
CA ILE C 293 -31.05 -17.48 -20.75
C ILE C 293 -31.90 -18.71 -21.07
N GLU C 294 -31.34 -19.90 -20.94
CA GLU C 294 -32.13 -21.11 -21.13
C GLU C 294 -33.27 -21.19 -20.13
N PHE C 295 -32.97 -20.90 -18.86
CA PHE C 295 -34.03 -20.85 -17.87
C PHE C 295 -35.04 -19.76 -18.18
N ALA C 296 -34.57 -18.62 -18.68
CA ALA C 296 -35.49 -17.54 -19.02
C ALA C 296 -36.45 -17.95 -20.12
N THR C 297 -35.96 -18.64 -21.14
CA THR C 297 -36.82 -19.14 -22.20
C THR C 297 -37.79 -20.19 -21.67
N VAL C 298 -37.31 -21.06 -20.78
CA VAL C 298 -38.18 -22.06 -20.19
C VAL C 298 -39.32 -21.40 -19.42
N ASN C 299 -39.01 -20.35 -18.65
CA ASN C 299 -40.05 -19.64 -17.93
C ASN C 299 -40.99 -18.92 -18.89
N TYR C 300 -40.47 -18.40 -19.99
CA TYR C 300 -41.34 -17.77 -20.98
C TYR C 300 -42.34 -18.76 -21.55
N PHE C 301 -41.89 -19.97 -21.87
CA PHE C 301 -42.79 -20.99 -22.42
C PHE C 301 -43.60 -21.73 -21.36
N THR C 302 -43.31 -21.55 -20.08
CA THR C 302 -44.13 -22.12 -19.03
C THR C 302 -45.55 -21.54 -19.10
N LYS C 303 -46.55 -22.41 -19.17
CA LYS C 303 -47.92 -21.94 -19.36
C LYS C 303 -48.56 -21.53 -18.03
N ARG C 304 -48.67 -22.47 -17.10
CA ARG C 304 -49.39 -22.28 -15.85
C ARG C 304 -48.41 -22.29 -14.69
N GLY C 305 -48.62 -21.41 -13.73
CA GLY C 305 -47.66 -21.10 -12.69
C GLY C 305 -47.73 -21.94 -11.43
N TYR C 306 -48.54 -22.99 -11.40
CA TYR C 306 -48.63 -23.89 -10.25
C TYR C 306 -48.03 -25.24 -10.61
N ALA C 307 -47.26 -25.80 -9.69
CA ALA C 307 -46.54 -27.03 -9.94
C ALA C 307 -47.45 -28.24 -9.76
N TRP C 308 -46.92 -29.41 -10.13
CA TRP C 308 -47.68 -30.65 -10.02
C TRP C 308 -47.95 -30.99 -8.57
N ASP C 309 -49.19 -31.40 -8.27
CA ASP C 309 -49.55 -31.72 -6.90
C ASP C 309 -48.84 -32.98 -6.41
N GLY C 310 -48.67 -33.97 -7.29
CA GLY C 310 -48.02 -35.22 -6.95
C GLY C 310 -48.96 -36.40 -6.92
N LYS C 311 -50.16 -36.19 -6.37
CA LYS C 311 -51.16 -37.26 -6.33
C LYS C 311 -51.85 -37.43 -7.67
N SER C 312 -51.98 -36.35 -8.44
CA SER C 312 -52.74 -36.40 -9.73
C SER C 312 -52.19 -37.42 -10.72
N VAL C 313 -53.09 -38.05 -11.48
CA VAL C 313 -52.66 -39.00 -12.55
C VAL C 313 -52.53 -38.18 -13.83
N VAL C 314 -51.35 -37.60 -14.07
CA VAL C 314 -51.17 -36.68 -15.24
C VAL C 314 -51.75 -37.31 -16.51
N PRO C 315 -52.43 -36.53 -17.38
CA PRO C 315 -52.89 -37.07 -18.65
C PRO C 315 -51.67 -37.09 -19.54
N GLU C 316 -51.87 -37.00 -20.85
CA GLU C 316 -50.69 -37.14 -21.74
C GLU C 316 -50.43 -35.82 -22.48
N LYS C 317 -49.58 -35.84 -23.50
CA LYS C 317 -49.35 -34.61 -24.30
C LYS C 317 -49.40 -34.95 -25.80
N PRO C 318 -50.46 -34.55 -26.53
CA PRO C 318 -50.54 -34.77 -27.97
C PRO C 318 -50.27 -33.45 -28.67
N LYS C 374 -60.96 -30.27 -15.89
CA LYS C 374 -60.26 -30.62 -14.66
C LYS C 374 -59.00 -29.76 -14.50
N LYS C 375 -58.14 -30.13 -13.55
CA LYS C 375 -56.90 -29.41 -13.30
C LYS C 375 -55.79 -29.99 -14.16
N THR C 376 -55.12 -29.11 -14.91
CA THR C 376 -54.04 -29.50 -15.80
C THR C 376 -52.69 -29.18 -15.17
N PHE C 377 -51.64 -29.80 -15.72
CA PHE C 377 -50.28 -29.64 -15.20
C PHE C 377 -49.31 -29.48 -16.36
N ASN C 378 -48.20 -28.79 -16.10
CA ASN C 378 -47.20 -28.52 -17.13
C ASN C 378 -46.36 -29.76 -17.40
N SER C 379 -46.01 -29.95 -18.66
CA SER C 379 -45.11 -31.03 -19.06
C SER C 379 -43.66 -30.64 -18.81
N VAL C 380 -42.79 -31.65 -18.77
CA VAL C 380 -41.36 -31.40 -18.63
C VAL C 380 -40.85 -30.70 -19.88
N SER C 381 -40.05 -29.66 -19.69
CA SER C 381 -39.63 -28.82 -20.81
C SER C 381 -38.70 -29.58 -21.74
N LYS C 382 -39.00 -29.53 -23.04
CA LYS C 382 -38.08 -30.07 -24.03
C LYS C 382 -36.75 -29.36 -23.99
N ILE C 383 -36.75 -28.07 -23.69
CA ILE C 383 -35.49 -27.32 -23.59
C ILE C 383 -34.66 -27.88 -22.44
N ASP C 384 -35.29 -28.14 -21.30
CA ASP C 384 -34.57 -28.73 -20.17
C ASP C 384 -34.04 -30.12 -20.53
N ARG C 385 -34.88 -30.93 -21.18
CA ARG C 385 -34.46 -32.29 -21.53
C ARG C 385 -33.26 -32.28 -22.45
N LEU C 386 -33.25 -31.38 -23.44
CA LEU C 386 -32.09 -31.26 -24.32
C LEU C 386 -30.89 -30.69 -23.59
N SER C 387 -31.10 -29.68 -22.75
CA SER C 387 -29.99 -28.99 -22.10
C SER C 387 -29.24 -29.91 -21.14
N ARG C 388 -29.97 -30.79 -20.45
CA ARG C 388 -29.36 -31.68 -19.46
C ARG C 388 -28.22 -32.50 -20.05
N ILE C 389 -28.33 -32.86 -21.33
CA ILE C 389 -27.28 -33.62 -22.02
C ILE C 389 -26.43 -32.74 -22.94
N ALA C 390 -26.91 -31.55 -23.31
CA ALA C 390 -26.15 -30.71 -24.21
C ALA C 390 -25.10 -29.89 -23.46
N PHE C 391 -25.49 -29.22 -22.39
CA PHE C 391 -24.57 -28.29 -21.72
C PHE C 391 -23.35 -28.98 -21.14
N PRO C 392 -23.47 -30.05 -20.33
CA PRO C 392 -22.24 -30.72 -19.84
C PRO C 392 -21.38 -31.27 -20.96
N LEU C 393 -22.00 -31.79 -22.03
CA LEU C 393 -21.23 -32.35 -23.14
C LEU C 393 -20.41 -31.27 -23.82
N LEU C 394 -21.04 -30.12 -24.10
CA LEU C 394 -20.32 -29.02 -24.74
C LEU C 394 -19.21 -28.49 -23.83
N PHE C 395 -19.49 -28.36 -22.54
CA PHE C 395 -18.46 -27.89 -21.61
C PHE C 395 -17.28 -28.85 -21.55
N GLY C 396 -17.57 -30.15 -21.53
CA GLY C 396 -16.50 -31.13 -21.51
C GLY C 396 -15.66 -31.11 -22.77
N ILE C 397 -16.31 -30.97 -23.93
CA ILE C 397 -15.56 -30.88 -25.18
C ILE C 397 -14.70 -29.63 -25.19
N PHE C 398 -15.24 -28.51 -24.70
CA PHE C 398 -14.44 -27.29 -24.64
C PHE C 398 -13.24 -27.46 -23.73
N ASN C 399 -13.44 -28.09 -22.57
CA ASN C 399 -12.32 -28.32 -21.65
C ASN C 399 -11.27 -29.20 -22.30
N LEU C 400 -11.70 -30.26 -22.98
CA LEU C 400 -10.77 -31.15 -23.66
C LEU C 400 -9.95 -30.39 -24.69
N VAL C 401 -10.62 -29.60 -25.54
CA VAL C 401 -9.92 -28.85 -26.59
C VAL C 401 -8.95 -27.85 -25.98
N TYR C 402 -9.40 -27.12 -24.96
CA TYR C 402 -8.58 -26.08 -24.35
C TYR C 402 -7.33 -26.67 -23.71
N TRP C 403 -7.50 -27.70 -22.88
CA TRP C 403 -6.36 -28.30 -22.20
C TRP C 403 -5.42 -28.98 -23.19
N ALA C 404 -5.97 -29.66 -24.20
CA ALA C 404 -5.11 -30.29 -25.20
C ALA C 404 -4.31 -29.24 -25.97
N THR C 405 -4.93 -28.11 -26.28
CA THR C 405 -4.22 -27.04 -26.98
C THR C 405 -3.10 -26.46 -26.12
N TYR C 406 -3.38 -26.17 -24.86
CA TYR C 406 -2.46 -25.38 -24.06
C TYR C 406 -1.39 -26.21 -23.34
N LEU C 407 -1.74 -27.38 -22.79
CA LEU C 407 -0.76 -28.16 -22.05
C LEU C 407 0.38 -28.64 -22.96
N ASN C 408 0.04 -29.10 -24.17
CA ASN C 408 1.02 -29.56 -25.13
C ASN C 408 1.42 -28.39 -26.02
N ARG C 409 2.62 -27.87 -25.82
CA ARG C 409 3.14 -26.77 -26.64
C ARG C 409 4.65 -26.64 -26.44
N GLY D 1 46.51 2.91 37.08
CA GLY D 1 46.39 3.14 35.65
C GLY D 1 46.48 4.60 35.28
N ASN D 2 47.40 4.91 34.35
CA ASN D 2 47.64 6.27 33.88
C ASN D 2 47.10 6.42 32.47
N MET D 3 46.34 7.49 32.24
CA MET D 3 45.76 7.72 30.92
C MET D 3 46.84 7.91 29.86
N SER D 4 47.91 8.65 30.20
CA SER D 4 49.00 8.83 29.26
C SER D 4 49.68 7.49 28.95
N PHE D 5 49.86 6.65 29.98
CA PHE D 5 50.46 5.34 29.75
C PHE D 5 49.59 4.48 28.84
N VAL D 6 48.27 4.52 29.05
CA VAL D 6 47.36 3.75 28.20
C VAL D 6 47.43 4.28 26.77
N LYS D 7 47.46 5.59 26.60
CA LYS D 7 47.53 6.18 25.27
C LYS D 7 48.81 5.76 24.55
N GLU D 8 49.95 5.84 25.25
CA GLU D 8 51.22 5.46 24.63
C GLU D 8 51.24 3.98 24.30
N THR D 9 50.67 3.14 25.17
CA THR D 9 50.63 1.71 24.89
C THR D 9 49.78 1.41 23.67
N VAL D 10 48.63 2.06 23.55
CA VAL D 10 47.76 1.84 22.38
C VAL D 10 48.46 2.34 21.12
N ASP D 11 49.15 3.48 21.21
CA ASP D 11 49.89 3.98 20.06
C ASP D 11 50.98 3.01 19.63
N LYS D 12 51.69 2.43 20.60
CA LYS D 12 52.71 1.45 20.27
C LYS D 12 52.11 0.20 19.66
N LEU D 13 50.94 -0.23 20.16
CA LEU D 13 50.28 -1.41 19.61
C LEU D 13 49.87 -1.19 18.17
N LEU D 14 49.27 -0.04 17.87
CA LEU D 14 48.75 0.25 16.55
C LEU D 14 49.81 0.83 15.61
N LYS D 15 51.02 1.10 16.09
CA LYS D 15 52.09 1.61 15.25
C LYS D 15 52.69 0.46 14.47
N GLY D 16 52.54 0.48 13.14
CA GLY D 16 53.00 -0.59 12.29
C GLY D 16 52.04 -1.76 12.16
N TYR D 17 50.89 -1.71 12.84
CA TYR D 17 49.90 -2.78 12.74
C TYR D 17 49.26 -2.76 11.36
N ASP D 18 49.63 -3.71 10.52
CA ASP D 18 49.15 -3.77 9.14
C ASP D 18 47.81 -4.48 9.12
N ILE D 19 46.74 -3.70 8.88
CA ILE D 19 45.39 -4.27 8.88
C ILE D 19 45.20 -5.27 7.74
N ARG D 20 45.95 -5.11 6.65
CA ARG D 20 45.78 -5.99 5.50
C ARG D 20 46.15 -7.44 5.83
N LEU D 21 47.03 -7.65 6.81
CA LEU D 21 47.53 -8.97 7.15
C LEU D 21 46.70 -9.56 8.28
N ARG D 22 46.27 -10.81 8.10
CA ARG D 22 45.56 -11.52 9.15
C ARG D 22 46.54 -11.85 10.28
N PRO D 23 46.02 -12.15 11.49
CA PRO D 23 46.88 -12.10 12.69
C PRO D 23 48.10 -13.00 12.65
N ASP D 24 48.01 -14.18 12.01
CA ASP D 24 49.16 -15.05 11.80
C ASP D 24 49.12 -15.48 10.32
N PHE D 25 49.69 -14.65 9.46
CA PHE D 25 49.56 -14.87 8.02
C PHE D 25 50.28 -16.14 7.58
N GLY D 26 51.55 -16.28 7.97
CA GLY D 26 52.34 -17.44 7.61
C GLY D 26 52.22 -18.63 8.54
N GLY D 27 51.61 -18.45 9.70
CA GLY D 27 51.53 -19.50 10.70
C GLY D 27 50.30 -20.38 10.51
N PRO D 28 49.93 -21.15 11.53
CA PRO D 28 48.74 -22.00 11.41
C PRO D 28 47.48 -21.15 11.38
N PRO D 29 46.32 -21.77 11.12
CA PRO D 29 45.08 -20.99 11.08
C PRO D 29 44.75 -20.38 12.44
N VAL D 30 44.13 -19.20 12.40
CA VAL D 30 43.63 -18.55 13.61
C VAL D 30 42.26 -19.13 13.94
N CYS D 31 42.07 -19.45 15.22
CA CYS D 31 40.81 -20.03 15.69
C CYS D 31 39.92 -18.91 16.21
N VAL D 32 38.73 -18.80 15.64
CA VAL D 32 37.75 -17.76 16.00
C VAL D 32 36.59 -18.44 16.70
N GLY D 33 36.41 -18.12 17.99
CA GLY D 33 35.24 -18.56 18.70
C GLY D 33 34.10 -17.57 18.48
N MET D 34 32.88 -18.10 18.39
CA MET D 34 31.69 -17.28 18.19
C MET D 34 30.60 -17.72 19.14
N ASN D 35 29.81 -16.75 19.59
CA ASN D 35 28.56 -17.08 20.26
C ASN D 35 27.58 -15.92 20.09
N ILE D 36 26.32 -16.20 20.39
CA ILE D 36 25.20 -15.34 20.01
C ILE D 36 24.25 -15.26 21.19
N ASP D 37 23.68 -14.06 21.39
CA ASP D 37 22.57 -13.86 22.32
C ASP D 37 21.39 -13.33 21.50
N ILE D 38 20.36 -14.15 21.34
CA ILE D 38 19.23 -13.82 20.46
C ILE D 38 18.29 -12.91 21.25
N ALA D 39 18.22 -11.63 20.85
CA ALA D 39 17.32 -10.71 21.54
C ALA D 39 15.87 -11.00 21.22
N SER D 40 15.55 -11.22 19.94
CA SER D 40 14.18 -11.49 19.53
C SER D 40 14.17 -11.99 18.10
N ILE D 41 13.10 -12.71 17.76
CA ILE D 41 12.76 -13.07 16.39
C ILE D 41 11.41 -12.43 16.10
N ASP D 42 11.36 -11.58 15.07
CA ASP D 42 10.27 -10.62 14.93
C ASP D 42 9.18 -11.09 13.97
N MET D 43 9.54 -11.38 12.71
CA MET D 43 8.55 -11.60 11.65
C MET D 43 8.95 -12.84 10.85
N VAL D 44 8.34 -13.97 11.19
CA VAL D 44 8.48 -15.19 10.39
C VAL D 44 7.47 -15.13 9.26
N SER D 45 7.87 -14.53 8.14
CA SER D 45 6.96 -14.25 7.03
C SER D 45 6.81 -15.48 6.16
N GLU D 46 5.58 -15.97 6.03
CA GLU D 46 5.30 -17.04 5.08
C GLU D 46 5.27 -16.54 3.64
N VAL D 47 4.87 -15.29 3.43
CA VAL D 47 4.84 -14.73 2.09
C VAL D 47 6.25 -14.57 1.55
N ASN D 48 7.13 -13.94 2.34
CA ASN D 48 8.51 -13.71 1.93
C ASN D 48 9.42 -14.91 2.16
N MET D 49 8.98 -15.89 2.95
CA MET D 49 9.76 -17.09 3.22
C MET D 49 11.09 -16.75 3.89
N ASP D 50 11.01 -15.93 4.94
CA ASP D 50 12.19 -15.51 5.68
C ASP D 50 11.80 -15.22 7.12
N TYR D 51 12.80 -14.92 7.94
CA TYR D 51 12.59 -14.61 9.35
C TYR D 51 13.62 -13.58 9.79
N THR D 52 13.17 -12.63 10.60
CA THR D 52 14.05 -11.61 11.15
C THR D 52 14.68 -12.11 12.44
N LEU D 53 15.87 -11.60 12.73
CA LEU D 53 16.65 -12.09 13.87
C LEU D 53 17.53 -10.94 14.36
N THR D 54 17.24 -10.46 15.57
CA THR D 54 18.08 -9.47 16.24
C THR D 54 18.93 -10.20 17.27
N MET D 55 20.23 -9.88 17.32
CA MET D 55 21.13 -10.66 18.15
C MET D 55 22.37 -9.85 18.50
N TYR D 56 22.95 -10.17 19.65
CA TYR D 56 24.31 -9.75 20.00
C TYR D 56 25.24 -10.86 19.56
N PHE D 57 25.99 -10.62 18.48
CA PHE D 57 26.91 -11.58 17.91
C PHE D 57 28.32 -11.23 18.38
N GLN D 58 28.94 -12.13 19.14
CA GLN D 58 30.22 -11.88 19.77
C GLN D 58 31.25 -12.84 19.18
N GLN D 59 32.41 -12.28 18.82
CA GLN D 59 33.53 -13.02 18.25
C GLN D 59 34.74 -12.90 19.17
N TYR D 60 35.57 -13.94 19.16
CA TYR D 60 36.70 -14.05 20.06
CA TYR D 60 36.70 -14.08 20.07
C TYR D 60 37.90 -14.60 19.28
N TRP D 61 39.03 -13.89 19.35
CA TRP D 61 40.21 -14.42 18.68
C TRP D 61 41.47 -13.81 19.28
N ARG D 62 42.56 -14.58 19.22
CA ARG D 62 43.84 -14.19 19.80
C ARG D 62 44.75 -13.64 18.71
N ASP D 63 45.20 -12.40 18.89
CA ASP D 63 46.17 -11.75 18.02
C ASP D 63 47.41 -11.44 18.85
N LYS D 64 48.57 -11.92 18.40
CA LYS D 64 49.80 -11.70 19.15
C LYS D 64 50.22 -10.24 19.12
N ARG D 65 49.91 -9.52 18.04
CA ARG D 65 50.37 -8.15 17.90
C ARG D 65 49.73 -7.22 18.93
N LEU D 66 48.53 -7.55 19.40
CA LEU D 66 47.77 -6.68 20.28
C LEU D 66 47.95 -7.03 21.75
N ALA D 67 48.98 -7.79 22.10
CA ALA D 67 49.26 -8.17 23.48
C ALA D 67 50.11 -7.08 24.13
N TYR D 68 49.63 -6.54 25.26
CA TYR D 68 50.31 -5.48 25.99
C TYR D 68 50.65 -5.95 27.39
N SER D 69 51.44 -5.13 28.09
CA SER D 69 51.89 -5.42 29.44
C SER D 69 51.88 -4.14 30.26
N GLY D 70 51.71 -4.29 31.57
CA GLY D 70 51.69 -3.16 32.48
C GLY D 70 50.35 -2.48 32.67
N ILE D 71 49.29 -3.01 32.08
CA ILE D 71 47.94 -2.47 32.23
C ILE D 71 47.03 -3.63 32.65
N PRO D 72 47.05 -4.05 33.92
CA PRO D 72 46.25 -5.22 34.31
C PRO D 72 44.76 -4.92 34.35
N LEU D 73 44.17 -4.78 33.18
CA LEU D 73 42.73 -4.56 33.03
C LEU D 73 42.37 -4.71 31.57
N ASN D 74 41.09 -4.95 31.30
CA ASN D 74 40.62 -5.20 29.92
C ASN D 74 40.28 -3.88 29.23
N LEU D 75 41.10 -3.48 28.28
CA LEU D 75 40.93 -2.21 27.58
C LEU D 75 39.68 -2.30 26.71
N THR D 76 38.58 -1.74 27.20
CA THR D 76 37.35 -1.64 26.43
C THR D 76 37.43 -0.36 25.62
N LEU D 77 37.89 -0.47 24.38
CA LEU D 77 38.16 0.70 23.58
C LEU D 77 36.90 1.20 22.89
N ASP D 78 36.95 2.44 22.41
CA ASP D 78 35.84 3.00 21.66
C ASP D 78 35.66 2.21 20.37
N ASN D 79 34.39 2.11 19.93
CA ASN D 79 34.05 1.21 18.84
C ASN D 79 34.70 1.60 17.52
N ARG D 80 35.18 2.84 17.37
CA ARG D 80 35.78 3.26 16.12
C ARG D 80 37.15 2.62 15.88
N VAL D 81 37.77 2.03 16.90
CA VAL D 81 39.08 1.41 16.73
C VAL D 81 38.99 0.12 15.93
N ALA D 82 37.79 -0.44 15.76
CA ALA D 82 37.65 -1.63 14.93
C ALA D 82 38.03 -1.36 13.48
N ASP D 83 37.84 -0.11 13.02
CA ASP D 83 38.25 0.24 11.67
C ASP D 83 39.75 0.17 11.49
N GLN D 84 40.53 0.30 12.56
CA GLN D 84 41.98 0.14 12.52
C GLN D 84 42.41 -1.28 12.80
N LEU D 85 41.68 -1.98 13.67
CA LEU D 85 42.02 -3.36 13.99
C LEU D 85 41.51 -4.32 12.92
N TRP D 86 42.24 -5.41 12.72
CA TRP D 86 41.77 -6.48 11.86
C TRP D 86 40.64 -7.24 12.53
N VAL D 87 39.67 -7.68 11.73
CA VAL D 87 38.57 -8.52 12.21
C VAL D 87 38.28 -9.58 11.17
N PRO D 88 37.65 -10.69 11.57
CA PRO D 88 37.29 -11.71 10.58
C PRO D 88 36.29 -11.18 9.57
N ASP D 89 36.38 -11.67 8.34
CA ASP D 89 35.46 -11.30 7.27
C ASP D 89 34.23 -12.23 7.26
N THR D 90 33.60 -12.35 8.41
CA THR D 90 32.46 -13.24 8.57
C THR D 90 31.25 -12.70 7.79
N TYR D 91 30.39 -13.61 7.35
CA TYR D 91 29.18 -13.23 6.65
C TYR D 91 28.14 -14.32 6.84
N PHE D 92 26.89 -13.97 6.49
CA PHE D 92 25.74 -14.85 6.62
C PHE D 92 25.29 -15.24 5.22
N LEU D 93 25.33 -16.53 4.92
CA LEU D 93 25.09 -16.97 3.54
C LEU D 93 23.64 -16.80 3.14
N ASN D 94 22.70 -17.13 4.03
CA ASN D 94 21.27 -17.10 3.72
C ASN D 94 20.62 -15.78 4.10
N ASP D 95 21.37 -14.68 4.08
CA ASP D 95 20.88 -13.38 4.50
C ASP D 95 20.27 -12.65 3.30
N LYS D 96 19.10 -12.07 3.50
CA LYS D 96 18.43 -11.26 2.49
C LYS D 96 18.77 -9.78 2.66
N LYS D 97 18.50 -9.22 3.84
CA LYS D 97 18.86 -7.85 4.15
C LYS D 97 19.15 -7.76 5.64
N SER D 98 20.19 -7.01 5.99
CA SER D 98 20.64 -6.95 7.38
C SER D 98 21.42 -5.66 7.59
N PHE D 99 21.52 -5.26 8.86
CA PHE D 99 22.16 -4.01 9.21
C PHE D 99 22.68 -4.09 10.63
N VAL D 100 23.70 -3.28 10.92
CA VAL D 100 24.21 -3.10 12.28
C VAL D 100 23.56 -1.85 12.86
N HIS D 101 23.02 -1.97 14.07
CA HIS D 101 22.30 -0.86 14.68
C HIS D 101 23.23 0.32 14.90
N GLY D 102 22.74 1.52 14.55
CA GLY D 102 23.56 2.72 14.54
C GLY D 102 23.00 3.86 15.36
N VAL D 103 22.41 3.56 16.52
CA VAL D 103 21.87 4.57 17.42
C VAL D 103 22.21 4.14 18.86
N THR D 104 22.78 5.04 19.68
CA THR D 104 23.23 6.40 19.37
C THR D 104 24.46 6.38 18.46
N VAL D 105 25.25 5.32 18.58
CA VAL D 105 26.38 5.05 17.71
C VAL D 105 26.24 3.63 17.18
N LYS D 106 27.23 3.18 16.43
CA LYS D 106 27.24 1.80 15.98
C LYS D 106 27.34 0.87 17.18
N ASN D 107 26.36 -0.03 17.32
CA ASN D 107 26.30 -0.93 18.47
C ASN D 107 27.38 -1.99 18.27
N ARG D 108 28.60 -1.59 18.61
CA ARG D 108 29.80 -2.39 18.40
C ARG D 108 30.65 -2.33 19.66
N MET D 109 31.35 -3.44 19.92
CA MET D 109 32.15 -3.64 21.12
C MET D 109 33.54 -4.08 20.73
N ILE D 110 34.56 -3.43 21.26
CA ILE D 110 35.96 -3.83 21.09
C ILE D 110 36.60 -3.90 22.47
N ARG D 111 37.03 -5.10 22.86
CA ARG D 111 37.70 -5.31 24.14
C ARG D 111 39.00 -6.05 23.91
N LEU D 112 40.10 -5.48 24.40
CA LEU D 112 41.43 -6.09 24.29
C LEU D 112 41.88 -6.53 25.67
N HIS D 113 42.27 -7.80 25.79
CA HIS D 113 42.79 -8.35 27.02
C HIS D 113 44.31 -8.30 27.02
N PRO D 114 44.96 -8.39 28.19
CA PRO D 114 46.43 -8.29 28.21
C PRO D 114 47.13 -9.38 27.43
N ASP D 115 46.52 -10.55 27.26
CA ASP D 115 47.15 -11.67 26.58
C ASP D 115 46.94 -11.64 25.08
N GLY D 116 46.59 -10.49 24.51
CA GLY D 116 46.38 -10.38 23.08
C GLY D 116 45.04 -10.88 22.60
N THR D 117 44.11 -11.18 23.50
CA THR D 117 42.80 -11.65 23.09
C THR D 117 41.90 -10.47 22.74
N VAL D 118 41.10 -10.64 21.68
CA VAL D 118 40.22 -9.61 21.16
C VAL D 118 38.80 -10.15 21.20
N LEU D 119 37.91 -9.40 21.84
CA LEU D 119 36.47 -9.64 21.84
C LEU D 119 35.81 -8.56 21.00
N TYR D 120 35.02 -8.99 20.02
CA TYR D 120 34.44 -8.11 19.01
C TYR D 120 32.95 -8.40 18.94
N GLY D 121 32.14 -7.46 19.44
CA GLY D 121 30.70 -7.65 19.54
C GLY D 121 29.96 -6.74 18.58
N LEU D 122 28.83 -7.21 18.08
CA LEU D 122 27.98 -6.42 17.20
C LEU D 122 26.51 -6.72 17.47
N ARG D 123 25.69 -5.67 17.50
CA ARG D 123 24.23 -5.85 17.56
C ARG D 123 23.70 -5.83 16.14
N ILE D 124 23.28 -6.99 15.66
CA ILE D 124 22.94 -7.21 14.25
C ILE D 124 21.48 -7.63 14.16
N THR D 125 20.73 -6.97 13.29
CA THR D 125 19.39 -7.40 12.89
C THR D 125 19.46 -7.85 11.44
N THR D 126 19.07 -9.09 11.18
CA THR D 126 19.19 -9.69 9.86
C THR D 126 17.93 -10.46 9.50
N THR D 127 17.45 -10.27 8.28
CA THR D 127 16.36 -11.06 7.71
C THR D 127 16.97 -12.13 6.83
N ALA D 128 16.86 -13.39 7.27
CA ALA D 128 17.49 -14.52 6.60
C ALA D 128 16.42 -15.39 5.95
N ALA D 129 16.75 -15.91 4.77
CA ALA D 129 15.81 -16.76 4.05
C ALA D 129 15.64 -18.08 4.78
N CYS D 130 14.39 -18.55 4.83
CA CYS D 130 14.06 -19.86 5.42
C CYS D 130 13.04 -20.51 4.48
N MET D 131 13.48 -21.53 3.74
CA MET D 131 12.60 -22.20 2.80
C MET D 131 11.64 -23.10 3.56
N MET D 132 10.34 -22.78 3.47
CA MET D 132 9.32 -23.38 4.29
C MET D 132 8.49 -24.35 3.47
N ASP D 133 8.38 -25.59 3.94
CA ASP D 133 7.54 -26.60 3.31
C ASP D 133 6.16 -26.53 3.95
N LEU D 134 5.15 -26.20 3.14
CA LEU D 134 3.82 -25.85 3.64
C LEU D 134 2.76 -26.90 3.29
N ARG D 135 3.17 -28.12 2.93
CA ARG D 135 2.19 -29.15 2.61
C ARG D 135 1.33 -29.50 3.81
N ARG D 136 1.87 -29.39 5.02
CA ARG D 136 1.14 -29.64 6.25
C ARG D 136 0.62 -28.36 6.90
N TYR D 137 0.68 -27.23 6.21
CA TYR D 137 0.27 -25.96 6.79
C TYR D 137 -1.21 -26.00 7.15
N PRO D 138 -1.62 -25.49 8.33
CA PRO D 138 -0.88 -24.89 9.45
C PRO D 138 -0.34 -25.89 10.46
N LEU D 139 -0.64 -27.19 10.27
CA LEU D 139 -0.17 -28.22 11.20
C LEU D 139 1.21 -28.73 10.77
N ASP D 140 2.14 -27.78 10.70
CA ASP D 140 3.46 -27.98 10.10
C ASP D 140 4.54 -27.75 11.14
N GLU D 141 5.78 -28.09 10.75
CA GLU D 141 6.94 -27.94 11.61
C GLU D 141 8.11 -27.52 10.73
N GLN D 142 8.54 -26.27 10.88
CA GLN D 142 9.53 -25.67 10.00
C GLN D 142 10.90 -25.65 10.67
N ASN D 143 11.93 -25.53 9.84
CA ASN D 143 13.33 -25.57 10.28
C ASN D 143 14.06 -24.42 9.62
N CYS D 144 14.43 -23.41 10.41
CA CYS D 144 15.06 -22.19 9.90
C CYS D 144 16.46 -22.07 10.48
N THR D 145 17.44 -21.83 9.61
CA THR D 145 18.85 -21.87 9.97
C THR D 145 19.56 -20.57 9.58
N LEU D 146 20.42 -20.09 10.47
CA LEU D 146 21.38 -19.03 10.18
C LEU D 146 22.72 -19.67 9.87
N GLU D 147 23.40 -19.12 8.87
CA GLU D 147 24.49 -19.79 8.15
C GLU D 147 25.74 -18.90 8.17
N ILE D 148 26.55 -19.04 9.23
CA ILE D 148 27.71 -18.20 9.45
C ILE D 148 28.90 -18.82 8.72
N GLU D 149 29.64 -18.00 7.97
CA GLU D 149 30.73 -18.53 7.15
C GLU D 149 31.78 -17.45 6.93
N SER D 150 33.03 -17.89 6.76
CA SER D 150 34.11 -16.99 6.34
C SER D 150 34.09 -16.83 4.83
N TYR D 151 34.24 -15.59 4.36
CA TYR D 151 34.18 -15.33 2.93
C TYR D 151 35.54 -15.51 2.25
N GLY D 152 36.55 -14.76 2.69
CA GLY D 152 37.82 -14.69 1.99
C GLY D 152 38.90 -15.62 2.48
N TYR D 153 38.74 -16.23 3.65
CA TYR D 153 39.76 -17.04 4.27
C TYR D 153 39.30 -18.50 4.29
N THR D 154 40.12 -19.39 3.75
CA THR D 154 39.81 -20.81 3.71
C THR D 154 40.14 -21.44 5.06
N THR D 155 39.99 -22.76 5.14
CA THR D 155 40.29 -23.47 6.38
C THR D 155 41.78 -23.43 6.73
N ASP D 156 42.63 -23.14 5.76
CA ASP D 156 44.05 -22.98 6.03
C ASP D 156 44.38 -21.69 6.77
N ASP D 157 43.44 -20.75 6.85
CA ASP D 157 43.66 -19.44 7.46
C ASP D 157 42.80 -19.20 8.69
N ILE D 158 41.52 -19.55 8.64
CA ILE D 158 40.58 -19.28 9.73
C ILE D 158 39.82 -20.56 10.06
N GLU D 159 39.60 -20.79 11.35
CA GLU D 159 38.86 -21.96 11.84
C GLU D 159 37.79 -21.48 12.82
N PHE D 160 36.53 -21.56 12.41
CA PHE D 160 35.44 -21.20 13.29
C PHE D 160 35.20 -22.28 14.34
N TYR D 161 34.68 -21.85 15.49
CA TYR D 161 34.14 -22.80 16.46
C TYR D 161 33.14 -22.06 17.34
N TRP D 162 32.29 -22.84 18.00
CA TRP D 162 31.31 -22.29 18.94
C TRP D 162 31.94 -22.17 20.31
N ARG D 163 31.97 -20.96 20.85
CA ARG D 163 32.56 -20.74 22.17
C ARG D 163 31.57 -21.13 23.25
N GLY D 164 32.00 -22.01 24.15
CA GLY D 164 31.13 -22.55 25.17
C GLY D 164 30.34 -23.77 24.75
N GLY D 165 30.57 -24.30 23.55
CA GLY D 165 29.86 -25.49 23.13
C GLY D 165 28.38 -25.23 22.94
N ASP D 166 27.56 -26.19 23.38
CA ASP D 166 26.12 -26.07 23.25
C ASP D 166 25.55 -24.89 24.02
N LYS D 167 26.27 -24.37 25.00
CA LYS D 167 25.86 -23.19 25.75
C LYS D 167 26.25 -21.89 25.04
N ALA D 168 26.72 -21.95 23.79
CA ALA D 168 27.11 -20.74 23.09
C ALA D 168 25.91 -19.83 22.85
N VAL D 169 24.86 -20.37 22.25
CA VAL D 169 23.67 -19.58 21.91
C VAL D 169 22.76 -19.51 23.12
N THR D 170 22.36 -18.29 23.49
CA THR D 170 21.57 -18.04 24.68
C THR D 170 20.42 -17.11 24.33
N GLY D 171 19.40 -17.10 25.19
CA GLY D 171 18.24 -16.26 25.03
C GLY D 171 17.13 -16.84 24.18
N VAL D 172 17.33 -18.04 23.62
CA VAL D 172 16.28 -18.65 22.80
C VAL D 172 15.07 -18.98 23.66
N GLU D 173 15.31 -19.40 24.90
CA GLU D 173 14.20 -19.77 25.79
C GLU D 173 13.28 -18.60 26.11
N ARG D 174 13.77 -17.37 26.01
CA ARG D 174 12.98 -16.19 26.33
C ARG D 174 12.05 -15.75 25.22
N ILE D 175 12.22 -16.26 24.00
CA ILE D 175 11.44 -15.80 22.86
C ILE D 175 10.07 -16.47 22.87
N GLU D 176 9.01 -15.67 22.79
CA GLU D 176 7.63 -16.15 22.67
C GLU D 176 7.07 -15.54 21.39
N LEU D 177 7.18 -16.29 20.29
CA LEU D 177 6.56 -15.83 19.05
C LEU D 177 5.04 -15.94 19.17
N PRO D 178 4.29 -15.08 18.49
CA PRO D 178 2.82 -15.16 18.62
C PRO D 178 2.24 -16.36 17.88
N GLN D 179 2.82 -16.75 16.76
CA GLN D 179 2.35 -17.88 15.97
C GLN D 179 3.09 -19.16 16.32
N PHE D 180 4.42 -19.11 16.36
CA PHE D 180 5.25 -20.30 16.49
C PHE D 180 5.72 -20.50 17.93
N SER D 181 6.27 -21.67 18.17
CA SER D 181 6.99 -21.98 19.40
C SER D 181 8.25 -22.76 19.02
N ILE D 182 9.36 -22.41 19.64
CA ILE D 182 10.65 -23.01 19.30
C ILE D 182 10.75 -24.34 20.06
N VAL D 183 10.55 -25.45 19.35
CA VAL D 183 10.66 -26.76 19.99
C VAL D 183 12.08 -26.99 20.48
N GLU D 184 13.06 -26.69 19.63
CA GLU D 184 14.46 -26.82 20.03
C GLU D 184 15.32 -26.01 19.08
N HIS D 185 16.58 -25.81 19.48
CA HIS D 185 17.59 -25.18 18.67
C HIS D 185 18.84 -26.05 18.67
N ARG D 186 19.65 -25.89 17.63
CA ARG D 186 20.79 -26.76 17.37
C ARG D 186 21.95 -25.96 16.81
N LEU D 187 23.16 -26.35 17.19
CA LEU D 187 24.40 -25.77 16.70
C LEU D 187 25.18 -26.85 15.96
N VAL D 188 25.74 -26.49 14.81
CA VAL D 188 26.53 -27.40 13.98
C VAL D 188 27.76 -26.66 13.49
N SER D 189 28.89 -27.36 13.45
CA SER D 189 30.13 -26.85 12.88
C SER D 189 30.66 -27.85 11.86
N ARG D 190 31.05 -27.36 10.70
CA ARG D 190 31.51 -28.23 9.62
C ARG D 190 32.35 -27.39 8.65
N ASN D 191 32.69 -28.00 7.51
CA ASN D 191 33.43 -27.34 6.44
C ASN D 191 32.65 -27.50 5.15
N VAL D 192 32.46 -26.40 4.44
CA VAL D 192 31.76 -26.36 3.16
C VAL D 192 32.78 -26.13 2.06
N VAL D 193 32.62 -26.84 0.95
CA VAL D 193 33.58 -26.83 -0.16
C VAL D 193 32.97 -26.05 -1.31
N PHE D 194 33.73 -25.10 -1.84
CA PHE D 194 33.37 -24.31 -3.01
C PHE D 194 34.45 -24.46 -4.07
N ALA D 195 34.25 -23.81 -5.21
CA ALA D 195 35.26 -23.85 -6.28
C ALA D 195 36.57 -23.25 -5.82
N THR D 196 36.51 -22.14 -5.08
CA THR D 196 37.74 -21.52 -4.57
C THR D 196 38.44 -22.43 -3.58
N GLY D 197 37.68 -23.08 -2.69
CA GLY D 197 38.27 -23.98 -1.72
C GLY D 197 37.31 -24.21 -0.57
N ALA D 198 37.81 -24.94 0.43
CA ALA D 198 37.03 -25.21 1.62
C ALA D 198 37.02 -24.00 2.54
N TYR D 199 35.92 -23.86 3.30
CA TYR D 199 35.75 -22.80 4.26
C TYR D 199 35.10 -23.36 5.52
N PRO D 200 35.34 -22.76 6.68
CA PRO D 200 34.60 -23.19 7.88
C PRO D 200 33.16 -22.71 7.82
N ARG D 201 32.31 -23.39 8.58
CA ARG D 201 30.87 -23.12 8.53
C ARG D 201 30.27 -23.43 9.88
N LEU D 202 29.49 -22.48 10.42
CA LEU D 202 28.66 -22.68 11.59
C LEU D 202 27.20 -22.53 11.19
N SER D 203 26.34 -23.34 11.78
CA SER D 203 24.91 -23.31 11.51
C SER D 203 24.15 -23.29 12.82
N LEU D 204 23.23 -22.33 12.95
CA LEU D 204 22.35 -22.20 14.12
C LEU D 204 20.93 -22.40 13.62
N SER D 205 20.33 -23.53 13.98
CA SER D 205 19.03 -23.92 13.47
C SER D 205 17.99 -23.88 14.59
N PHE D 206 16.77 -23.49 14.23
CA PHE D 206 15.61 -23.54 15.11
C PHE D 206 14.53 -24.37 14.46
N ARG D 207 13.89 -25.24 15.26
CA ARG D 207 12.76 -26.05 14.82
C ARG D 207 11.49 -25.41 15.37
N LEU D 208 10.82 -24.62 14.53
CA LEU D 208 9.61 -23.92 14.92
C LEU D 208 8.39 -24.79 14.66
N LYS D 209 7.44 -24.76 15.60
CA LYS D 209 6.18 -25.47 15.48
C LYS D 209 5.04 -24.45 15.56
N ARG D 210 4.15 -24.47 14.59
CA ARG D 210 3.07 -23.50 14.52
C ARG D 210 1.98 -23.81 15.55
N ASN D 211 1.30 -22.76 15.98
CA ASN D 211 0.15 -22.88 16.88
C ASN D 211 -1.13 -22.86 16.06
N ILE D 212 -2.12 -23.66 16.49
CA ILE D 212 -3.33 -23.90 15.71
C ILE D 212 -4.52 -23.10 16.22
N GLY D 213 -4.38 -22.34 17.30
CA GLY D 213 -5.52 -21.61 17.84
C GLY D 213 -6.03 -20.55 16.89
N TYR D 214 -5.11 -19.78 16.28
CA TYR D 214 -5.53 -18.74 15.35
C TYR D 214 -6.25 -19.32 14.15
N PHE D 215 -5.74 -20.42 13.60
CA PHE D 215 -6.39 -21.03 12.45
C PHE D 215 -7.73 -21.64 12.82
N ILE D 216 -7.82 -22.23 14.02
CA ILE D 216 -9.09 -22.78 14.49
C ILE D 216 -10.12 -21.66 14.59
N LEU D 217 -9.73 -20.50 15.11
CA LEU D 217 -10.66 -19.39 15.21
C LEU D 217 -11.00 -18.79 13.86
N GLN D 218 -10.05 -18.79 12.93
CA GLN D 218 -10.20 -18.04 11.68
C GLN D 218 -10.86 -18.86 10.57
N THR D 219 -10.27 -20.00 10.20
CA THR D 219 -10.69 -20.75 9.02
C THR D 219 -11.55 -21.96 9.36
N TYR D 220 -11.09 -22.82 10.27
CA TYR D 220 -11.77 -24.08 10.51
C TYR D 220 -13.18 -23.85 11.03
N MET D 221 -13.30 -23.22 12.20
CA MET D 221 -14.58 -23.17 12.90
C MET D 221 -15.71 -22.60 12.05
N PRO D 222 -15.51 -21.53 11.26
CA PRO D 222 -16.53 -21.19 10.26
C PRO D 222 -16.83 -22.33 9.29
N SER D 223 -15.83 -23.12 8.90
CA SER D 223 -16.07 -24.18 7.92
C SER D 223 -16.99 -25.26 8.49
N ILE D 224 -16.69 -25.75 9.71
CA ILE D 224 -17.58 -26.73 10.32
C ILE D 224 -18.96 -26.13 10.56
N LEU D 225 -19.03 -24.90 11.09
CA LEU D 225 -20.34 -24.35 11.39
C LEU D 225 -21.18 -24.15 10.12
N ILE D 226 -20.54 -23.77 9.01
CA ILE D 226 -21.25 -23.73 7.75
C ILE D 226 -21.65 -25.12 7.29
N THR D 227 -20.84 -26.14 7.60
CA THR D 227 -21.20 -27.50 7.22
C THR D 227 -22.46 -27.95 7.96
N ILE D 228 -22.56 -27.67 9.26
CA ILE D 228 -23.82 -27.94 9.97
C ILE D 228 -24.95 -27.07 9.43
N LEU D 229 -24.66 -25.84 9.01
CA LEU D 229 -25.69 -25.00 8.41
C LEU D 229 -26.25 -25.67 7.17
N SER D 230 -25.40 -26.29 6.36
CA SER D 230 -25.84 -26.85 5.10
C SER D 230 -26.84 -27.99 5.28
N TRP D 231 -26.77 -28.71 6.39
CA TRP D 231 -27.64 -29.86 6.60
C TRP D 231 -29.04 -29.49 7.05
N VAL D 232 -29.31 -28.20 7.32
CA VAL D 232 -30.67 -27.81 7.67
C VAL D 232 -31.63 -28.02 6.51
N SER D 233 -31.12 -28.03 5.28
CA SER D 233 -31.98 -28.22 4.11
C SER D 233 -32.66 -29.58 4.10
N PHE D 234 -32.09 -30.58 4.77
CA PHE D 234 -32.72 -31.90 4.81
C PHE D 234 -34.06 -31.86 5.53
N TRP D 235 -34.14 -31.05 6.61
CA TRP D 235 -35.34 -31.00 7.42
C TRP D 235 -36.45 -30.17 6.81
N ILE D 236 -36.18 -29.41 5.75
CA ILE D 236 -37.19 -28.62 5.06
C ILE D 236 -37.86 -29.51 4.02
N ASN D 237 -39.16 -29.30 3.82
CA ASN D 237 -39.92 -30.12 2.89
C ASN D 237 -39.41 -29.95 1.47
N TYR D 238 -39.58 -31.00 0.66
CA TYR D 238 -39.10 -30.97 -0.71
C TYR D 238 -39.82 -29.90 -1.53
N ASP D 239 -41.12 -29.70 -1.28
CA ASP D 239 -41.89 -28.75 -2.09
C ASP D 239 -41.45 -27.32 -1.86
N ALA D 240 -40.91 -27.00 -0.69
CA ALA D 240 -40.39 -25.66 -0.40
C ALA D 240 -39.00 -25.54 -1.05
N SER D 241 -39.01 -25.27 -2.35
CA SER D 241 -37.77 -25.29 -3.12
C SER D 241 -36.90 -24.08 -2.84
N ALA D 242 -37.51 -22.90 -2.69
CA ALA D 242 -36.75 -21.67 -2.57
C ALA D 242 -35.88 -21.68 -1.32
N ALA D 243 -36.43 -22.18 -0.20
CA ALA D 243 -35.68 -22.19 1.05
C ALA D 243 -34.43 -23.07 0.93
N ARG D 244 -34.60 -24.30 0.46
CA ARG D 244 -33.46 -25.21 0.36
C ARG D 244 -32.43 -24.70 -0.63
N VAL D 245 -32.87 -24.13 -1.75
CA VAL D 245 -31.94 -23.56 -2.73
C VAL D 245 -31.17 -22.39 -2.16
N ALA D 246 -31.86 -21.49 -1.45
CA ALA D 246 -31.17 -20.37 -0.84
C ALA D 246 -30.14 -20.85 0.18
N LEU D 247 -30.51 -21.86 0.97
CA LEU D 247 -29.59 -22.39 1.97
C LEU D 247 -28.34 -22.99 1.30
N GLY D 248 -28.54 -23.85 0.30
CA GLY D 248 -27.41 -24.47 -0.36
C GLY D 248 -26.50 -23.46 -1.04
N ILE D 249 -27.10 -22.51 -1.76
CA ILE D 249 -26.29 -21.54 -2.49
C ILE D 249 -25.54 -20.63 -1.52
N THR D 250 -26.18 -20.25 -0.42
CA THR D 250 -25.50 -19.41 0.57
C THR D 250 -24.35 -20.16 1.23
N THR D 251 -24.54 -21.46 1.50
CA THR D 251 -23.44 -22.23 2.07
C THR D 251 -22.27 -22.31 1.10
N VAL D 252 -22.55 -22.53 -0.18
CA VAL D 252 -21.49 -22.57 -1.18
C VAL D 252 -20.77 -21.23 -1.25
N LEU D 253 -21.53 -20.13 -1.24
CA LEU D 253 -20.93 -18.80 -1.29
C LEU D 253 -20.05 -18.55 -0.07
N THR D 254 -20.50 -18.97 1.11
CA THR D 254 -19.70 -18.74 2.32
C THR D 254 -18.42 -19.59 2.30
N MET D 255 -18.51 -20.82 1.78
CA MET D 255 -17.29 -21.61 1.62
C MET D 255 -16.31 -20.92 0.68
N THR D 256 -16.81 -20.39 -0.44
CA THR D 256 -15.95 -19.71 -1.39
C THR D 256 -15.30 -18.46 -0.78
N THR D 257 -16.08 -17.66 -0.05
CA THR D 257 -15.50 -16.44 0.50
C THR D 257 -14.54 -16.73 1.64
N ILE D 258 -14.78 -17.79 2.42
CA ILE D 258 -13.78 -18.21 3.40
C ILE D 258 -12.49 -18.60 2.68
N ASN D 259 -12.62 -19.37 1.60
CA ASN D 259 -11.44 -19.82 0.88
C ASN D 259 -10.65 -18.67 0.27
N THR D 260 -11.34 -17.68 -0.31
CA THR D 260 -10.61 -16.60 -0.96
C THR D 260 -10.00 -15.65 0.06
N HIS D 261 -10.71 -15.40 1.17
CA HIS D 261 -10.10 -14.58 2.22
C HIS D 261 -8.96 -15.30 2.92
N LEU D 262 -8.90 -16.64 2.82
CA LEU D 262 -7.70 -17.34 3.25
C LEU D 262 -6.57 -17.16 2.24
N ARG D 263 -6.83 -17.45 0.97
CA ARG D 263 -5.74 -17.49 -0.01
C ARG D 263 -5.20 -16.11 -0.34
N GLU D 264 -5.92 -15.04 0.00
CA GLU D 264 -5.41 -13.70 -0.27
C GLU D 264 -4.12 -13.39 0.50
N THR D 265 -3.89 -14.07 1.62
CA THR D 265 -2.77 -13.78 2.52
C THR D 265 -1.81 -14.96 2.62
N LEU D 266 -1.49 -15.59 1.50
CA LEU D 266 -0.54 -16.69 1.45
C LEU D 266 0.21 -16.63 0.14
N PRO D 267 1.40 -17.22 0.07
CA PRO D 267 2.15 -17.23 -1.21
C PRO D 267 1.49 -18.13 -2.23
N LYS D 268 2.01 -18.07 -3.46
CA LYS D 268 1.45 -18.79 -4.60
C LYS D 268 2.13 -20.16 -4.75
N ILE D 269 2.05 -20.96 -3.71
CA ILE D 269 2.63 -22.30 -3.70
C ILE D 269 1.82 -23.22 -4.61
N PRO D 270 2.43 -24.20 -5.27
CA PRO D 270 1.71 -24.99 -6.28
C PRO D 270 1.06 -26.28 -5.79
N TYR D 271 1.05 -26.55 -4.49
CA TYR D 271 0.54 -27.81 -3.96
C TYR D 271 -0.50 -27.54 -2.86
N VAL D 272 -1.41 -28.50 -2.69
CA VAL D 272 -2.50 -28.34 -1.73
C VAL D 272 -1.97 -28.46 -0.31
N LYS D 273 -2.42 -27.55 0.55
CA LYS D 273 -2.12 -27.59 1.97
C LYS D 273 -3.18 -28.40 2.71
N ALA D 274 -2.93 -28.63 4.01
CA ALA D 274 -3.93 -29.30 4.83
C ALA D 274 -5.20 -28.48 4.95
N ILE D 275 -5.06 -27.17 5.14
CA ILE D 275 -6.23 -26.30 5.23
C ILE D 275 -6.97 -26.27 3.91
N ASP D 276 -6.23 -26.29 2.79
CA ASP D 276 -6.88 -26.35 1.49
C ASP D 276 -7.65 -27.65 1.33
N MET D 277 -7.07 -28.77 1.77
CA MET D 277 -7.77 -30.05 1.70
C MET D 277 -9.04 -30.02 2.54
N TYR D 278 -8.96 -29.44 3.73
CA TYR D 278 -10.15 -29.35 4.59
C TYR D 278 -11.23 -28.49 3.95
N LEU D 279 -10.84 -27.36 3.36
CA LEU D 279 -11.81 -26.49 2.70
C LEU D 279 -12.43 -27.18 1.51
N MET D 280 -11.64 -27.92 0.72
CA MET D 280 -12.19 -28.68 -0.38
C MET D 280 -13.16 -29.74 0.11
N GLY D 281 -12.85 -30.40 1.23
CA GLY D 281 -13.77 -31.37 1.78
C GLY D 281 -15.10 -30.77 2.18
N CYS D 282 -15.04 -29.62 2.88
CA CYS D 282 -16.27 -28.93 3.27
C CYS D 282 -17.07 -28.49 2.05
N PHE D 283 -16.37 -27.97 1.03
CA PHE D 283 -17.04 -27.57 -0.20
C PHE D 283 -17.72 -28.76 -0.85
N VAL D 284 -17.04 -29.91 -0.88
CA VAL D 284 -17.63 -31.11 -1.46
C VAL D 284 -18.87 -31.53 -0.69
N PHE D 285 -18.82 -31.43 0.65
CA PHE D 285 -19.97 -31.82 1.45
C PHE D 285 -21.18 -30.94 1.16
N VAL D 286 -20.99 -29.61 1.14
CA VAL D 286 -22.12 -28.74 0.85
C VAL D 286 -22.60 -28.94 -0.58
N PHE D 287 -21.67 -29.21 -1.51
CA PHE D 287 -22.07 -29.48 -2.89
C PHE D 287 -22.94 -30.72 -2.98
N LEU D 288 -22.57 -31.79 -2.27
CA LEU D 288 -23.42 -32.98 -2.25
C LEU D 288 -24.76 -32.70 -1.60
N ALA D 289 -24.81 -31.83 -0.59
CA ALA D 289 -26.11 -31.47 -0.02
C ALA D 289 -27.01 -30.81 -1.06
N LEU D 290 -26.47 -29.83 -1.79
CA LEU D 290 -27.28 -29.18 -2.82
C LEU D 290 -27.65 -30.17 -3.92
N LEU D 291 -26.72 -31.04 -4.31
CA LEU D 291 -26.98 -31.97 -5.40
C LEU D 291 -28.00 -33.04 -5.00
N GLU D 292 -28.00 -33.47 -3.73
CA GLU D 292 -29.00 -34.46 -3.34
C GLU D 292 -30.36 -33.81 -3.19
N TYR D 293 -30.42 -32.52 -2.82
CA TYR D 293 -31.70 -31.83 -2.94
C TYR D 293 -32.18 -31.80 -4.37
N ALA D 294 -31.27 -31.50 -5.32
CA ALA D 294 -31.65 -31.50 -6.73
C ALA D 294 -32.13 -32.89 -7.16
N PHE D 295 -31.47 -33.93 -6.65
CA PHE D 295 -31.86 -35.30 -6.97
C PHE D 295 -33.26 -35.61 -6.45
N VAL D 296 -33.57 -35.16 -5.23
CA VAL D 296 -34.91 -35.36 -4.68
C VAL D 296 -35.95 -34.64 -5.52
N ASN D 297 -35.64 -33.39 -5.93
CA ASN D 297 -36.57 -32.64 -6.76
C ASN D 297 -36.80 -33.33 -8.10
N TYR D 298 -35.72 -33.86 -8.71
CA TYR D 298 -35.86 -34.56 -9.97
C TYR D 298 -36.65 -35.86 -9.81
N ILE D 299 -36.48 -36.54 -8.68
CA ILE D 299 -37.23 -37.77 -8.43
C ILE D 299 -38.71 -37.46 -8.32
N PHE D 300 -39.05 -36.41 -7.58
CA PHE D 300 -40.47 -36.10 -7.39
C PHE D 300 -41.09 -35.56 -8.67
N PHE D 301 -40.58 -34.43 -9.16
CA PHE D 301 -41.21 -33.75 -10.28
C PHE D 301 -40.80 -34.33 -11.64
N GLY D 302 -39.64 -34.98 -11.73
CA GLY D 302 -39.19 -35.51 -13.00
C GLY D 302 -39.72 -36.90 -13.31
N ARG D 303 -39.45 -37.86 -12.44
CA ARG D 303 -39.86 -39.24 -12.64
C ARG D 303 -41.26 -39.54 -12.08
N GLY D 304 -41.86 -38.60 -11.36
CA GLY D 304 -43.14 -38.79 -10.73
C GLY D 304 -44.26 -39.19 -11.69
N PRO D 305 -44.59 -38.31 -12.65
CA PRO D 305 -45.68 -38.65 -13.57
C PRO D 305 -45.39 -39.87 -14.42
N GLN D 306 -44.14 -40.08 -14.82
CA GLN D 306 -43.81 -41.27 -15.59
C GLN D 306 -44.06 -42.54 -14.78
N ARG D 307 -43.60 -42.56 -13.54
CA ARG D 307 -43.84 -43.72 -12.69
C ARG D 307 -45.32 -43.93 -12.43
N GLN D 308 -46.06 -42.84 -12.20
CA GLN D 308 -47.49 -42.97 -11.93
C GLN D 308 -48.23 -43.51 -13.14
N LYS D 309 -47.87 -43.05 -14.34
CA LYS D 309 -48.46 -43.60 -15.55
C LYS D 309 -48.09 -45.06 -15.73
N LYS D 310 -46.85 -45.43 -15.36
CA LYS D 310 -46.45 -46.83 -15.43
C LYS D 310 -47.32 -47.69 -14.52
N LEU D 311 -47.59 -47.20 -13.31
CA LEU D 311 -48.51 -47.90 -12.40
C LEU D 311 -49.93 -47.85 -12.95
N ILE D 406 -24.63 -48.97 6.35
CA ILE D 406 -26.05 -48.72 6.24
C ILE D 406 -26.51 -48.96 4.81
N LYS D 407 -27.64 -49.62 4.64
CA LYS D 407 -28.18 -49.90 3.32
C LYS D 407 -28.77 -48.63 2.72
N ILE D 408 -28.69 -48.53 1.39
CA ILE D 408 -29.20 -47.36 0.67
C ILE D 408 -30.73 -47.35 0.77
N PRO D 409 -31.38 -46.19 0.65
CA PRO D 409 -32.85 -46.17 0.75
C PRO D 409 -33.52 -46.52 -0.56
N ASP D 410 -34.85 -46.48 -0.58
CA ASP D 410 -35.60 -46.64 -1.82
C ASP D 410 -35.67 -45.30 -2.54
N LEU D 411 -35.47 -45.33 -3.85
CA LEU D 411 -35.32 -44.11 -4.65
C LEU D 411 -36.66 -43.53 -5.11
N THR D 412 -37.78 -43.95 -4.51
CA THR D 412 -39.09 -43.39 -4.80
C THR D 412 -39.61 -42.46 -3.72
N ASP D 413 -39.23 -42.69 -2.46
CA ASP D 413 -39.76 -41.93 -1.33
C ASP D 413 -38.80 -40.80 -0.98
N VAL D 414 -39.21 -39.57 -1.28
CA VAL D 414 -38.38 -38.40 -0.99
C VAL D 414 -38.18 -38.25 0.52
N ASN D 415 -39.20 -38.60 1.31
CA ASN D 415 -39.05 -38.54 2.76
C ASN D 415 -37.98 -39.53 3.24
N ALA D 416 -37.97 -40.74 2.67
CA ALA D 416 -36.94 -41.70 3.02
C ALA D 416 -35.56 -41.21 2.61
N ILE D 417 -35.46 -40.58 1.42
CA ILE D 417 -34.18 -40.03 0.99
C ILE D 417 -33.72 -38.94 1.96
N ASP D 418 -34.65 -38.08 2.38
CA ASP D 418 -34.31 -37.03 3.32
C ASP D 418 -33.83 -37.59 4.66
N ARG D 419 -34.51 -38.63 5.16
CA ARG D 419 -34.08 -39.26 6.41
C ARG D 419 -32.70 -39.88 6.26
N TRP D 420 -32.45 -40.56 5.14
CA TRP D 420 -31.15 -41.16 4.89
C TRP D 420 -30.06 -40.10 4.85
N SER D 421 -30.32 -38.98 4.18
CA SER D 421 -29.36 -37.89 4.17
C SER D 421 -29.14 -37.33 5.57
N ARG D 422 -30.22 -37.19 6.35
CA ARG D 422 -30.13 -36.68 7.71
C ARG D 422 -29.20 -37.54 8.56
N ILE D 423 -29.32 -38.86 8.43
CA ILE D 423 -28.51 -39.75 9.27
C ILE D 423 -27.11 -39.98 8.70
N VAL D 424 -26.90 -39.77 7.40
CA VAL D 424 -25.63 -40.10 6.77
C VAL D 424 -24.68 -38.90 6.75
N PHE D 425 -25.18 -37.69 6.44
CA PHE D 425 -24.27 -36.55 6.28
C PHE D 425 -23.50 -36.23 7.56
N PRO D 426 -24.12 -36.14 8.75
CA PRO D 426 -23.31 -35.95 9.96
C PRO D 426 -22.32 -37.08 10.20
N PHE D 427 -22.70 -38.32 9.91
CA PHE D 427 -21.78 -39.43 10.12
C PHE D 427 -20.57 -39.34 9.20
N THR D 428 -20.82 -39.06 7.91
CA THR D 428 -19.72 -38.95 6.96
C THR D 428 -18.82 -37.77 7.29
N PHE D 429 -19.42 -36.65 7.70
CA PHE D 429 -18.61 -35.49 8.07
C PHE D 429 -17.76 -35.78 9.31
N SER D 430 -18.33 -36.46 10.30
CA SER D 430 -17.57 -36.82 11.49
C SER D 430 -16.42 -37.77 11.14
N LEU D 431 -16.68 -38.74 10.26
CA LEU D 431 -15.62 -39.65 9.84
C LEU D 431 -14.51 -38.90 9.10
N PHE D 432 -14.90 -37.96 8.23
CA PHE D 432 -13.91 -37.17 7.50
C PHE D 432 -13.06 -36.35 8.45
N ASN D 433 -13.70 -35.70 9.43
CA ASN D 433 -12.95 -34.94 10.43
C ASN D 433 -12.02 -35.85 11.22
N LEU D 434 -12.50 -37.04 11.59
CA LEU D 434 -11.68 -37.96 12.38
C LEU D 434 -10.43 -38.36 11.62
N VAL D 435 -10.59 -38.79 10.36
CA VAL D 435 -9.42 -39.21 9.60
C VAL D 435 -8.51 -38.03 9.32
N TYR D 436 -9.08 -36.84 9.06
CA TYR D 436 -8.25 -35.67 8.79
C TYR D 436 -7.38 -35.30 9.99
N TRP D 437 -7.98 -35.22 11.18
CA TRP D 437 -7.21 -34.86 12.36
C TRP D 437 -6.21 -35.96 12.72
N LEU D 438 -6.63 -37.23 12.66
CA LEU D 438 -5.71 -38.30 13.01
C LEU D 438 -4.60 -38.50 12.00
N TYR D 439 -4.76 -37.96 10.79
CA TYR D 439 -3.69 -38.01 9.79
C TYR D 439 -2.73 -36.82 9.92
N TYR D 440 -3.27 -35.61 10.08
CA TYR D 440 -2.45 -34.41 10.13
C TYR D 440 -1.98 -34.05 11.53
N VAL D 441 -2.33 -34.83 12.55
CA VAL D 441 -1.87 -34.59 13.91
C VAL D 441 -1.33 -35.89 14.49
N GLY E 1 55.09 5.35 -16.34
CA GLY E 1 54.08 5.24 -17.37
C GLY E 1 53.76 6.58 -18.02
N ASP E 2 53.63 6.56 -19.35
CA ASP E 2 53.33 7.79 -20.08
C ASP E 2 51.98 8.36 -19.66
N VAL E 3 50.97 7.49 -19.56
CA VAL E 3 49.64 7.95 -19.15
C VAL E 3 49.68 8.43 -17.69
N THR E 4 50.47 7.75 -16.85
CA THR E 4 50.58 8.16 -15.45
C THR E 4 51.17 9.57 -15.33
N VAL E 5 52.27 9.83 -16.04
CA VAL E 5 52.88 11.16 -15.96
C VAL E 5 51.96 12.20 -16.59
N ILE E 6 51.24 11.84 -17.65
CA ILE E 6 50.29 12.78 -18.25
C ILE E 6 49.21 13.16 -17.24
N LEU E 7 48.65 12.16 -16.56
CA LEU E 7 47.60 12.43 -15.58
C LEU E 7 48.14 13.26 -14.42
N ASN E 8 49.35 12.96 -13.96
CA ASN E 8 49.95 13.73 -12.87
C ASN E 8 50.16 15.18 -13.29
N ASN E 9 50.65 15.40 -14.50
CA ASN E 9 50.83 16.77 -14.99
C ASN E 9 49.50 17.49 -15.10
N LEU E 10 48.46 16.79 -15.57
CA LEU E 10 47.15 17.42 -15.68
C LEU E 10 46.59 17.80 -14.32
N LEU E 11 46.74 16.92 -13.33
CA LEU E 11 46.22 17.19 -11.99
C LEU E 11 47.09 18.14 -11.19
N GLU E 12 48.32 18.40 -11.61
CA GLU E 12 49.17 19.37 -10.92
C GLU E 12 48.54 20.76 -11.01
N GLY E 13 48.23 21.34 -9.87
CA GLY E 13 47.63 22.67 -9.82
C GLY E 13 46.18 22.74 -10.21
N TYR E 14 45.50 21.61 -10.35
CA TYR E 14 44.09 21.59 -10.74
C TYR E 14 43.20 21.67 -9.51
N ASP E 15 42.11 22.43 -9.63
CA ASP E 15 41.10 22.56 -8.59
C ASP E 15 39.75 22.22 -9.19
N ASN E 16 39.07 21.23 -8.59
CA ASN E 16 37.74 20.83 -9.03
C ASN E 16 36.64 21.72 -8.46
N LYS E 17 36.98 22.73 -7.66
CA LYS E 17 35.97 23.64 -7.13
C LYS E 17 35.47 24.61 -8.19
N LEU E 18 36.37 25.09 -9.05
CA LEU E 18 36.06 26.11 -10.03
C LEU E 18 35.72 25.46 -11.37
N ARG E 19 34.64 25.93 -12.00
CA ARG E 19 34.32 25.47 -13.33
C ARG E 19 35.33 26.04 -14.32
N PRO E 20 35.52 25.39 -15.47
CA PRO E 20 36.41 25.96 -16.49
C PRO E 20 35.86 27.28 -17.01
N ASP E 21 36.75 28.22 -17.29
CA ASP E 21 36.39 29.54 -17.80
C ASP E 21 35.41 30.23 -16.83
N ILE E 22 35.90 30.42 -15.59
CA ILE E 22 35.04 30.96 -14.53
C ILE E 22 34.61 32.39 -14.86
N GLY E 23 35.51 33.17 -15.47
CA GLY E 23 35.26 34.58 -15.75
C GLY E 23 35.59 34.97 -17.17
N VAL E 24 35.33 34.07 -18.12
CA VAL E 24 35.61 34.32 -19.54
C VAL E 24 34.32 34.20 -20.33
N LYS E 25 33.69 33.02 -20.30
CA LYS E 25 32.46 32.78 -21.04
C LYS E 25 31.73 31.61 -20.40
N PRO E 26 30.45 31.43 -20.69
CA PRO E 26 29.74 30.27 -20.13
C PRO E 26 30.30 28.97 -20.68
N THR E 27 30.25 27.94 -19.84
CA THR E 27 30.63 26.59 -20.25
C THR E 27 29.47 25.94 -20.99
N LEU E 28 29.75 25.43 -22.21
CA LEU E 28 28.67 24.82 -23.01
C LEU E 28 28.74 23.30 -22.84
N ILE E 29 27.69 22.72 -22.24
CA ILE E 29 27.66 21.25 -22.04
C ILE E 29 26.65 20.63 -23.02
N HIS E 30 27.10 19.74 -23.89
CA HIS E 30 26.21 19.12 -24.90
C HIS E 30 25.66 17.82 -24.30
N THR E 31 24.35 17.75 -24.08
CA THR E 31 23.79 16.57 -23.41
C THR E 31 23.28 15.59 -24.42
N ASP E 32 23.41 14.29 -24.12
CA ASP E 32 22.85 13.20 -24.99
C ASP E 32 22.20 12.23 -24.01
N MET E 33 21.61 11.14 -24.49
CA MET E 33 20.87 10.23 -23.59
C MET E 33 20.41 8.99 -24.36
N TYR E 34 20.50 7.80 -23.78
CA TYR E 34 19.98 6.57 -24.41
C TYR E 34 19.01 5.94 -23.47
N VAL E 35 17.71 6.04 -23.73
CA VAL E 35 16.67 5.55 -22.83
C VAL E 35 16.62 4.04 -22.95
N ASN E 36 17.09 3.33 -21.92
CA ASN E 36 17.03 1.87 -21.91
C ASN E 36 15.59 1.39 -21.87
N SER E 37 14.80 1.90 -20.92
CA SER E 37 13.43 1.47 -20.74
C SER E 37 12.69 2.48 -19.89
N ILE E 38 11.58 2.98 -20.41
CA ILE E 38 10.67 3.83 -19.63
C ILE E 38 9.83 2.89 -18.78
N GLY E 39 10.04 2.93 -17.47
CA GLY E 39 9.38 2.02 -16.56
C GLY E 39 7.89 2.21 -16.51
N PRO E 40 7.21 1.47 -15.64
CA PRO E 40 5.74 1.55 -15.58
C PRO E 40 5.28 2.93 -15.13
N VAL E 41 4.16 3.37 -15.69
CA VAL E 41 3.55 4.65 -15.34
C VAL E 41 2.64 4.40 -14.14
N ASN E 42 3.08 4.85 -12.96
CA ASN E 42 2.35 4.63 -11.72
C ASN E 42 1.37 5.79 -11.56
N ALA E 43 0.08 5.50 -11.77
CA ALA E 43 -0.92 6.56 -11.78
C ALA E 43 -1.25 7.06 -10.39
N ILE E 44 -1.10 6.22 -9.36
CA ILE E 44 -1.48 6.61 -8.02
C ILE E 44 -0.64 7.80 -7.55
N ASN E 45 0.68 7.69 -7.70
CA ASN E 45 1.60 8.75 -7.34
C ASN E 45 1.82 9.76 -8.46
N MET E 46 1.25 9.53 -9.64
CA MET E 46 1.42 10.42 -10.80
C MET E 46 2.91 10.55 -11.14
N GLU E 47 3.53 9.42 -11.44
CA GLU E 47 4.96 9.37 -11.72
C GLU E 47 5.24 8.20 -12.65
N TYR E 48 6.42 8.24 -13.27
CA TYR E 48 6.89 7.17 -14.12
C TYR E 48 8.38 7.00 -13.93
N THR E 49 8.85 5.77 -14.07
CA THR E 49 10.25 5.43 -13.92
C THR E 49 10.92 5.36 -15.28
N ILE E 50 12.21 5.68 -15.32
CA ILE E 50 12.97 5.70 -16.57
C ILE E 50 14.43 5.43 -16.26
N ASP E 51 15.03 4.51 -17.03
CA ASP E 51 16.45 4.18 -16.93
C ASP E 51 17.15 4.74 -18.15
N ILE E 52 18.25 5.47 -17.92
CA ILE E 52 18.94 6.17 -18.98
C ILE E 52 20.45 6.04 -18.82
N PHE E 53 21.15 6.12 -19.95
CA PHE E 53 22.56 6.48 -19.99
C PHE E 53 22.62 7.94 -20.37
N PHE E 54 23.15 8.77 -19.46
CA PHE E 54 23.20 10.22 -19.62
C PHE E 54 24.64 10.63 -19.83
N ALA E 55 24.90 11.34 -20.93
CA ALA E 55 26.25 11.74 -21.31
C ALA E 55 26.31 13.25 -21.46
N GLN E 56 27.41 13.84 -21.01
CA GLN E 56 27.65 15.27 -21.07
C GLN E 56 29.06 15.51 -21.58
N THR E 57 29.17 16.33 -22.63
CA THR E 57 30.46 16.70 -23.22
C THR E 57 30.71 18.17 -23.01
N TRP E 58 31.95 18.53 -22.73
CA TRP E 58 32.30 19.94 -22.57
C TRP E 58 33.81 20.09 -22.80
N TYR E 59 34.32 21.30 -22.59
CA TYR E 59 35.71 21.64 -22.85
C TYR E 59 36.34 22.21 -21.59
N ASP E 60 37.57 21.78 -21.31
CA ASP E 60 38.33 22.25 -20.16
C ASP E 60 39.78 22.44 -20.62
N ARG E 61 40.17 23.69 -20.82
CA ARG E 61 41.53 23.98 -21.29
C ARG E 61 42.60 23.53 -20.31
N ARG E 62 42.25 23.38 -19.02
CA ARG E 62 43.23 22.92 -18.05
C ARG E 62 43.68 21.48 -18.32
N LEU E 63 42.83 20.69 -18.98
CA LEU E 63 43.12 19.29 -19.28
C LEU E 63 43.76 19.09 -20.66
N LYS E 64 44.14 20.17 -21.34
CA LYS E 64 44.88 20.03 -22.59
C LYS E 64 46.23 19.37 -22.31
N PHE E 65 46.53 18.30 -23.05
CA PHE E 65 47.82 17.63 -22.96
C PHE E 65 48.31 17.32 -24.35
N ASN E 66 49.63 17.37 -24.52
CA ASN E 66 50.30 17.09 -25.79
C ASN E 66 51.01 15.75 -25.67
N SER E 67 50.59 14.78 -26.48
CA SER E 67 51.16 13.45 -26.41
C SER E 67 50.76 12.69 -27.67
N THR E 68 51.45 11.57 -27.91
CA THR E 68 51.08 10.70 -29.02
C THR E 68 49.76 9.98 -28.76
N ILE E 69 49.35 9.87 -27.50
CA ILE E 69 48.06 9.29 -27.16
C ILE E 69 46.99 10.35 -27.42
N LYS E 70 46.06 10.05 -28.32
CA LYS E 70 45.05 11.00 -28.73
C LYS E 70 43.85 11.06 -27.79
N VAL E 71 43.69 10.10 -26.88
CA VAL E 71 42.56 10.10 -25.96
C VAL E 71 42.91 9.25 -24.75
N LEU E 72 42.52 9.74 -23.58
CA LEU E 72 42.58 8.97 -22.33
C LEU E 72 41.18 8.45 -22.04
N ARG E 73 41.07 7.14 -21.85
CA ARG E 73 39.80 6.45 -21.66
C ARG E 73 39.79 5.93 -20.22
N LEU E 74 39.36 6.78 -19.29
CA LEU E 74 39.50 6.54 -17.87
C LEU E 74 38.20 5.95 -17.31
N ASN E 75 38.21 5.69 -16.01
CA ASN E 75 37.08 5.12 -15.28
C ASN E 75 36.62 6.11 -14.20
N SER E 76 35.74 5.64 -13.33
CA SER E 76 35.08 6.50 -12.34
C SER E 76 36.04 7.09 -11.30
N ASN E 77 37.32 6.71 -11.29
CA ASN E 77 38.24 7.24 -10.29
C ASN E 77 38.42 8.75 -10.45
N MET E 78 38.53 9.23 -11.67
CA MET E 78 38.82 10.64 -11.93
C MET E 78 37.57 11.52 -11.95
N VAL E 79 36.38 10.95 -11.84
CA VAL E 79 35.15 11.73 -11.84
C VAL E 79 35.14 12.69 -10.66
N GLY E 80 35.52 12.21 -9.48
CA GLY E 80 35.64 13.08 -8.33
C GLY E 80 36.88 13.95 -8.31
N LYS E 81 37.84 13.69 -9.20
CA LYS E 81 39.08 14.46 -9.22
C LYS E 81 39.02 15.66 -10.16
N ILE E 82 38.30 15.56 -11.28
CA ILE E 82 38.11 16.70 -12.18
C ILE E 82 36.79 17.38 -11.85
N TRP E 83 36.63 18.61 -12.33
CA TRP E 83 35.35 19.30 -12.20
C TRP E 83 34.31 18.62 -13.05
N ILE E 84 33.09 18.53 -12.51
CA ILE E 84 31.97 17.88 -13.19
C ILE E 84 30.76 18.81 -13.08
N PRO E 85 29.92 18.96 -14.11
CA PRO E 85 28.70 19.75 -13.92
C PRO E 85 27.80 19.14 -12.86
N ASP E 86 27.16 20.02 -12.10
CA ASP E 86 26.19 19.60 -11.07
C ASP E 86 24.79 19.55 -11.63
N THR E 87 24.64 18.85 -12.76
CA THR E 87 23.33 18.70 -13.39
C THR E 87 22.42 17.87 -12.49
N PHE E 88 21.17 18.32 -12.37
CA PHE E 88 20.17 17.63 -11.57
C PHE E 88 18.84 17.67 -12.30
N PHE E 89 18.03 16.65 -12.06
CA PHE E 89 16.73 16.52 -12.69
C PHE E 89 15.68 17.22 -11.83
N ARG E 90 15.01 18.21 -12.41
CA ARG E 90 14.13 19.09 -11.63
C ARG E 90 12.90 18.35 -11.15
N ASN E 91 12.25 17.58 -12.03
CA ASN E 91 10.99 16.92 -11.71
C ASN E 91 11.18 15.50 -11.20
N SER E 92 12.31 15.20 -10.57
CA SER E 92 12.58 13.87 -10.03
C SER E 92 12.04 13.77 -8.61
N LYS E 93 11.24 12.74 -8.36
CA LYS E 93 10.82 12.41 -7.00
C LYS E 93 11.80 11.49 -6.30
N LYS E 94 12.50 10.66 -7.07
CA LYS E 94 13.49 9.74 -6.52
C LYS E 94 14.42 9.31 -7.65
N ALA E 95 15.72 9.53 -7.46
CA ALA E 95 16.71 9.17 -8.46
C ALA E 95 17.95 8.61 -7.76
N ASP E 96 18.68 7.77 -8.48
CA ASP E 96 19.90 7.17 -7.95
C ASP E 96 20.72 6.61 -9.09
N ALA E 97 22.03 6.58 -8.90
CA ALA E 97 22.94 5.96 -9.85
C ALA E 97 23.04 4.46 -9.56
N HIS E 98 23.90 3.79 -10.33
CA HIS E 98 24.14 2.36 -10.19
C HIS E 98 25.57 2.14 -9.73
N TRP E 99 25.74 1.25 -8.73
CA TRP E 99 27.00 1.08 -8.04
C TRP E 99 27.52 -0.36 -8.04
N ILE E 100 26.91 -1.25 -8.82
CA ILE E 100 27.29 -2.66 -8.87
C ILE E 100 27.76 -2.97 -10.29
N THR E 101 28.95 -3.59 -10.45
CA THR E 101 29.92 -3.96 -9.42
C THR E 101 30.61 -2.71 -8.86
N THR E 102 30.84 -1.74 -9.75
CA THR E 102 31.43 -0.44 -9.41
C THR E 102 30.44 0.65 -9.82
N PRO E 103 30.72 1.92 -9.54
CA PRO E 103 29.90 2.99 -10.11
C PRO E 103 29.85 2.91 -11.63
N ASN E 104 28.62 2.97 -12.16
CA ASN E 104 28.39 2.91 -13.60
C ASN E 104 28.60 4.30 -14.20
N ARG E 105 29.88 4.67 -14.29
CA ARG E 105 30.31 5.96 -14.78
C ARG E 105 31.50 5.77 -15.70
N MET E 106 31.71 6.73 -16.60
CA MET E 106 32.74 6.66 -17.62
C MET E 106 33.25 8.07 -17.90
N LEU E 107 34.56 8.17 -18.09
CA LEU E 107 35.23 9.44 -18.37
C LEU E 107 36.18 9.27 -19.54
N ARG E 108 36.19 10.27 -20.43
CA ARG E 108 37.12 10.29 -21.55
C ARG E 108 37.62 11.72 -21.75
N ILE E 109 38.93 11.86 -21.89
CA ILE E 109 39.57 13.17 -22.02
C ILE E 109 40.45 13.16 -23.26
N TRP E 110 40.15 14.03 -24.21
CA TRP E 110 40.91 14.13 -25.45
C TRP E 110 42.04 15.15 -25.32
N ASN E 111 43.01 15.04 -26.22
CA ASN E 111 44.19 15.91 -26.17
C ASN E 111 43.85 17.36 -26.45
N ASP E 112 42.70 17.64 -27.08
CA ASP E 112 42.27 19.01 -27.32
C ASP E 112 41.56 19.63 -26.12
N GLY E 113 41.37 18.88 -25.03
CA GLY E 113 40.71 19.37 -23.85
C GLY E 113 39.23 19.03 -23.75
N ARG E 114 38.72 18.14 -24.61
CA ARG E 114 37.32 17.77 -24.56
C ARG E 114 37.13 16.66 -23.53
N VAL E 115 36.15 16.84 -22.64
CA VAL E 115 35.82 15.88 -21.59
C VAL E 115 34.42 15.35 -21.86
N LEU E 116 34.29 14.03 -21.93
CA LEU E 116 33.02 13.34 -22.06
C LEU E 116 32.80 12.52 -20.79
N TYR E 117 31.67 12.75 -20.13
CA TYR E 117 31.34 12.10 -18.87
C TYR E 117 29.97 11.46 -19.01
N THR E 118 29.92 10.13 -18.88
CA THR E 118 28.70 9.35 -19.03
C THR E 118 28.41 8.63 -17.73
N LEU E 119 27.12 8.43 -17.44
CA LEU E 119 26.75 7.66 -16.26
C LEU E 119 25.36 7.07 -16.44
N ARG E 120 25.12 5.97 -15.72
CA ARG E 120 23.82 5.32 -15.72
C ARG E 120 22.96 5.88 -14.59
N LEU E 121 21.69 6.15 -14.90
CA LEU E 121 20.76 6.72 -13.94
C LEU E 121 19.41 6.02 -14.04
N THR E 122 18.74 5.93 -12.89
CA THR E 122 17.35 5.50 -12.81
C THR E 122 16.59 6.61 -12.09
N ILE E 123 15.55 7.13 -12.73
CA ILE E 123 14.86 8.33 -12.29
C ILE E 123 13.37 8.03 -12.17
N ASP E 124 12.79 8.40 -11.04
CA ASP E 124 11.35 8.36 -10.82
C ASP E 124 10.84 9.80 -10.91
N ALA E 125 10.41 10.20 -12.10
CA ALA E 125 10.03 11.57 -12.37
C ALA E 125 8.51 11.72 -12.30
N GLU E 126 8.07 12.84 -11.72
CA GLU E 126 6.65 13.12 -11.64
C GLU E 126 6.08 13.44 -13.02
N CYS E 127 4.81 13.08 -13.21
CA CYS E 127 4.11 13.34 -14.46
C CYS E 127 2.64 13.60 -14.10
N GLN E 128 2.25 14.87 -14.10
CA GLN E 128 0.90 15.25 -13.72
C GLN E 128 -0.08 14.75 -14.77
N LEU E 129 -0.87 13.74 -14.41
CA LEU E 129 -1.78 13.09 -15.34
C LEU E 129 -3.15 13.76 -15.30
N GLN E 130 -3.67 14.09 -16.48
CA GLN E 130 -5.04 14.58 -16.65
C GLN E 130 -5.88 13.39 -17.07
N LEU E 131 -6.65 12.84 -16.13
CA LEU E 131 -7.36 11.58 -16.32
C LEU E 131 -8.83 11.81 -16.65
N HIS E 132 -9.15 12.89 -17.36
CA HIS E 132 -10.54 13.12 -17.75
C HIS E 132 -10.99 12.10 -18.79
N ASN E 133 -10.12 11.73 -19.73
CA ASN E 133 -10.44 10.81 -20.81
C ASN E 133 -9.99 9.39 -20.53
N PHE E 134 -9.74 9.05 -19.27
CA PHE E 134 -9.38 7.68 -18.93
C PHE E 134 -10.53 6.75 -19.30
N PRO E 135 -10.26 5.54 -19.85
CA PRO E 135 -8.99 4.92 -20.24
C PRO E 135 -8.50 5.26 -21.64
N MET E 136 -9.04 6.31 -22.26
CA MET E 136 -8.66 6.74 -23.60
C MET E 136 -7.79 7.99 -23.55
N ASP E 137 -6.87 8.05 -22.58
CA ASP E 137 -6.08 9.24 -22.31
C ASP E 137 -4.68 9.13 -22.90
N GLU E 138 -4.19 10.24 -23.43
CA GLU E 138 -2.83 10.39 -23.93
C GLU E 138 -2.14 11.48 -23.12
N HIS E 139 -0.99 11.15 -22.55
CA HIS E 139 -0.20 12.07 -21.73
C HIS E 139 1.12 12.37 -22.42
N SER E 140 1.73 13.47 -22.00
CA SER E 140 3.05 13.89 -22.47
C SER E 140 3.89 14.11 -21.21
N CYS E 141 4.52 13.04 -20.73
CA CYS E 141 5.24 13.11 -19.47
C CYS E 141 6.59 13.80 -19.68
N PRO E 142 6.97 14.78 -18.85
CA PRO E 142 8.24 15.47 -19.06
C PRO E 142 9.38 14.84 -18.27
N LEU E 143 10.60 15.24 -18.65
CA LEU E 143 11.82 14.92 -17.90
C LEU E 143 12.73 16.12 -18.08
N GLU E 144 12.85 16.93 -17.04
CA GLU E 144 13.55 18.21 -17.10
C GLU E 144 14.82 18.12 -16.26
N PHE E 145 15.90 18.72 -16.74
CA PHE E 145 17.13 18.79 -15.97
C PHE E 145 17.86 20.09 -16.26
N SER E 146 18.65 20.52 -15.29
CA SER E 146 19.39 21.78 -15.40
C SER E 146 20.50 21.79 -14.35
N SER E 147 21.36 22.78 -14.44
CA SER E 147 22.40 22.98 -13.42
C SER E 147 21.77 23.55 -12.16
N TYR E 148 22.10 22.95 -11.02
CA TYR E 148 21.51 23.39 -9.76
C TYR E 148 22.05 24.75 -9.33
N GLY E 149 23.37 24.93 -9.37
CA GLY E 149 23.99 26.11 -8.81
C GLY E 149 24.35 27.18 -9.83
N TYR E 150 24.74 26.75 -11.03
CA TYR E 150 25.28 27.67 -12.03
C TYR E 150 24.14 28.25 -12.87
N PRO E 151 23.91 29.58 -12.87
CA PRO E 151 22.86 30.12 -13.76
C PRO E 151 23.28 30.13 -15.22
N ARG E 152 22.43 30.70 -16.08
CA ARG E 152 22.69 30.68 -17.52
C ARG E 152 23.97 31.42 -17.87
N GLU E 153 24.35 32.42 -17.08
CA GLU E 153 25.58 33.16 -17.35
C GLU E 153 26.83 32.31 -17.15
N GLU E 154 26.72 31.17 -16.48
CA GLU E 154 27.86 30.33 -16.15
C GLU E 154 27.88 29.00 -16.89
N ILE E 155 26.74 28.31 -16.98
CA ILE E 155 26.63 27.04 -17.69
C ILE E 155 25.44 27.11 -18.63
N VAL E 156 25.63 26.68 -19.87
CA VAL E 156 24.57 26.64 -20.88
C VAL E 156 24.53 25.23 -21.46
N TYR E 157 23.35 24.62 -21.45
CA TYR E 157 23.16 23.27 -21.97
C TYR E 157 22.66 23.34 -23.41
N GLN E 158 23.06 22.35 -24.20
CA GLN E 158 22.70 22.28 -25.61
C GLN E 158 22.49 20.83 -26.00
N TRP E 159 21.45 20.59 -26.82
CA TRP E 159 21.18 19.25 -27.33
C TRP E 159 22.07 18.96 -28.53
N LYS E 160 22.64 17.76 -28.56
CA LYS E 160 23.38 17.31 -29.72
C LYS E 160 22.42 17.01 -30.86
N ARG E 161 22.99 16.70 -32.04
CA ARG E 161 22.15 16.34 -33.18
C ARG E 161 21.35 15.08 -32.89
N SER E 162 21.99 14.06 -32.31
CA SER E 162 21.32 12.85 -31.86
C SER E 162 21.09 12.98 -30.36
N SER E 163 20.09 13.80 -30.01
CA SER E 163 19.83 14.15 -28.62
C SER E 163 19.45 12.93 -27.79
N VAL E 164 18.31 12.31 -28.12
CA VAL E 164 17.72 11.23 -27.34
C VAL E 164 17.58 10.02 -28.25
N GLU E 165 18.15 8.89 -27.83
CA GLU E 165 18.10 7.64 -28.59
C GLU E 165 17.29 6.61 -27.80
N VAL E 166 16.30 6.02 -28.47
CA VAL E 166 15.48 4.96 -27.89
C VAL E 166 15.88 3.64 -28.53
N GLY E 167 16.12 2.63 -27.69
CA GLY E 167 16.53 1.32 -28.14
C GLY E 167 15.34 0.46 -28.53
N ASP E 168 15.50 -0.85 -28.34
CA ASP E 168 14.42 -1.78 -28.59
C ASP E 168 13.29 -1.52 -27.60
N THR E 169 12.19 -0.95 -28.09
CA THR E 169 11.10 -0.53 -27.20
C THR E 169 10.11 -1.65 -26.93
N ARG E 170 10.48 -2.90 -27.24
CA ARG E 170 9.66 -4.06 -26.92
C ARG E 170 10.07 -4.75 -25.63
N SER E 171 11.26 -4.46 -25.10
CA SER E 171 11.70 -4.95 -23.80
C SER E 171 11.45 -3.95 -22.69
N TRP E 172 10.41 -3.13 -22.84
CA TRP E 172 10.10 -2.05 -21.91
C TRP E 172 9.01 -2.49 -20.93
N ARG E 173 9.05 -1.91 -19.73
CA ARG E 173 8.11 -2.30 -18.69
C ARG E 173 6.72 -1.72 -18.92
N LEU E 174 6.55 -0.86 -19.92
CA LEU E 174 5.26 -0.21 -20.14
C LEU E 174 4.20 -1.26 -20.48
N TYR E 175 3.29 -1.50 -19.54
CA TYR E 175 2.19 -2.45 -19.74
C TYR E 175 0.92 -1.72 -20.17
N GLN E 176 0.52 -0.71 -19.39
CA GLN E 176 -0.76 -0.05 -19.61
C GLN E 176 -0.67 1.09 -20.63
N PHE E 177 0.53 1.40 -21.10
CA PHE E 177 0.74 2.53 -22.01
C PHE E 177 1.59 2.10 -23.20
N SER E 178 1.46 2.86 -24.27
CA SER E 178 2.20 2.66 -25.52
C SER E 178 2.94 3.94 -25.85
N PHE E 179 4.21 3.81 -26.21
CA PHE E 179 5.08 4.94 -26.50
C PHE E 179 4.84 5.40 -27.92
N VAL E 180 4.31 6.62 -28.09
CA VAL E 180 4.06 7.15 -29.42
C VAL E 180 5.32 7.80 -29.98
N GLY E 181 5.94 8.67 -29.19
CA GLY E 181 7.14 9.37 -29.65
C GLY E 181 7.70 10.23 -28.54
N LEU E 182 8.71 11.03 -28.89
CA LEU E 182 9.31 11.93 -27.94
C LEU E 182 9.74 13.21 -28.65
N ARG E 183 10.01 14.24 -27.85
CA ARG E 183 10.55 15.49 -28.38
C ARG E 183 11.39 16.16 -27.31
N ASN E 184 12.23 17.07 -27.79
CA ASN E 184 13.15 17.80 -26.88
C ASN E 184 12.79 19.28 -26.87
N THR E 185 13.15 20.00 -25.82
CA THR E 185 12.96 21.43 -25.73
C THR E 185 13.99 22.01 -24.78
N THR E 186 14.28 23.30 -24.95
CA THR E 186 15.16 24.04 -24.05
C THR E 186 14.50 25.37 -23.71
N GLU E 187 14.61 25.78 -22.44
CA GLU E 187 14.01 27.02 -21.97
C GLU E 187 14.92 27.64 -20.93
N VAL E 188 14.53 28.83 -20.47
CA VAL E 188 15.19 29.52 -19.38
C VAL E 188 14.14 29.80 -18.31
N VAL E 189 14.39 29.33 -17.09
CA VAL E 189 13.44 29.42 -15.98
C VAL E 189 13.95 30.45 -14.99
N LYS E 190 13.08 31.36 -14.60
CA LYS E 190 13.41 32.41 -13.64
C LYS E 190 13.20 31.88 -12.23
N THR E 191 14.21 32.06 -11.37
CA THR E 191 14.15 31.64 -9.98
C THR E 191 14.80 32.71 -9.12
N THR E 192 14.72 32.52 -7.80
CA THR E 192 15.28 33.52 -6.89
C THR E 192 16.80 33.62 -7.03
N SER E 193 17.48 32.49 -7.14
CA SER E 193 18.94 32.52 -7.25
C SER E 193 19.40 33.14 -8.55
N GLY E 194 18.72 32.86 -9.66
CA GLY E 194 19.11 33.39 -10.94
C GLY E 194 18.33 32.73 -12.06
N ASP E 195 18.90 32.79 -13.26
CA ASP E 195 18.30 32.23 -14.46
C ASP E 195 19.05 30.98 -14.86
N TYR E 196 18.32 29.90 -15.13
CA TYR E 196 18.90 28.59 -15.39
C TYR E 196 18.37 28.03 -16.70
N VAL E 197 19.25 27.43 -17.49
CA VAL E 197 18.87 26.81 -18.75
C VAL E 197 18.36 25.40 -18.44
N VAL E 198 17.06 25.18 -18.68
CA VAL E 198 16.40 23.92 -18.37
C VAL E 198 16.15 23.18 -19.67
N MET E 199 16.60 21.93 -19.73
CA MET E 199 16.43 21.06 -20.89
C MET E 199 15.40 20.00 -20.56
N SER E 200 14.35 19.91 -21.38
CA SER E 200 13.23 19.02 -21.15
C SER E 200 13.11 18.03 -22.29
N VAL E 201 12.72 16.80 -21.95
CA VAL E 201 12.40 15.76 -22.92
C VAL E 201 11.00 15.25 -22.59
N TYR E 202 10.08 15.36 -23.54
CA TYR E 202 8.70 14.92 -23.37
C TYR E 202 8.52 13.58 -24.06
N PHE E 203 7.91 12.63 -23.36
CA PHE E 203 7.54 11.33 -23.92
C PHE E 203 6.03 11.24 -24.01
N ASP E 204 5.51 10.93 -25.20
CA ASP E 204 4.08 10.80 -25.41
C ASP E 204 3.66 9.35 -25.19
N LEU E 205 2.69 9.15 -24.30
CA LEU E 205 2.22 7.83 -23.91
C LEU E 205 0.70 7.78 -24.06
N SER E 206 0.22 6.81 -24.84
CA SER E 206 -1.20 6.61 -25.06
C SER E 206 -1.65 5.36 -24.29
N ARG E 207 -2.74 5.47 -23.53
CA ARG E 207 -3.17 4.33 -22.75
C ARG E 207 -3.72 3.22 -23.63
N ARG E 208 -3.50 1.97 -23.20
CA ARG E 208 -4.09 0.79 -23.84
C ARG E 208 -5.31 0.38 -23.03
N MET E 209 -6.47 0.32 -23.68
CA MET E 209 -7.73 0.09 -23.00
C MET E 209 -8.14 -1.39 -22.98
N GLY E 210 -7.28 -2.31 -23.43
CA GLY E 210 -7.65 -3.71 -23.42
C GLY E 210 -7.85 -4.24 -22.00
N TYR E 211 -6.91 -3.94 -21.10
CA TYR E 211 -7.02 -4.43 -19.73
C TYR E 211 -8.25 -3.88 -19.04
N PHE E 212 -8.50 -2.58 -19.18
CA PHE E 212 -9.66 -1.99 -18.51
C PHE E 212 -10.95 -2.44 -19.16
N THR E 213 -10.92 -2.70 -20.47
CA THR E 213 -12.09 -3.28 -21.15
C THR E 213 -12.42 -4.65 -20.57
N ILE E 214 -11.41 -5.47 -20.33
CA ILE E 214 -11.63 -6.76 -19.68
C ILE E 214 -12.14 -6.55 -18.25
N GLN E 215 -11.56 -5.59 -17.54
CA GLN E 215 -11.82 -5.47 -16.11
C GLN E 215 -13.22 -4.94 -15.83
N THR E 216 -13.63 -3.86 -16.50
CA THR E 216 -14.80 -3.08 -16.09
C THR E 216 -15.88 -3.02 -17.16
N TYR E 217 -15.53 -2.69 -18.40
CA TYR E 217 -16.54 -2.43 -19.42
C TYR E 217 -17.39 -3.67 -19.70
N ILE E 218 -16.75 -4.83 -19.82
CA ILE E 218 -17.46 -6.05 -20.21
C ILE E 218 -18.36 -6.52 -19.07
N PRO E 219 -17.88 -6.63 -17.82
CA PRO E 219 -18.79 -7.00 -16.73
C PRO E 219 -19.97 -6.05 -16.56
N CYS E 220 -19.76 -4.74 -16.73
CA CYS E 220 -20.88 -3.81 -16.56
C CYS E 220 -21.95 -4.03 -17.63
N THR E 221 -21.54 -4.23 -18.88
CA THR E 221 -22.50 -4.51 -19.94
C THR E 221 -23.20 -5.84 -19.70
N LEU E 222 -22.46 -6.85 -19.24
CA LEU E 222 -23.06 -8.15 -18.96
C LEU E 222 -24.10 -8.03 -17.85
N ILE E 223 -23.81 -7.22 -16.83
CA ILE E 223 -24.76 -7.03 -15.74
C ILE E 223 -25.99 -6.24 -16.23
N VAL E 224 -25.79 -5.31 -17.16
CA VAL E 224 -26.95 -4.60 -17.74
C VAL E 224 -27.83 -5.59 -18.50
N VAL E 225 -27.22 -6.51 -19.25
CA VAL E 225 -28.01 -7.52 -19.95
C VAL E 225 -28.70 -8.45 -18.94
N LEU E 226 -28.01 -8.74 -17.83
CA LEU E 226 -28.63 -9.53 -16.76
C LEU E 226 -29.86 -8.82 -16.21
N SER E 227 -29.78 -7.51 -16.05
CA SER E 227 -30.95 -6.73 -15.64
C SER E 227 -32.05 -6.82 -16.70
N TRP E 228 -31.68 -6.79 -17.98
CA TRP E 228 -32.68 -6.92 -19.04
C TRP E 228 -33.39 -8.25 -18.98
N VAL E 229 -32.69 -9.31 -18.55
CA VAL E 229 -33.30 -10.64 -18.48
C VAL E 229 -34.52 -10.66 -17.56
N SER E 230 -34.59 -9.72 -16.60
CA SER E 230 -35.76 -9.65 -15.72
C SER E 230 -37.04 -9.37 -16.51
N PHE E 231 -36.94 -8.72 -17.67
CA PHE E 231 -38.14 -8.40 -18.44
C PHE E 231 -38.86 -9.67 -18.91
N TRP E 232 -38.11 -10.68 -19.32
CA TRP E 232 -38.70 -11.89 -19.89
C TRP E 232 -39.25 -12.84 -18.83
N ILE E 233 -38.99 -12.60 -17.55
CA ILE E 233 -39.57 -13.40 -16.49
C ILE E 233 -41.04 -13.04 -16.33
N ASN E 234 -41.85 -14.03 -15.96
CA ASN E 234 -43.26 -13.78 -15.72
C ASN E 234 -43.43 -12.81 -14.55
N LYS E 235 -44.36 -11.86 -14.71
CA LYS E 235 -44.51 -10.81 -13.71
C LYS E 235 -45.02 -11.33 -12.38
N ASP E 236 -45.57 -12.55 -12.33
CA ASP E 236 -45.98 -13.13 -11.06
C ASP E 236 -44.80 -13.62 -10.23
N ALA E 237 -43.62 -13.77 -10.84
CA ALA E 237 -42.42 -14.21 -10.11
C ALA E 237 -41.81 -13.00 -9.38
N VAL E 238 -42.54 -12.57 -8.34
CA VAL E 238 -42.15 -11.35 -7.63
C VAL E 238 -40.80 -11.50 -6.94
N PRO E 239 -40.58 -12.52 -6.09
CA PRO E 239 -39.24 -12.64 -5.48
C PRO E 239 -38.14 -12.84 -6.48
N ALA E 240 -38.40 -13.59 -7.57
CA ALA E 240 -37.37 -13.82 -8.57
C ALA E 240 -36.93 -12.52 -9.22
N ARG E 241 -37.89 -11.73 -9.70
CA ARG E 241 -37.53 -10.50 -10.39
C ARG E 241 -36.94 -9.47 -9.43
N THR E 242 -37.46 -9.39 -8.20
CA THR E 242 -36.90 -8.46 -7.23
C THR E 242 -35.46 -8.84 -6.89
N SER E 243 -35.20 -10.13 -6.68
CA SER E 243 -33.84 -10.59 -6.38
C SER E 243 -32.91 -10.30 -7.55
N LEU E 244 -33.38 -10.54 -8.77
CA LEU E 244 -32.57 -10.26 -9.96
C LEU E 244 -32.17 -8.79 -10.01
N GLY E 245 -33.15 -7.90 -9.85
CA GLY E 245 -32.87 -6.47 -9.94
C GLY E 245 -31.93 -6.00 -8.84
N ILE E 246 -32.19 -6.41 -7.60
CA ILE E 246 -31.36 -5.92 -6.49
C ILE E 246 -29.95 -6.49 -6.60
N THR E 247 -29.82 -7.75 -7.05
CA THR E 247 -28.49 -8.32 -7.20
C THR E 247 -27.71 -7.62 -8.30
N THR E 248 -28.39 -7.25 -9.39
CA THR E 248 -27.72 -6.44 -10.41
C THR E 248 -27.24 -5.12 -9.83
N VAL E 249 -28.05 -4.50 -8.97
CA VAL E 249 -27.62 -3.27 -8.31
C VAL E 249 -26.39 -3.51 -7.44
N LEU E 250 -26.39 -4.62 -6.69
CA LEU E 250 -25.23 -4.98 -5.87
C LEU E 250 -23.98 -5.07 -6.72
N THR E 251 -24.05 -5.84 -7.80
CA THR E 251 -22.86 -6.08 -8.60
C THR E 251 -22.39 -4.81 -9.27
N MET E 252 -23.33 -3.94 -9.67
CA MET E 252 -22.92 -2.71 -10.33
C MET E 252 -22.25 -1.77 -9.33
N THR E 253 -22.75 -1.72 -8.09
CA THR E 253 -22.07 -0.93 -7.07
C THR E 253 -20.67 -1.49 -6.78
N THR E 254 -20.55 -2.82 -6.72
CA THR E 254 -19.26 -3.44 -6.46
C THR E 254 -18.27 -3.11 -7.58
N LEU E 255 -18.73 -3.21 -8.83
CA LEU E 255 -17.87 -2.88 -9.96
C LEU E 255 -17.52 -1.39 -9.95
N SER E 256 -18.46 -0.54 -9.52
CA SER E 256 -18.18 0.89 -9.44
C SER E 256 -17.04 1.15 -8.46
N THR E 257 -17.11 0.59 -7.25
CA THR E 257 -16.05 0.83 -6.29
C THR E 257 -14.74 0.16 -6.70
N ILE E 258 -14.80 -0.95 -7.43
CA ILE E 258 -13.58 -1.65 -7.83
C ILE E 258 -12.90 -0.94 -9.01
N ALA E 259 -13.66 -0.26 -9.86
CA ALA E 259 -13.07 0.34 -11.06
C ALA E 259 -12.09 1.45 -10.73
N ARG E 260 -12.29 2.15 -9.61
CA ARG E 260 -11.48 3.31 -9.25
C ARG E 260 -10.31 2.97 -8.34
N LYS E 261 -10.08 1.68 -8.06
CA LYS E 261 -8.98 1.32 -7.16
C LYS E 261 -7.63 1.67 -7.76
N SER E 262 -7.47 1.47 -9.07
CA SER E 262 -6.19 1.71 -9.72
C SER E 262 -5.89 3.20 -9.93
N LEU E 263 -6.85 4.09 -9.66
CA LEU E 263 -6.72 5.51 -9.97
C LEU E 263 -6.41 6.31 -8.73
N PRO E 264 -5.87 7.52 -8.87
CA PRO E 264 -5.80 8.43 -7.72
C PRO E 264 -7.17 8.97 -7.38
N LYS E 265 -7.28 9.54 -6.18
CA LYS E 265 -8.55 10.04 -5.68
C LYS E 265 -8.85 11.45 -6.22
N VAL E 266 -9.01 11.51 -7.54
CA VAL E 266 -9.35 12.77 -8.19
C VAL E 266 -10.85 13.03 -8.02
N SER E 267 -11.21 14.31 -8.02
CA SER E 267 -12.56 14.76 -7.68
C SER E 267 -13.34 15.19 -8.92
N TYR E 268 -13.18 14.46 -10.03
CA TYR E 268 -13.93 14.73 -11.24
C TYR E 268 -14.31 13.41 -11.91
N VAL E 269 -15.32 13.49 -12.77
CA VAL E 269 -15.84 12.31 -13.45
C VAL E 269 -14.88 11.93 -14.58
N THR E 270 -14.55 10.65 -14.67
CA THR E 270 -13.83 10.08 -15.81
C THR E 270 -14.83 9.39 -16.73
N ALA E 271 -14.32 8.94 -17.89
CA ALA E 271 -15.19 8.23 -18.82
C ALA E 271 -15.70 6.93 -18.22
N MET E 272 -14.84 6.22 -17.48
CA MET E 272 -15.28 4.98 -16.84
C MET E 272 -16.34 5.27 -15.79
N ASP E 273 -16.16 6.32 -15.00
CA ASP E 273 -17.16 6.68 -14.00
C ASP E 273 -18.48 7.05 -14.66
N LEU E 274 -18.41 7.77 -15.79
CA LEU E 274 -19.62 8.13 -16.51
C LEU E 274 -20.33 6.89 -17.04
N PHE E 275 -19.59 5.94 -17.60
CA PHE E 275 -20.18 4.71 -18.12
C PHE E 275 -20.83 3.92 -16.99
N VAL E 276 -20.15 3.81 -15.85
CA VAL E 276 -20.71 3.08 -14.72
C VAL E 276 -21.95 3.79 -14.20
N SER E 277 -21.95 5.11 -14.18
CA SER E 277 -23.11 5.87 -13.74
C SER E 277 -24.31 5.61 -14.65
N VAL E 278 -24.09 5.63 -15.96
CA VAL E 278 -25.19 5.40 -16.90
C VAL E 278 -25.71 3.97 -16.76
N CYS E 279 -24.80 3.00 -16.61
CA CYS E 279 -25.23 1.62 -16.44
C CYS E 279 -26.03 1.43 -15.15
N PHE E 280 -25.61 2.10 -14.07
CA PHE E 280 -26.36 2.05 -12.82
C PHE E 280 -27.74 2.66 -13.00
N ILE E 281 -27.83 3.76 -13.75
CA ILE E 281 -29.13 4.36 -14.03
C ILE E 281 -30.00 3.38 -14.79
N PHE E 282 -29.41 2.65 -15.74
CA PHE E 282 -30.19 1.67 -16.51
C PHE E 282 -30.75 0.58 -15.61
N VAL E 283 -29.90 0.03 -14.73
CA VAL E 283 -30.34 -1.04 -13.85
C VAL E 283 -31.42 -0.53 -12.89
N PHE E 284 -31.21 0.66 -12.33
CA PHE E 284 -32.19 1.24 -11.42
C PHE E 284 -33.52 1.49 -12.14
N SER E 285 -33.46 1.94 -13.41
CA SER E 285 -34.67 2.15 -14.18
C SER E 285 -35.40 0.84 -14.42
N ALA E 286 -34.67 -0.23 -14.72
CA ALA E 286 -35.30 -1.53 -14.92
C ALA E 286 -36.02 -2.00 -13.66
N LEU E 287 -35.35 -1.89 -12.51
CA LEU E 287 -35.99 -2.33 -11.27
C LEU E 287 -37.18 -1.45 -10.93
N VAL E 288 -37.07 -0.14 -11.17
CA VAL E 288 -38.15 0.78 -10.83
C VAL E 288 -39.35 0.54 -11.73
N GLU E 289 -39.14 0.31 -13.03
CA GLU E 289 -40.28 0.10 -13.89
C GLU E 289 -40.94 -1.25 -13.60
N TYR E 290 -40.16 -2.26 -13.20
CA TYR E 290 -40.81 -3.48 -12.73
C TYR E 290 -41.64 -3.23 -11.49
N GLY E 291 -41.12 -2.43 -10.55
CA GLY E 291 -41.89 -2.11 -9.36
C GLY E 291 -43.19 -1.40 -9.69
N THR E 292 -43.13 -0.44 -10.63
CA THR E 292 -44.33 0.26 -11.06
C THR E 292 -45.32 -0.70 -11.71
N LEU E 293 -44.82 -1.60 -12.55
CA LEU E 293 -45.68 -2.59 -13.19
C LEU E 293 -46.39 -3.44 -12.16
N HIS E 294 -45.65 -3.95 -11.18
CA HIS E 294 -46.26 -4.78 -10.14
C HIS E 294 -47.28 -4.00 -9.33
N TYR E 295 -46.95 -2.76 -8.96
CA TYR E 295 -47.87 -1.96 -8.16
C TYR E 295 -49.16 -1.68 -8.91
N PHE E 296 -49.07 -1.33 -10.19
CA PHE E 296 -50.28 -1.00 -10.95
C PHE E 296 -51.05 -2.23 -11.40
N VAL E 297 -50.42 -3.41 -11.47
CA VAL E 297 -51.11 -4.62 -11.87
C VAL E 297 -51.79 -5.25 -10.66
N SER E 298 -51.00 -5.61 -9.64
CA SER E 298 -51.49 -6.40 -8.52
C SER E 298 -51.82 -5.56 -7.29
N ASN E 299 -50.86 -4.77 -6.80
CA ASN E 299 -51.05 -4.08 -5.52
C ASN E 299 -52.19 -3.07 -5.60
N ARG E 300 -52.23 -2.27 -6.66
CA ARG E 300 -53.33 -1.32 -6.84
C ARG E 300 -54.59 -1.99 -7.40
N LYS E 301 -54.46 -3.19 -7.96
CA LYS E 301 -55.61 -3.87 -8.57
C LYS E 301 -55.32 -5.37 -8.68
N CYS E 345 -53.55 24.72 -33.97
CA CYS E 345 -54.94 24.39 -33.68
C CYS E 345 -55.86 24.86 -34.79
N LEU E 346 -55.37 24.79 -36.04
CA LEU E 346 -56.16 25.23 -37.18
C LEU E 346 -57.24 24.23 -37.55
N ASP E 347 -57.13 22.98 -37.11
CA ASP E 347 -58.15 21.98 -37.44
C ASP E 347 -59.48 22.28 -36.76
N GLY E 348 -59.47 23.03 -35.66
CA GLY E 348 -60.68 23.44 -34.98
C GLY E 348 -60.98 22.64 -33.72
N LYS E 349 -59.94 22.37 -32.93
CA LYS E 349 -60.04 21.64 -31.68
C LYS E 349 -59.48 22.49 -30.54
N ASP E 350 -59.72 22.02 -29.32
CA ASP E 350 -59.15 22.67 -28.15
C ASP E 350 -57.63 22.52 -28.17
N CYS E 351 -56.96 23.42 -27.44
CA CYS E 351 -55.49 23.35 -27.37
C CYS E 351 -55.04 22.05 -26.74
N ALA E 352 -55.67 21.66 -25.63
CA ALA E 352 -55.28 20.42 -24.95
C ALA E 352 -55.58 19.20 -25.82
N SER E 353 -56.75 19.16 -26.44
CA SER E 353 -57.12 18.01 -27.27
C SER E 353 -56.21 17.90 -28.48
N PHE E 354 -55.86 19.03 -29.09
CA PHE E 354 -54.91 19.03 -30.18
C PHE E 354 -53.54 18.57 -29.72
N PHE E 355 -53.12 19.01 -28.54
CA PHE E 355 -51.76 18.78 -28.07
C PHE E 355 -51.66 17.48 -27.27
O P1L E 356 -53.36 15.05 -26.78
N P1L E 356 -52.26 17.47 -26.08
CA P1L E 356 -52.12 16.37 -25.16
CB P1L E 356 -52.51 16.79 -23.76
SG P1L E 356 -51.60 15.97 -22.48
C7 P1L E 356 -50.88 17.22 -21.53
O7 P1L E 356 -51.24 18.40 -21.48
C8 P1L E 356 -49.55 16.74 -21.04
C9 P1L E 356 -48.40 17.22 -21.91
C10 P1L E 356 -47.54 18.27 -21.25
C11 P1L E 356 -46.48 17.63 -20.36
C12 P1L E 356 -45.21 17.36 -21.13
C13 P1L E 356 -44.15 16.67 -20.27
C14 P1L E 356 -43.45 17.65 -19.33
C15 P1L E 356 -42.23 17.02 -18.70
C16 P1L E 356 -41.41 18.07 -17.97
C17 P1L E 356 -40.23 17.45 -17.24
C18 P1L E 356 -39.06 17.17 -18.16
C19 P1L E 356 -37.92 18.14 -17.95
C20 P1L E 356 -38.29 19.56 -18.32
C P1L E 356 -52.89 15.10 -25.50
C21 P1L E 356 -37.06 20.42 -18.50
C22 P1L E 356 -37.43 21.85 -18.80
O P1L E 357 -54.61 11.29 -23.24
N P1L E 357 -52.95 14.17 -24.54
CA P1L E 357 -53.54 12.88 -24.75
CB P1L E 357 -52.46 11.80 -24.82
SG P1L E 357 -50.96 12.34 -25.59
C7 P1L E 357 -49.70 12.06 -24.42
O7 P1L E 357 -49.66 11.13 -23.61
C8 P1L E 357 -48.91 13.33 -24.28
C9 P1L E 357 -47.43 13.11 -24.43
C10 P1L E 357 -46.69 13.20 -23.11
C11 P1L E 357 -45.23 12.84 -23.26
C12 P1L E 357 -44.41 13.42 -22.14
C13 P1L E 357 -43.06 12.75 -22.05
C14 P1L E 357 -42.10 13.55 -21.20
C15 P1L E 357 -40.89 12.72 -20.80
C16 P1L E 357 -39.69 13.61 -20.49
C17 P1L E 357 -38.46 12.78 -20.20
C18 P1L E 357 -37.46 13.56 -19.36
C19 P1L E 357 -36.26 12.71 -19.01
C20 P1L E 357 -35.16 13.54 -18.39
C P1L E 357 -54.58 12.43 -23.72
C21 P1L E 357 -33.98 12.67 -18.00
C22 P1L E 357 -32.85 13.50 -17.44
N PHE E 358 -55.47 13.35 -23.38
CA PHE E 358 -56.52 13.08 -22.39
C PHE E 358 -57.75 12.42 -23.02
N GLU E 359 -57.52 11.30 -23.72
CA GLU E 359 -58.56 10.50 -24.34
C GLU E 359 -58.63 9.08 -23.82
N ASP E 360 -57.48 8.47 -23.58
CA ASP E 360 -57.39 7.13 -23.00
C ASP E 360 -56.32 7.08 -21.93
O P1L E 361 -55.38 8.93 -19.70
N P1L E 361 -55.16 7.66 -22.24
CA P1L E 361 -54.04 7.72 -21.32
CB P1L E 361 -52.72 7.86 -22.06
SG P1L E 361 -51.35 8.29 -21.03
C7 P1L E 361 -50.06 7.22 -21.46
O7 P1L E 361 -49.96 6.04 -21.12
C8 P1L E 361 -48.93 8.00 -22.09
C9 P1L E 361 -48.41 9.10 -21.18
C10 P1L E 361 -46.92 9.32 -21.35
C11 P1L E 361 -46.11 8.44 -20.40
C12 P1L E 361 -44.85 7.91 -21.05
C13 P1L E 361 -43.86 8.99 -21.40
C14 P1L E 361 -42.57 8.40 -21.94
C15 P1L E 361 -41.59 8.07 -20.83
C16 P1L E 361 -40.30 7.53 -21.39
C17 P1L E 361 -39.40 8.62 -21.93
C18 P1L E 361 -38.12 8.76 -21.14
C19 P1L E 361 -37.11 7.68 -21.50
C20 P1L E 361 -35.80 7.89 -20.78
C P1L E 361 -54.16 8.84 -20.29
C21 P1L E 361 -34.70 8.39 -21.70
C22 P1L E 361 -34.99 9.78 -22.21
N HIS E 372 -51.68 4.55 -15.32
CA HIS E 372 -52.45 4.51 -16.55
C HIS E 372 -53.09 3.13 -16.74
N ILE E 373 -53.70 2.91 -17.90
CA ILE E 373 -54.46 1.70 -18.16
C ILE E 373 -53.54 0.61 -18.71
N ARG E 374 -52.89 0.90 -19.85
CA ARG E 374 -52.04 -0.08 -20.52
C ARG E 374 -50.68 -0.17 -19.82
N ILE E 375 -50.71 -0.74 -18.61
CA ILE E 375 -49.50 -0.98 -17.85
C ILE E 375 -49.03 -2.43 -17.96
N ALA E 376 -49.92 -3.37 -18.26
CA ALA E 376 -49.52 -4.76 -18.40
C ALA E 376 -48.52 -4.96 -19.53
N LYS E 377 -48.54 -4.09 -20.53
CA LYS E 377 -47.62 -4.15 -21.66
C LYS E 377 -46.30 -3.44 -21.37
N MET E 378 -46.03 -3.09 -20.11
CA MET E 378 -44.78 -2.40 -19.79
C MET E 378 -43.58 -3.30 -20.05
N ASP E 379 -43.68 -4.59 -19.73
CA ASP E 379 -42.59 -5.51 -20.02
C ASP E 379 -42.36 -5.63 -21.52
N SER E 380 -43.44 -5.72 -22.30
CA SER E 380 -43.30 -5.80 -23.75
C SER E 380 -42.63 -4.55 -24.32
N TYR E 381 -43.01 -3.38 -23.79
CA TYR E 381 -42.34 -2.15 -24.21
C TYR E 381 -40.85 -2.19 -23.83
N ALA E 382 -40.56 -2.58 -22.59
CA ALA E 382 -39.20 -2.49 -22.07
C ALA E 382 -38.26 -3.43 -22.82
N ARG E 383 -38.76 -4.60 -23.22
CA ARG E 383 -37.91 -5.62 -23.85
C ARG E 383 -37.16 -5.09 -25.06
N ILE E 384 -37.76 -4.13 -25.78
CA ILE E 384 -37.11 -3.49 -26.92
C ILE E 384 -36.69 -2.06 -26.61
N PHE E 385 -37.28 -1.41 -25.61
CA PHE E 385 -36.90 -0.04 -25.29
C PHE E 385 -35.51 0.01 -24.65
N PHE E 386 -35.27 -0.84 -23.65
CA PHE E 386 -34.01 -0.76 -22.91
C PHE E 386 -32.81 -1.11 -23.77
N PRO E 387 -32.81 -2.20 -24.55
CA PRO E 387 -31.66 -2.45 -25.44
C PRO E 387 -31.40 -1.35 -26.43
N THR E 388 -32.46 -0.72 -26.97
CA THR E 388 -32.27 0.39 -27.89
C THR E 388 -31.58 1.56 -27.20
N ALA E 389 -32.01 1.88 -25.97
CA ALA E 389 -31.38 2.97 -25.23
C ALA E 389 -29.93 2.68 -24.93
N PHE E 390 -29.62 1.45 -24.53
CA PHE E 390 -28.22 1.12 -24.22
C PHE E 390 -27.37 1.15 -25.48
N CYS E 391 -27.91 0.66 -26.61
CA CYS E 391 -27.15 0.72 -27.86
C CYS E 391 -26.90 2.16 -28.27
N LEU E 392 -27.90 3.02 -28.14
CA LEU E 392 -27.72 4.43 -28.48
C LEU E 392 -26.67 5.09 -27.59
N PHE E 393 -26.75 4.82 -26.28
CA PHE E 393 -25.77 5.39 -25.36
C PHE E 393 -24.37 4.90 -25.69
N ASN E 394 -24.21 3.61 -25.98
CA ASN E 394 -22.91 3.08 -26.35
C ASN E 394 -22.39 3.76 -27.61
N LEU E 395 -23.26 3.92 -28.62
CA LEU E 395 -22.85 4.54 -29.87
C LEU E 395 -22.35 5.96 -29.65
N VAL E 396 -23.16 6.79 -28.98
CA VAL E 396 -22.79 8.19 -28.80
C VAL E 396 -21.56 8.31 -27.91
N TYR E 397 -21.51 7.53 -26.82
CA TYR E 397 -20.38 7.58 -25.91
C TYR E 397 -19.09 7.20 -26.61
N TRP E 398 -19.07 6.06 -27.30
CA TRP E 398 -17.85 5.59 -27.93
C TRP E 398 -17.42 6.52 -29.06
N VAL E 399 -18.36 6.98 -29.89
CA VAL E 399 -17.95 7.85 -31.00
C VAL E 399 -17.45 9.19 -30.47
N SER E 400 -18.08 9.72 -29.42
CA SER E 400 -17.62 10.98 -28.85
C SER E 400 -16.23 10.85 -28.24
N TYR E 401 -15.97 9.73 -27.54
CA TYR E 401 -14.69 9.58 -26.86
C TYR E 401 -13.58 9.07 -27.76
N LEU E 402 -13.89 8.53 -28.95
CA LEU E 402 -12.90 7.99 -29.86
C LEU E 402 -12.66 8.89 -31.07
N TYR E 403 -13.71 9.26 -31.80
CA TYR E 403 -13.55 10.01 -33.04
C TYR E 403 -13.61 11.52 -32.80
N LEU E 404 -14.72 12.01 -32.24
CA LEU E 404 -14.95 13.43 -32.11
C LEU E 404 -14.30 14.02 -30.86
N GLY E 405 -13.66 13.20 -30.02
CA GLY E 405 -13.02 13.67 -28.80
C GLY E 405 -11.61 13.12 -28.65
N ASP F 1 -2.29 30.02 -41.23
CA ASP F 1 -3.53 29.73 -41.93
C ASP F 1 -4.34 30.99 -42.15
N SER F 2 -4.96 31.09 -43.33
CA SER F 2 -5.81 32.23 -43.65
C SER F 2 -7.03 32.21 -42.75
N ARG F 3 -7.08 33.12 -41.77
CA ARG F 3 -8.17 33.16 -40.80
C ARG F 3 -9.37 33.88 -41.43
N ASP F 4 -9.99 33.19 -42.38
CA ASP F 4 -11.21 33.64 -43.04
C ASP F 4 -12.26 32.54 -42.95
N TYR F 5 -13.51 32.94 -42.74
CA TYR F 5 -14.65 32.03 -42.65
C TYR F 5 -15.66 32.43 -43.72
N SER F 6 -15.44 31.92 -44.93
CA SER F 6 -16.36 32.05 -46.04
C SER F 6 -16.88 30.71 -46.52
N THR F 7 -15.99 29.78 -46.84
CA THR F 7 -16.41 28.48 -47.35
C THR F 7 -17.18 27.70 -46.28
N GLU F 8 -16.68 27.72 -45.05
CA GLU F 8 -17.36 26.99 -43.97
C GLU F 8 -18.75 27.56 -43.72
N LEU F 9 -18.86 28.89 -43.65
CA LEU F 9 -20.16 29.51 -43.45
C LEU F 9 -21.10 29.20 -44.61
N SER F 10 -20.57 29.23 -45.84
CA SER F 10 -21.39 28.97 -47.01
C SER F 10 -21.95 27.56 -47.01
N VAL F 11 -21.09 26.56 -46.75
CA VAL F 11 -21.57 25.19 -46.73
C VAL F 11 -22.53 24.97 -45.57
N THR F 12 -22.26 25.62 -44.43
CA THR F 12 -23.15 25.48 -43.28
C THR F 12 -24.55 26.00 -43.60
N VAL F 13 -24.65 27.22 -44.13
CA VAL F 13 -25.96 27.76 -44.45
C VAL F 13 -26.59 26.99 -45.60
N ALA F 14 -25.79 26.46 -46.53
CA ALA F 14 -26.35 25.67 -47.62
C ALA F 14 -27.01 24.40 -47.09
N VAL F 15 -26.33 23.69 -46.19
CA VAL F 15 -26.91 22.47 -45.61
C VAL F 15 -28.13 22.81 -44.77
N GLY F 16 -28.06 23.90 -43.99
CA GLY F 16 -29.23 24.30 -43.22
C GLY F 16 -30.42 24.63 -44.11
N ALA F 17 -30.16 25.34 -45.20
CA ALA F 17 -31.23 25.68 -46.13
C ALA F 17 -31.81 24.43 -46.78
N SER F 18 -30.96 23.47 -47.12
CA SER F 18 -31.46 22.22 -47.71
C SER F 18 -32.35 21.47 -46.74
N LEU F 19 -31.91 21.34 -45.48
CA LEU F 19 -32.72 20.65 -44.48
C LEU F 19 -34.05 21.35 -44.27
N LEU F 20 -34.01 22.68 -44.17
CA LEU F 20 -35.25 23.42 -43.96
C LEU F 20 -36.16 23.36 -45.18
N PHE F 21 -35.57 23.32 -46.38
CA PHE F 21 -36.38 23.17 -47.58
C PHE F 21 -37.10 21.84 -47.59
N LEU F 22 -36.40 20.76 -47.20
CA LEU F 22 -37.06 19.47 -47.09
C LEU F 22 -38.17 19.50 -46.04
N ASN F 23 -37.91 20.14 -44.90
CA ASN F 23 -38.92 20.17 -43.83
C ASN F 23 -40.16 20.95 -44.28
N ILE F 24 -39.98 22.10 -44.93
CA ILE F 24 -41.12 22.86 -45.41
C ILE F 24 -41.81 22.11 -46.55
N LEU F 25 -41.06 21.32 -47.34
CA LEU F 25 -41.70 20.49 -48.35
C LEU F 25 -42.63 19.48 -47.70
N ALA F 26 -42.16 18.85 -46.61
CA ALA F 26 -43.02 17.91 -45.89
C ALA F 26 -44.24 18.60 -45.31
N PHE F 27 -44.04 19.79 -44.73
CA PHE F 27 -45.17 20.54 -44.15
C PHE F 27 -46.19 20.91 -45.22
N ALA F 28 -45.71 21.39 -46.37
CA ALA F 28 -46.62 21.76 -47.45
C ALA F 28 -47.34 20.53 -48.01
N ALA F 29 -46.65 19.40 -48.09
CA ALA F 29 -47.29 18.17 -48.54
C ALA F 29 -48.39 17.75 -47.59
N LEU F 30 -48.16 17.92 -46.27
CA LEU F 30 -49.19 17.56 -45.31
C LEU F 30 -50.37 18.52 -45.39
N TYR F 31 -50.11 19.82 -45.54
CA TYR F 31 -51.18 20.81 -45.60
C TYR F 31 -51.82 20.94 -46.97
N TYR F 32 -51.35 20.22 -47.98
CA TYR F 32 -52.03 20.15 -49.27
C TYR F 32 -53.12 19.09 -49.15
N LYS F 33 -54.33 19.54 -48.85
CA LYS F 33 -55.47 18.65 -48.65
C LYS F 33 -55.81 17.90 -49.93
N TYR G 1 -58.09 6.35 -52.80
CA TYR G 1 -57.74 7.50 -51.98
C TYR G 1 -57.10 7.07 -50.67
N HIS G 2 -57.67 6.03 -50.05
CA HIS G 2 -57.15 5.56 -48.76
C HIS G 2 -55.75 5.01 -48.90
N GLU G 3 -55.48 4.25 -49.97
CA GLU G 3 -54.13 3.69 -50.15
C GLU G 3 -53.10 4.79 -50.37
N HIS G 4 -53.44 5.80 -51.17
CA HIS G 4 -52.53 6.92 -51.37
C HIS G 4 -52.31 7.68 -50.07
N TYR G 5 -53.38 7.89 -49.31
CA TYR G 5 -53.28 8.59 -48.03
C TYR G 5 -52.36 7.85 -47.07
N MET G 6 -52.55 6.54 -46.96
CA MET G 6 -51.73 5.72 -46.05
C MET G 6 -50.28 5.70 -46.50
N ARG G 7 -50.03 5.55 -47.81
CA ARG G 7 -48.66 5.54 -48.32
C ARG G 7 -47.98 6.88 -48.06
N ASN G 8 -48.69 7.98 -48.30
CA ASN G 8 -48.11 9.30 -48.04
C ASN G 8 -47.81 9.48 -46.56
N SER G 9 -48.72 9.04 -45.69
CA SER G 9 -48.47 9.18 -44.26
C SER G 9 -47.25 8.37 -43.84
N ARG G 10 -47.11 7.14 -44.35
CA ARG G 10 -45.95 6.32 -44.01
C ARG G 10 -44.66 6.96 -44.52
N ALA G 11 -44.68 7.48 -45.75
CA ALA G 11 -43.47 8.08 -46.31
C ALA G 11 -43.06 9.32 -45.51
N ILE G 12 -44.02 10.17 -45.17
CA ILE G 12 -43.71 11.36 -44.38
C ILE G 12 -43.25 10.97 -42.99
N GLY G 13 -43.80 9.90 -42.41
CA GLY G 13 -43.33 9.46 -41.11
C GLY G 13 -41.89 8.98 -41.16
N VAL G 14 -41.54 8.22 -42.20
CA VAL G 14 -40.17 7.74 -42.35
C VAL G 14 -39.23 8.92 -42.55
N LEU G 15 -39.64 9.90 -43.36
CA LEU G 15 -38.81 11.09 -43.55
C LEU G 15 -38.64 11.86 -42.25
N TRP G 16 -39.71 11.98 -41.47
CA TRP G 16 -39.64 12.68 -40.19
C TRP G 16 -38.68 11.96 -39.25
N ALA G 17 -38.71 10.63 -39.24
CA ALA G 17 -37.75 9.88 -38.44
C ALA G 17 -36.32 10.12 -38.91
N ILE G 18 -36.11 10.14 -40.22
CA ILE G 18 -34.77 10.35 -40.76
C ILE G 18 -34.25 11.72 -40.34
N PHE G 19 -35.08 12.75 -40.47
CA PHE G 19 -34.65 14.08 -40.04
C PHE G 19 -34.54 14.19 -38.53
N THR G 20 -35.26 13.37 -37.78
CA THR G 20 -35.06 13.34 -36.33
C THR G 20 -33.68 12.79 -35.99
N ILE G 21 -33.26 11.71 -36.66
CA ILE G 21 -31.90 11.22 -36.48
C ILE G 21 -30.89 12.29 -36.89
N CYS G 22 -31.19 13.02 -37.98
CA CYS G 22 -30.27 14.07 -38.40
C CYS G 22 -30.17 15.17 -37.34
N PHE G 23 -31.30 15.55 -36.74
CA PHE G 23 -31.26 16.58 -35.70
C PHE G 23 -30.51 16.08 -34.47
N ALA G 24 -30.65 14.79 -34.12
CA ALA G 24 -29.88 14.24 -33.02
C ALA G 24 -28.39 14.31 -33.33
N ILE G 25 -28.01 14.01 -34.58
CA ILE G 25 -26.61 14.12 -34.98
C ILE G 25 -26.12 15.55 -34.86
N ILE G 26 -26.96 16.51 -35.27
CA ILE G 26 -26.59 17.92 -35.16
C ILE G 26 -26.41 18.31 -33.69
N ASN G 27 -27.29 17.83 -32.81
CA ASN G 27 -27.16 18.15 -31.40
C ASN G 27 -25.87 17.58 -30.82
N VAL G 28 -25.54 16.34 -31.18
CA VAL G 28 -24.29 15.74 -30.71
C VAL G 28 -23.10 16.53 -31.24
N VAL G 29 -23.15 16.92 -32.52
CA VAL G 29 -22.02 17.61 -33.14
C VAL G 29 -21.80 18.98 -32.49
N VAL G 30 -22.88 19.71 -32.25
CA VAL G 30 -22.72 21.04 -31.66
C VAL G 30 -22.27 20.92 -30.21
N PHE G 31 -22.76 19.91 -29.47
CA PHE G 31 -22.32 19.76 -28.10
C PHE G 31 -20.84 19.37 -28.01
N ILE G 32 -20.39 18.49 -28.91
CA ILE G 32 -19.02 17.98 -28.81
C ILE G 32 -18.02 18.97 -29.40
N GLN G 33 -18.35 19.60 -30.52
CA GLN G 33 -17.36 20.42 -31.23
C GLN G 33 -17.23 21.78 -30.55
N PRO G 34 -16.01 22.21 -30.13
CA PRO G 34 -15.88 23.52 -29.47
C PRO G 34 -15.59 24.64 -30.46
N TYR G 35 -16.61 24.99 -31.25
CA TYR G 35 -16.48 26.00 -32.31
C TYR G 35 -17.71 26.90 -32.32
N TRP G 36 -18.14 27.35 -31.14
CA TRP G 36 -19.25 28.28 -31.07
C TRP G 36 -18.82 29.69 -31.45
N VAL G 37 -17.77 30.21 -30.80
CA VAL G 37 -17.22 31.53 -31.07
C VAL G 37 -15.72 31.36 -31.26
N GLY G 38 -15.13 32.26 -32.04
CA GLY G 38 -13.73 32.16 -32.39
C GLY G 38 -13.11 33.51 -32.66
N ASP G 39 -11.80 33.48 -32.89
CA ASP G 39 -11.02 34.69 -33.08
C ASP G 39 -11.41 35.40 -34.37
N SER G 40 -10.85 36.60 -34.53
CA SER G 40 -10.98 37.39 -35.76
C SER G 40 -9.60 37.91 -36.12
N VAL G 41 -9.56 38.80 -37.11
CA VAL G 41 -8.27 39.38 -37.50
C VAL G 41 -7.73 40.27 -36.39
N SER G 42 -8.62 40.98 -35.69
CA SER G 42 -8.22 41.95 -34.68
C SER G 42 -8.13 41.37 -33.27
N THR G 43 -8.33 40.06 -33.11
CA THR G 43 -8.28 39.48 -31.77
C THR G 43 -6.84 39.53 -31.24
N PRO G 44 -6.64 39.75 -29.93
CA PRO G 44 -5.26 39.74 -29.41
C PRO G 44 -4.56 38.40 -29.60
N LYS G 45 -5.29 37.29 -29.47
CA LYS G 45 -4.75 35.95 -29.58
C LYS G 45 -5.71 35.10 -30.39
N PRO G 46 -5.27 34.00 -31.04
CA PRO G 46 -6.20 33.22 -31.84
C PRO G 46 -6.93 32.29 -30.90
N GLY G 47 -7.76 31.40 -31.44
CA GLY G 47 -8.40 30.39 -30.57
C GLY G 47 -9.86 30.15 -30.88
N TYR G 48 -10.54 29.40 -30.03
CA TYR G 48 -11.98 29.08 -30.24
C TYR G 48 -12.51 28.44 -28.97
N PHE G 49 -13.74 28.77 -28.57
CA PHE G 49 -14.29 28.19 -27.35
C PHE G 49 -15.76 27.85 -27.55
N GLY G 50 -16.12 26.65 -27.09
CA GLY G 50 -17.49 26.17 -27.15
C GLY G 50 -18.21 26.30 -25.83
N LEU G 51 -19.07 25.32 -25.52
CA LEU G 51 -19.85 25.39 -24.30
C LEU G 51 -18.96 25.27 -23.06
N PHE G 52 -18.02 24.33 -23.06
CA PHE G 52 -17.14 24.08 -21.92
C PHE G 52 -15.67 24.05 -22.27
N HIS G 53 -15.32 23.52 -23.45
CA HIS G 53 -13.92 23.43 -23.87
C HIS G 53 -13.52 24.70 -24.59
N TYR G 54 -12.28 25.16 -24.35
CA TYR G 54 -11.74 26.37 -25.02
C TYR G 54 -10.25 26.17 -25.33
N CYS G 55 -9.79 26.63 -26.49
CA CYS G 55 -8.38 26.42 -26.90
C CYS G 55 -7.78 27.77 -27.32
N VAL G 56 -7.48 28.63 -26.34
CA VAL G 56 -6.86 29.95 -26.65
C VAL G 56 -5.41 29.75 -27.12
N GLY G 57 -4.82 30.75 -27.79
CA GLY G 57 -3.45 30.60 -28.35
C GLY G 57 -2.37 30.88 -27.32
N SER G 58 -1.10 30.90 -27.75
CA SER G 58 0.01 31.26 -26.81
C SER G 58 0.41 32.72 -26.98
N GLY G 59 0.39 33.24 -28.21
CA GLY G 59 0.66 34.68 -28.42
C GLY G 59 2.10 34.98 -28.77
N LEU G 60 2.73 34.13 -29.59
CA LEU G 60 4.13 34.41 -30.06
C LEU G 60 4.29 33.88 -31.50
N ALA G 61 3.72 34.57 -32.49
CA ALA G 61 3.76 34.09 -33.89
C ALA G 61 3.59 32.57 -33.89
N GLY G 62 2.48 32.05 -33.34
CA GLY G 62 2.39 30.58 -33.23
C GLY G 62 1.00 30.02 -33.09
N ARG G 63 0.88 28.68 -33.18
CA ARG G 63 -0.42 27.98 -32.99
C ARG G 63 -0.64 27.94 -31.48
N GLU G 64 0.00 26.98 -30.81
CA GLU G 64 -0.02 27.01 -29.33
C GLU G 64 -1.43 27.23 -28.77
N LEU G 65 -2.39 26.42 -29.22
CA LEU G 65 -3.78 26.53 -28.71
C LEU G 65 -3.93 25.63 -27.48
N THR G 66 -4.17 26.21 -26.30
CA THR G 66 -4.20 25.42 -25.04
C THR G 66 -5.59 24.94 -24.74
N CYS G 67 -5.90 23.71 -25.14
CA CYS G 67 -7.29 23.23 -24.97
C CYS G 67 -7.55 22.80 -23.51
N ARG G 68 -8.15 23.67 -22.71
CA ARG G 68 -8.55 23.27 -21.34
C ARG G 68 -10.04 23.46 -21.19
N GLY G 69 -10.71 22.52 -20.54
CA GLY G 69 -12.16 22.56 -20.36
C GLY G 69 -12.76 21.18 -20.59
N SER G 70 -13.63 20.78 -19.68
CA SER G 70 -14.29 19.49 -19.77
C SER G 70 -15.58 19.56 -18.98
N PHE G 71 -16.68 19.13 -19.58
CA PHE G 71 -17.95 19.17 -18.87
C PHE G 71 -17.95 18.23 -17.68
N THR G 72 -17.15 17.16 -17.75
CA THR G 72 -17.03 16.24 -16.61
C THR G 72 -16.35 16.89 -15.41
N ASP G 73 -15.67 18.03 -15.60
CA ASP G 73 -15.06 18.79 -14.51
C ASP G 73 -15.59 20.23 -14.60
N PHE G 74 -16.59 20.54 -13.77
CA PHE G 74 -17.23 21.85 -13.81
C PHE G 74 -16.27 22.97 -13.42
N SER G 75 -15.19 22.66 -12.71
CA SER G 75 -14.24 23.70 -12.33
C SER G 75 -13.59 24.34 -13.55
N THR G 76 -13.24 23.53 -14.55
CA THR G 76 -12.55 24.05 -15.73
C THR G 76 -13.44 24.96 -16.57
N ILE G 77 -14.75 24.87 -16.43
CA ILE G 77 -15.65 25.70 -17.25
C ILE G 77 -15.52 27.16 -16.80
N PRO G 78 -15.34 28.13 -17.71
CA PRO G 78 -15.09 29.51 -17.25
C PRO G 78 -16.23 30.13 -16.45
N SER G 79 -17.48 29.82 -16.76
CA SER G 79 -18.60 30.61 -16.25
C SER G 79 -19.77 29.72 -15.87
N SER G 80 -20.55 30.21 -14.90
CA SER G 80 -21.80 29.56 -14.54
C SER G 80 -22.78 29.59 -15.71
N ALA G 81 -22.74 30.67 -16.51
CA ALA G 81 -23.56 30.71 -17.72
C ALA G 81 -23.17 29.62 -18.69
N PHE G 82 -21.86 29.38 -18.84
CA PHE G 82 -21.40 28.27 -19.68
C PHE G 82 -21.87 26.94 -19.13
N LYS G 83 -21.81 26.77 -17.81
CA LYS G 83 -22.29 25.54 -17.19
C LYS G 83 -23.76 25.31 -17.48
N ALA G 84 -24.57 26.37 -17.31
CA ALA G 84 -26.01 26.25 -17.55
C ALA G 84 -26.31 25.94 -19.01
N ALA G 85 -25.61 26.61 -19.93
CA ALA G 85 -25.84 26.35 -21.35
C ALA G 85 -25.48 24.91 -21.71
N ALA G 86 -24.35 24.42 -21.19
CA ALA G 86 -23.97 23.03 -21.44
C ALA G 86 -25.01 22.07 -20.87
N PHE G 87 -25.51 22.37 -19.67
CA PHE G 87 -26.52 21.51 -19.05
C PHE G 87 -27.79 21.47 -19.90
N PHE G 88 -28.23 22.63 -20.40
CA PHE G 88 -29.46 22.66 -21.19
C PHE G 88 -29.29 21.93 -22.51
N VAL G 89 -28.14 22.11 -23.18
CA VAL G 89 -27.90 21.40 -24.43
C VAL G 89 -27.86 19.90 -24.17
N LEU G 90 -27.25 19.48 -23.05
CA LEU G 90 -27.23 18.08 -22.69
C LEU G 90 -28.63 17.53 -22.47
N LEU G 91 -29.48 18.32 -21.80
CA LEU G 91 -30.86 17.86 -21.56
C LEU G 91 -31.61 17.71 -22.87
N SER G 92 -31.40 18.64 -23.81
CA SER G 92 -32.02 18.51 -25.13
C SER G 92 -31.53 17.26 -25.84
N MET G 93 -30.23 16.98 -25.75
CA MET G 93 -29.69 15.77 -26.37
C MET G 93 -30.29 14.52 -25.74
N VAL G 94 -30.46 14.53 -24.42
CA VAL G 94 -31.08 13.39 -23.74
C VAL G 94 -32.49 13.19 -24.24
N LEU G 95 -33.25 14.28 -24.41
CA LEU G 95 -34.64 14.16 -24.89
C LEU G 95 -34.70 13.60 -26.31
N ILE G 96 -33.86 14.11 -27.21
CA ILE G 96 -33.96 13.66 -28.59
C ILE G 96 -33.50 12.21 -28.72
N LEU G 97 -32.46 11.81 -27.97
CA LEU G 97 -32.11 10.40 -27.94
C LEU G 97 -33.19 9.57 -27.27
N GLY G 98 -33.92 10.17 -26.34
CA GLY G 98 -35.11 9.52 -25.81
C GLY G 98 -36.09 9.16 -26.90
N CYS G 99 -36.26 10.06 -27.87
CA CYS G 99 -37.12 9.73 -29.01
C CYS G 99 -36.50 8.72 -29.96
N ILE G 100 -35.17 8.74 -30.15
CA ILE G 100 -34.59 7.70 -30.98
C ILE G 100 -34.83 6.33 -30.34
N THR G 101 -34.91 6.29 -29.00
CA THR G 101 -35.37 5.06 -28.34
C THR G 101 -36.85 4.81 -28.58
N CYS G 102 -37.69 5.83 -28.35
CA CYS G 102 -39.13 5.68 -28.38
C CYS G 102 -39.66 5.34 -29.77
N PHE G 103 -38.85 5.49 -30.81
CA PHE G 103 -39.23 4.95 -32.11
C PHE G 103 -39.49 3.44 -32.03
N SER G 104 -38.83 2.74 -31.10
CA SER G 104 -39.08 1.33 -30.92
C SER G 104 -40.50 1.04 -30.44
N LEU G 105 -41.13 2.00 -29.74
CA LEU G 105 -42.48 1.78 -29.22
C LEU G 105 -43.53 1.71 -30.33
N PHE G 106 -43.19 2.06 -31.56
CA PHE G 106 -44.17 2.00 -32.66
C PHE G 106 -44.64 0.58 -32.93
N PHE G 107 -43.88 -0.44 -32.53
CA PHE G 107 -44.30 -1.82 -32.77
C PHE G 107 -45.60 -2.14 -32.05
N PHE G 108 -45.71 -1.73 -30.78
CA PHE G 108 -46.83 -2.10 -29.91
C PHE G 108 -47.76 -0.95 -29.61
N CYS G 109 -47.23 0.19 -29.16
CA CYS G 109 -48.07 1.28 -28.73
C CYS G 109 -48.80 1.92 -29.91
N ASN G 110 -49.80 2.74 -29.60
CA ASN G 110 -50.57 3.42 -30.62
C ASN G 110 -49.68 4.43 -31.35
N THR G 111 -49.83 4.47 -32.68
CA THR G 111 -49.00 5.36 -33.48
C THR G 111 -49.22 6.82 -33.11
N ALA G 112 -50.49 7.21 -32.91
CA ALA G 112 -50.78 8.57 -32.50
C ALA G 112 -50.16 8.89 -31.15
N THR G 113 -50.22 7.94 -30.22
CA THR G 113 -49.66 8.16 -28.90
C THR G 113 -48.15 8.35 -28.95
N VAL G 114 -47.44 7.48 -29.69
CA VAL G 114 -45.99 7.61 -29.77
C VAL G 114 -45.61 8.90 -30.49
N TYR G 115 -46.34 9.24 -31.55
CA TYR G 115 -46.08 10.48 -32.27
C TYR G 115 -46.27 11.68 -31.35
N LYS G 116 -47.33 11.69 -30.54
CA LYS G 116 -47.52 12.80 -29.61
C LYS G 116 -46.42 12.82 -28.55
N ILE G 117 -45.98 11.66 -28.10
CA ILE G 117 -44.97 11.61 -27.04
C ILE G 117 -43.67 12.25 -27.50
N CYS G 118 -43.19 11.86 -28.68
CA CYS G 118 -42.06 12.62 -29.25
C CYS G 118 -42.38 14.01 -29.74
N ALA G 119 -43.61 14.32 -30.10
CA ALA G 119 -43.88 15.70 -30.46
C ALA G 119 -43.64 16.59 -29.25
N TRP G 120 -44.13 16.15 -28.09
CA TRP G 120 -43.90 16.90 -26.85
C TRP G 120 -42.44 16.91 -26.44
N MET G 121 -41.75 15.76 -26.51
CA MET G 121 -40.34 15.78 -26.08
C MET G 121 -39.46 16.56 -27.06
N GLN G 122 -39.78 16.56 -28.35
CA GLN G 122 -39.04 17.40 -29.28
C GLN G 122 -39.30 18.88 -29.00
N LEU G 123 -40.54 19.23 -28.65
CA LEU G 123 -40.81 20.60 -28.24
C LEU G 123 -39.99 20.98 -27.01
N LEU G 124 -39.91 20.07 -26.03
CA LEU G 124 -39.14 20.34 -24.83
C LEU G 124 -37.66 20.47 -25.14
N ALA G 125 -37.13 19.63 -26.03
CA ALA G 125 -35.73 19.72 -26.41
C ALA G 125 -35.45 21.04 -27.13
N ALA G 126 -36.37 21.47 -27.99
CA ALA G 126 -36.20 22.77 -28.64
C ALA G 126 -36.21 23.90 -27.61
N LEU G 127 -37.09 23.81 -26.61
CA LEU G 127 -37.13 24.83 -25.57
C LEU G 127 -35.81 24.85 -24.79
N CYS G 128 -35.28 23.67 -24.45
CA CYS G 128 -34.02 23.60 -23.73
C CYS G 128 -32.88 24.18 -24.57
N LEU G 129 -32.88 23.88 -25.87
CA LEU G 129 -31.84 24.42 -26.74
C LEU G 129 -31.95 25.94 -26.85
N VAL G 130 -33.17 26.47 -26.89
CA VAL G 130 -33.36 27.92 -26.89
C VAL G 130 -32.82 28.51 -25.60
N LEU G 131 -33.12 27.88 -24.46
CA LEU G 131 -32.61 28.39 -23.19
C LEU G 131 -31.10 28.36 -23.14
N GLY G 132 -30.50 27.28 -23.63
CA GLY G 132 -29.05 27.18 -23.63
C GLY G 132 -28.39 28.23 -24.50
N CYS G 133 -28.91 28.40 -25.72
CA CYS G 133 -28.33 29.39 -26.62
C CYS G 133 -28.61 30.82 -26.17
N MET G 134 -29.67 31.03 -25.37
CA MET G 134 -29.95 32.37 -24.85
C MET G 134 -29.10 32.69 -23.63
N ILE G 135 -28.77 31.68 -22.81
CA ILE G 135 -27.98 31.91 -21.61
C ILE G 135 -26.48 31.82 -21.85
N PHE G 136 -26.05 31.16 -22.93
CA PHE G 136 -24.61 31.11 -23.23
C PHE G 136 -23.99 32.48 -23.47
N PRO G 137 -24.63 33.44 -24.14
CA PRO G 137 -24.03 34.78 -24.28
C PRO G 137 -23.66 35.46 -22.97
N ASP G 138 -24.35 35.15 -21.87
CA ASP G 138 -24.06 35.82 -20.61
C ASP G 138 -22.65 35.55 -20.11
N GLY G 139 -22.04 34.44 -20.54
CA GLY G 139 -20.75 34.03 -20.03
C GLY G 139 -19.54 34.68 -20.65
N TRP G 140 -19.69 35.51 -21.69
CA TRP G 140 -18.50 36.11 -22.29
C TRP G 140 -17.86 37.16 -21.40
N ASP G 141 -18.57 37.69 -20.41
CA ASP G 141 -17.96 38.66 -19.51
C ASP G 141 -16.94 38.04 -18.55
N ALA G 142 -16.85 36.70 -18.50
CA ALA G 142 -15.87 36.04 -17.66
C ALA G 142 -14.46 36.44 -18.06
N GLU G 143 -13.53 36.30 -17.11
CA GLU G 143 -12.16 36.78 -17.31
C GLU G 143 -11.48 36.04 -18.46
N THR G 144 -11.71 34.73 -18.60
CA THR G 144 -11.05 33.97 -19.65
C THR G 144 -11.52 34.42 -21.03
N ILE G 145 -12.83 34.57 -21.21
CA ILE G 145 -13.35 35.02 -22.51
C ILE G 145 -12.92 36.46 -22.77
N ARG G 146 -12.87 37.29 -21.73
CA ARG G 146 -12.42 38.68 -21.91
C ARG G 146 -10.98 38.71 -22.39
N ASP G 147 -10.11 37.90 -21.78
CA ASP G 147 -8.73 37.81 -22.25
C ASP G 147 -8.65 37.26 -23.67
N MET G 148 -9.51 36.29 -24.00
CA MET G 148 -9.50 35.71 -25.33
C MET G 148 -9.85 36.74 -26.39
N CYS G 149 -10.97 37.45 -26.20
CA CYS G 149 -11.51 38.33 -27.22
C CYS G 149 -11.02 39.76 -27.10
N GLY G 150 -11.25 40.40 -25.97
CA GLY G 150 -10.85 41.78 -25.78
C GLY G 150 -11.72 42.46 -24.74
N ALA G 151 -11.47 43.75 -24.57
CA ALA G 151 -12.23 44.54 -23.61
C ALA G 151 -13.64 44.86 -24.12
N LYS G 152 -13.82 44.95 -25.44
CA LYS G 152 -15.13 45.25 -26.00
C LYS G 152 -16.14 44.15 -25.71
N THR G 153 -15.67 42.91 -25.54
CA THR G 153 -16.58 41.79 -25.32
C THR G 153 -17.29 41.92 -23.98
N GLY G 154 -18.57 41.55 -23.97
CA GLY G 154 -19.37 41.63 -22.77
C GLY G 154 -20.63 40.81 -22.91
N LYS G 155 -21.54 41.01 -21.95
CA LYS G 155 -22.82 40.30 -21.97
C LYS G 155 -23.61 40.69 -23.21
N TYR G 156 -23.88 39.71 -24.07
CA TYR G 156 -24.57 39.95 -25.34
C TYR G 156 -23.82 40.98 -26.19
N SER G 157 -22.49 40.89 -26.16
CA SER G 157 -21.63 41.82 -26.91
C SER G 157 -20.44 41.05 -27.42
N LEU G 158 -20.44 40.72 -28.71
CA LEU G 158 -19.36 39.93 -29.29
C LEU G 158 -18.04 40.68 -29.21
N GLY G 159 -18.05 41.99 -29.50
CA GLY G 159 -16.83 42.76 -29.54
C GLY G 159 -16.11 42.60 -30.86
N ASP G 160 -15.03 41.82 -30.85
CA ASP G 160 -14.27 41.50 -32.06
C ASP G 160 -14.35 40.03 -32.46
N CYS G 161 -14.65 39.14 -31.52
CA CYS G 161 -14.75 37.72 -31.85
C CYS G 161 -15.96 37.48 -32.76
N SER G 162 -15.90 36.38 -33.50
CA SER G 162 -16.90 36.04 -34.53
C SER G 162 -17.51 34.69 -34.24
N VAL G 163 -18.82 34.58 -34.44
CA VAL G 163 -19.50 33.30 -34.27
C VAL G 163 -19.10 32.36 -35.39
N ARG G 164 -18.67 31.14 -35.02
CA ARG G 164 -18.24 30.13 -35.97
C ARG G 164 -19.42 29.21 -36.28
N TRP G 165 -19.16 28.12 -37.01
CA TRP G 165 -20.24 27.33 -37.58
C TRP G 165 -21.11 26.63 -36.53
N ALA G 166 -20.58 26.40 -35.31
CA ALA G 166 -21.37 25.66 -34.33
C ALA G 166 -22.53 26.47 -33.79
N TYR G 167 -22.37 27.79 -33.65
CA TYR G 167 -23.46 28.61 -33.11
C TYR G 167 -24.62 28.71 -34.10
N ILE G 168 -24.31 29.02 -35.37
CA ILE G 168 -25.37 29.08 -36.37
C ILE G 168 -25.97 27.70 -36.59
N LEU G 169 -25.15 26.65 -36.51
CA LEU G 169 -25.69 25.30 -36.58
C LEU G 169 -26.64 25.03 -35.42
N ALA G 170 -26.33 25.57 -34.24
CA ALA G 170 -27.25 25.45 -33.12
C ALA G 170 -28.57 26.16 -33.40
N ILE G 171 -28.51 27.33 -34.03
CA ILE G 171 -29.73 28.06 -34.35
C ILE G 171 -30.58 27.27 -35.35
N ILE G 172 -29.93 26.72 -36.39
CA ILE G 172 -30.64 25.85 -37.33
C ILE G 172 -31.23 24.66 -36.60
N GLY G 173 -30.49 24.09 -35.66
CA GLY G 173 -31.03 22.99 -34.87
C GLY G 173 -32.26 23.38 -34.09
N ILE G 174 -32.25 24.59 -33.51
CA ILE G 174 -33.40 25.07 -32.75
C ILE G 174 -34.63 25.14 -33.63
N LEU G 175 -34.50 25.82 -34.78
CA LEU G 175 -35.69 26.05 -35.59
C LEU G 175 -36.15 24.77 -36.29
N ASN G 176 -35.20 23.89 -36.63
CA ASN G 176 -35.56 22.59 -37.18
C ASN G 176 -36.22 21.72 -36.12
N ALA G 177 -35.79 21.82 -34.87
CA ALA G 177 -36.46 21.09 -33.79
C ALA G 177 -37.89 21.58 -33.64
N LEU G 178 -38.09 22.89 -33.71
CA LEU G 178 -39.45 23.43 -33.59
C LEU G 178 -40.34 22.94 -34.73
N ILE G 179 -39.88 23.03 -35.98
CA ILE G 179 -40.73 22.63 -37.09
C ILE G 179 -40.95 21.12 -37.07
N LEU G 180 -39.93 20.34 -36.69
CA LEU G 180 -40.11 18.89 -36.58
C LEU G 180 -41.10 18.54 -35.49
N SER G 181 -41.06 19.25 -34.36
CA SER G 181 -42.02 18.99 -33.29
C SER G 181 -43.44 19.31 -33.74
N PHE G 182 -43.63 20.43 -34.45
CA PHE G 182 -44.97 20.75 -34.93
C PHE G 182 -45.45 19.73 -35.95
N LEU G 183 -44.54 19.29 -36.84
CA LEU G 183 -44.87 18.21 -37.77
C LEU G 183 -45.28 16.95 -37.01
N ALA G 184 -44.59 16.65 -35.92
CA ALA G 184 -44.95 15.50 -35.11
C ALA G 184 -46.33 15.68 -34.47
N PHE G 185 -46.64 16.89 -33.98
CA PHE G 185 -47.93 17.11 -33.34
C PHE G 185 -49.05 16.83 -34.35
N VAL G 186 -48.94 17.45 -35.53
CA VAL G 186 -49.98 17.29 -36.53
C VAL G 186 -50.02 15.87 -37.08
N LEU G 187 -48.88 15.19 -37.20
CA LEU G 187 -48.88 13.80 -37.64
C LEU G 187 -49.62 12.93 -36.65
N GLY G 188 -49.35 13.11 -35.35
CA GLY G 188 -50.06 12.34 -34.35
C GLY G 188 -51.56 12.58 -34.38
N ASN G 189 -51.97 13.84 -34.57
CA ASN G 189 -53.39 14.11 -34.73
C ASN G 189 -53.94 13.50 -36.02
N ARG G 190 -53.12 13.41 -37.06
CA ARG G 190 -53.56 12.89 -38.36
C ARG G 190 -53.70 11.38 -38.37
N GLN G 191 -53.02 10.66 -37.47
CA GLN G 191 -53.18 9.21 -37.43
C GLN G 191 -54.63 8.83 -37.18
N THR G 192 -55.29 9.51 -36.22
CA THR G 192 -56.71 9.26 -35.99
C THR G 192 -57.55 9.71 -37.17
N ASP G 193 -57.14 10.77 -37.86
CA ASP G 193 -57.80 11.26 -39.07
C ASP G 193 -59.23 11.74 -38.80
N GLN H 1 -6.37 -24.00 36.85
CA GLN H 1 -6.23 -22.89 37.82
C GLN H 1 -4.78 -22.42 37.87
N VAL H 2 -4.59 -21.11 37.71
CA VAL H 2 -3.26 -20.53 37.84
C VAL H 2 -2.81 -20.63 39.30
N GLN H 3 -1.56 -21.01 39.51
CA GLN H 3 -1.06 -21.26 40.85
C GLN H 3 0.44 -21.04 40.83
N LEU H 4 0.96 -20.43 41.90
CA LEU H 4 2.37 -20.09 42.05
C LEU H 4 2.88 -20.74 43.34
N GLN H 5 3.72 -21.75 43.19
CA GLN H 5 4.18 -22.53 44.33
C GLN H 5 5.51 -21.95 44.81
N GLU H 6 5.54 -21.51 46.06
CA GLU H 6 6.74 -21.00 46.70
C GLU H 6 7.36 -22.10 47.56
N SER H 7 8.69 -22.08 47.64
CA SER H 7 9.43 -23.08 48.40
C SER H 7 10.66 -22.43 49.01
N GLY H 8 11.01 -22.88 50.20
CA GLY H 8 12.16 -22.37 50.92
C GLY H 8 12.03 -22.59 52.41
N GLY H 9 13.15 -22.44 53.10
CA GLY H 9 13.16 -22.65 54.54
C GLY H 9 12.39 -21.57 55.29
N GLY H 10 12.08 -21.87 56.55
CA GLY H 10 11.28 -21.00 57.39
C GLY H 10 12.06 -20.29 58.47
N LEU H 11 13.00 -20.99 59.09
CA LEU H 11 13.79 -20.46 60.20
C LEU H 11 15.26 -20.42 59.82
N VAL H 12 15.97 -19.41 60.31
CA VAL H 12 17.43 -19.35 60.16
C VAL H 12 18.00 -18.61 61.36
N GLN H 13 19.26 -18.89 61.67
CA GLN H 13 19.93 -18.22 62.77
C GLN H 13 20.27 -16.79 62.38
N GLY H 422 23.67 -15.52 58.02
CA GLY H 422 23.01 -16.62 57.35
C GLY H 422 22.54 -16.27 55.95
N SER H 423 22.32 -17.30 55.13
CA SER H 423 21.87 -17.13 53.75
C SER H 423 20.75 -18.11 53.48
N LEU H 424 19.91 -17.78 52.50
CA LEU H 424 18.73 -18.57 52.19
C LEU H 424 18.44 -18.41 50.70
N ARG H 425 17.72 -19.38 50.14
CA ARG H 425 17.24 -19.29 48.77
C ARG H 425 15.79 -19.71 48.74
N VAL H 426 14.94 -18.89 48.12
CA VAL H 426 13.50 -19.15 48.00
C VAL H 426 13.15 -19.18 46.53
N SER H 427 12.50 -20.26 46.10
CA SER H 427 12.10 -20.45 44.71
C SER H 427 10.59 -20.28 44.57
N CYS H 428 10.17 -19.90 43.37
CA CYS H 428 8.77 -19.68 43.06
C CYS H 428 8.50 -20.19 41.65
N ALA H 429 7.82 -21.33 41.55
CA ALA H 429 7.54 -21.96 40.27
C ALA H 429 6.10 -21.71 39.86
N ALA H 430 5.90 -21.33 38.60
CA ALA H 430 4.57 -21.09 38.05
C ALA H 430 4.01 -22.35 37.42
N SER H 431 2.69 -22.39 37.29
CA SER H 431 2.01 -23.51 36.67
C SER H 431 0.66 -23.04 36.14
N GLY H 432 0.25 -23.64 35.02
CA GLY H 432 -1.01 -23.30 34.39
C GLY H 432 -0.96 -22.07 33.50
N ARG H 433 0.18 -21.39 33.40
CA ARG H 433 0.30 -20.20 32.57
C ARG H 433 1.79 -19.89 32.43
N THR H 434 2.23 -19.69 31.19
CA THR H 434 3.62 -19.31 30.94
C THR H 434 3.79 -17.81 31.19
N PHE H 435 4.73 -17.48 32.07
CA PHE H 435 5.02 -16.09 32.43
C PHE H 435 6.35 -15.63 31.84
N THR H 436 6.75 -16.21 30.71
CA THR H 436 8.00 -15.81 30.07
C THR H 436 7.94 -14.35 29.62
N THR H 437 6.77 -13.88 29.20
CA THR H 437 6.59 -12.50 28.76
C THR H 437 6.14 -11.58 29.89
N TYR H 438 5.92 -12.09 31.09
CA TYR H 438 5.48 -11.29 32.23
C TYR H 438 6.66 -10.89 33.10
N ILE H 439 6.40 -9.96 34.02
CA ILE H 439 7.39 -9.50 34.98
C ILE H 439 7.15 -10.22 36.30
N MET H 440 8.19 -10.84 36.84
CA MET H 440 8.09 -11.64 38.06
C MET H 440 8.83 -10.94 39.20
N ALA H 441 8.12 -10.73 40.31
CA ALA H 441 8.60 -9.89 41.40
C ALA H 441 8.36 -10.55 42.74
N TRP H 442 9.04 -10.01 43.75
CA TRP H 442 8.95 -10.47 45.13
C TRP H 442 8.54 -9.31 46.03
N PHE H 443 7.72 -9.63 47.03
CA PHE H 443 7.24 -8.64 47.99
C PHE H 443 7.40 -9.20 49.40
N ARG H 444 7.43 -8.29 50.37
CA ARG H 444 7.63 -8.62 51.77
C ARG H 444 6.49 -8.03 52.59
N GLN H 445 6.04 -8.78 53.59
CA GLN H 445 5.00 -8.33 54.52
C GLN H 445 5.46 -8.69 55.93
N ALA H 446 5.85 -7.67 56.69
CA ALA H 446 6.17 -7.85 58.10
C ALA H 446 4.89 -7.74 58.93
N PRO H 447 4.93 -8.17 60.20
CA PRO H 447 3.75 -7.99 61.05
C PRO H 447 3.45 -6.51 61.29
N GLY H 448 2.29 -6.06 60.84
CA GLY H 448 1.87 -4.69 61.04
C GLY H 448 2.43 -3.68 60.06
N LYS H 449 2.79 -4.11 58.85
CA LYS H 449 3.29 -3.22 57.82
C LYS H 449 2.66 -3.57 56.49
N GLU H 450 2.73 -2.64 55.55
CA GLU H 450 2.19 -2.84 54.21
C GLU H 450 3.20 -3.60 53.34
N ARG H 451 2.74 -4.01 52.16
CA ARG H 451 3.57 -4.78 51.26
C ARG H 451 4.69 -3.92 50.70
N GLU H 452 5.93 -4.43 50.76
CA GLU H 452 7.11 -3.73 50.31
C GLU H 452 7.74 -4.50 49.15
N PHE H 453 8.06 -3.77 48.08
CA PHE H 453 8.67 -4.39 46.90
C PHE H 453 10.14 -4.71 47.17
N LEU H 454 10.55 -5.94 46.86
CA LEU H 454 11.94 -6.38 47.05
C LEU H 454 12.73 -6.35 45.75
N ALA H 455 12.28 -7.10 44.76
CA ALA H 455 13.01 -7.22 43.50
C ALA H 455 12.06 -7.66 42.40
N ALA H 456 12.51 -7.47 41.16
CA ALA H 456 11.73 -7.86 40.00
C ALA H 456 12.66 -8.19 38.84
N MET H 457 12.21 -9.12 38.01
CA MET H 457 12.92 -9.52 36.80
C MET H 457 11.96 -9.45 35.62
N ASP H 458 12.46 -8.91 34.51
CA ASP H 458 11.70 -8.66 33.31
C ASP H 458 12.01 -9.73 32.27
N GLN H 459 11.24 -9.73 31.17
CA GLN H 459 11.48 -10.66 30.07
C GLN H 459 12.90 -10.55 29.53
N GLY H 460 13.49 -9.37 29.57
CA GLY H 460 14.82 -9.15 29.01
C GLY H 460 15.95 -9.41 29.99
N ARG H 461 15.73 -10.27 30.98
CA ARG H 461 16.72 -10.57 32.02
C ARG H 461 17.14 -9.32 32.79
N ILE H 462 16.28 -8.32 32.85
CA ILE H 462 16.61 -7.04 33.47
C ILE H 462 16.12 -7.08 34.91
N GLN H 463 16.99 -6.67 35.84
CA GLN H 463 16.76 -6.80 37.27
C GLN H 463 16.52 -5.43 37.88
N TYR H 464 15.52 -5.33 38.74
CA TYR H 464 15.26 -4.15 39.55
C TYR H 464 15.24 -4.58 41.01
N TYR H 465 15.74 -3.72 41.89
CA TYR H 465 15.85 -4.01 43.30
C TYR H 465 15.40 -2.82 44.13
N GLY H 466 14.81 -3.10 45.29
CA GLY H 466 14.45 -2.05 46.22
C GLY H 466 15.66 -1.50 46.95
N ASP H 467 15.55 -0.25 47.39
CA ASP H 467 16.66 0.41 48.05
C ASP H 467 17.01 -0.26 49.37
N SER H 468 16.00 -0.68 50.13
CA SER H 468 16.25 -1.28 51.45
C SER H 468 17.02 -2.59 51.33
N VAL H 469 16.91 -3.29 50.20
CA VAL H 469 17.53 -4.59 50.01
C VAL H 469 18.41 -4.59 48.75
N ARG H 470 18.95 -3.43 48.40
CA ARG H 470 19.81 -3.33 47.24
C ARG H 470 21.22 -3.78 47.62
N GLY H 471 21.81 -4.63 46.78
CA GLY H 471 23.14 -5.15 47.01
C GLY H 471 23.20 -6.40 47.87
N ARG H 472 22.10 -6.76 48.54
CA ARG H 472 22.03 -7.95 49.37
C ARG H 472 21.33 -9.10 48.66
N PHE H 473 20.09 -8.88 48.23
CA PHE H 473 19.31 -9.92 47.58
C PHE H 473 19.62 -9.97 46.09
N THR H 474 19.47 -11.17 45.51
CA THR H 474 19.71 -11.37 44.08
C THR H 474 18.53 -12.15 43.49
N ILE H 475 17.96 -11.61 42.42
CA ILE H 475 16.82 -12.23 41.74
C ILE H 475 17.30 -12.86 40.45
N SER H 476 16.77 -14.04 40.15
CA SER H 476 17.07 -14.75 38.90
C SER H 476 15.79 -15.39 38.38
N ARG H 477 15.74 -15.60 37.08
CA ARG H 477 14.60 -16.25 36.42
C ARG H 477 15.10 -17.39 35.57
N ASP H 478 14.48 -18.56 35.74
CA ASP H 478 14.68 -19.69 34.84
C ASP H 478 13.43 -19.77 33.96
N TYR H 479 13.60 -19.44 32.69
CA TYR H 479 12.48 -19.44 31.75
C TYR H 479 12.11 -20.84 31.30
N ALA H 480 13.07 -21.77 31.31
CA ALA H 480 12.79 -23.13 30.87
C ALA H 480 11.77 -23.81 31.78
N LYS H 481 12.02 -23.81 33.08
CA LYS H 481 11.10 -24.37 34.07
C LYS H 481 10.16 -23.33 34.66
N ASN H 482 10.17 -22.09 34.15
CA ASN H 482 9.14 -21.11 34.44
C ASN H 482 9.07 -20.80 35.94
N SER H 483 10.16 -20.23 36.45
CA SER H 483 10.25 -19.93 37.87
C SER H 483 11.16 -18.73 38.08
N VAL H 484 11.00 -18.11 39.26
CA VAL H 484 11.82 -17.01 39.71
C VAL H 484 12.38 -17.38 41.08
N ASP H 485 13.69 -17.19 41.25
CA ASP H 485 14.39 -17.51 42.48
C ASP H 485 14.96 -16.24 43.08
N LEU H 486 14.96 -16.18 44.42
CA LEU H 486 15.50 -15.06 45.18
C LEU H 486 16.51 -15.60 46.18
N GLN H 487 17.74 -15.12 46.09
CA GLN H 487 18.84 -15.52 46.96
C GLN H 487 19.06 -14.39 47.97
N LEU H 488 18.89 -14.71 49.24
CA LEU H 488 18.96 -13.75 50.34
C LEU H 488 20.26 -13.97 51.10
N ASP H 489 21.04 -12.90 51.25
CA ASP H 489 22.33 -12.93 51.94
C ASP H 489 22.41 -11.76 52.90
N GLY H 490 23.20 -11.95 53.96
CA GLY H 490 23.40 -10.91 54.96
C GLY H 490 22.12 -10.53 55.68
N LEU H 491 21.37 -11.54 56.12
CA LEU H 491 20.12 -11.28 56.83
C LEU H 491 20.37 -10.59 58.16
N ARG H 492 19.44 -9.73 58.54
CA ARG H 492 19.45 -9.03 59.83
C ARG H 492 18.08 -9.16 60.44
N PRO H 493 17.98 -9.12 61.80
CA PRO H 493 16.80 -9.72 62.44
C PRO H 493 15.46 -9.10 62.07
N GLU H 494 15.40 -7.81 61.74
CA GLU H 494 14.13 -7.19 61.41
C GLU H 494 13.65 -7.52 59.99
N ASP H 495 14.39 -8.37 59.26
CA ASP H 495 13.93 -8.84 57.96
C ASP H 495 12.93 -9.99 58.08
N THR H 496 12.62 -10.45 59.29
CA THR H 496 11.61 -11.47 59.46
C THR H 496 10.27 -11.00 58.93
N ALA H 497 9.64 -11.83 58.09
CA ALA H 497 8.41 -11.43 57.41
C ALA H 497 7.96 -12.61 56.56
N VAL H 498 6.75 -12.49 56.01
CA VAL H 498 6.25 -13.44 55.02
C VAL H 498 6.50 -12.86 53.64
N TYR H 499 7.13 -13.66 52.77
CA TYR H 499 7.55 -13.25 51.45
C TYR H 499 6.58 -13.81 50.41
N TYR H 500 6.08 -12.92 49.56
CA TYR H 500 5.14 -13.26 48.50
C TYR H 500 5.85 -13.20 47.15
N CYS H 501 5.47 -14.12 46.26
CA CYS H 501 5.92 -14.13 44.88
C CYS H 501 4.76 -13.75 43.98
N ALA H 502 5.00 -12.83 43.05
CA ALA H 502 3.96 -12.35 42.14
C ALA H 502 4.48 -12.34 40.72
N ALA H 503 3.56 -12.43 39.77
CA ALA H 503 3.87 -12.33 38.36
C ALA H 503 2.77 -11.52 37.69
N GLY H 504 3.16 -10.66 36.74
CA GLY H 504 2.19 -9.85 36.04
C GLY H 504 2.87 -8.83 35.17
N ALA H 505 2.05 -8.15 34.37
CA ALA H 505 2.51 -7.03 33.55
C ALA H 505 2.42 -5.76 34.39
N GLY H 506 3.47 -4.94 34.31
CA GLY H 506 3.53 -3.76 35.15
C GLY H 506 2.84 -2.56 34.53
N PHE H 507 1.59 -2.34 34.91
CA PHE H 507 0.80 -1.19 34.48
C PHE H 507 0.54 -0.32 35.70
N TRP H 508 0.95 0.95 35.61
CA TRP H 508 1.03 1.88 36.73
C TRP H 508 2.02 1.43 37.81
N GLY H 509 2.83 0.40 37.53
CA GLY H 509 3.58 -0.29 38.56
C GLY H 509 5.00 -0.66 38.19
N LEU H 510 5.33 -1.94 38.37
CA LEU H 510 6.65 -2.54 38.49
C LEU H 510 7.22 -2.33 39.89
N ARG H 511 6.59 -1.51 40.74
CA ARG H 511 6.92 -1.38 42.15
C ARG H 511 5.72 -1.48 43.06
N THR H 512 4.49 -1.36 42.52
CA THR H 512 3.26 -1.40 43.31
C THR H 512 2.64 -2.78 43.23
N ALA H 513 2.10 -3.24 44.37
CA ALA H 513 1.46 -4.54 44.41
C ALA H 513 0.20 -4.58 43.54
N SER H 514 -0.47 -3.45 43.37
CA SER H 514 -1.73 -3.42 42.63
C SER H 514 -1.56 -3.76 41.15
N SER H 515 -0.34 -3.66 40.61
CA SER H 515 -0.11 -3.95 39.20
C SER H 515 0.00 -5.43 38.90
N TYR H 516 0.06 -6.30 39.91
CA TYR H 516 0.18 -7.73 39.72
C TYR H 516 -1.15 -8.40 40.01
N HIS H 517 -1.51 -9.39 39.19
CA HIS H 517 -2.75 -10.13 39.33
C HIS H 517 -2.54 -11.52 39.93
N TYR H 518 -1.36 -12.10 39.80
CA TYR H 518 -1.03 -13.41 40.33
C TYR H 518 -0.14 -13.27 41.55
N TRP H 519 -0.47 -14.01 42.61
CA TRP H 519 0.27 -13.97 43.86
C TRP H 519 0.37 -15.38 44.43
N GLY H 520 1.46 -15.62 45.17
CA GLY H 520 1.62 -16.86 45.89
C GLY H 520 0.98 -16.82 47.27
N GLN H 521 0.92 -17.99 47.91
CA GLN H 521 0.35 -18.07 49.25
C GLN H 521 1.25 -17.46 50.31
N GLY H 522 2.53 -17.26 50.00
CA GLY H 522 3.45 -16.64 50.93
C GLY H 522 4.23 -17.65 51.76
N THR H 523 5.52 -17.39 51.96
CA THR H 523 6.39 -18.24 52.75
C THR H 523 6.97 -17.43 53.90
N GLN H 524 6.82 -17.94 55.13
CA GLN H 524 7.33 -17.23 56.29
C GLN H 524 8.84 -17.38 56.39
N VAL H 525 9.51 -16.32 56.84
CA VAL H 525 10.95 -16.33 57.06
C VAL H 525 11.24 -15.62 58.37
N THR H 526 12.03 -16.25 59.23
CA THR H 526 12.37 -15.73 60.54
C THR H 526 13.86 -15.87 60.79
N VAL H 527 14.43 -14.87 61.46
CA VAL H 527 15.85 -14.79 61.78
C VAL H 527 16.00 -14.73 63.29
N SER H 528 16.81 -15.64 63.84
CA SER H 528 17.01 -15.75 65.28
C SER H 528 18.39 -15.22 65.64
N SER H 529 18.45 -14.40 66.70
CA SER H 529 19.70 -13.81 67.17
C SER H 529 20.26 -14.59 68.35
C1 NAG I . 23.18 11.56 6.56
C2 NAG I . 23.71 12.38 5.38
C3 NAG I . 23.90 11.49 4.16
C4 NAG I . 24.33 10.10 4.59
C5 NAG I . 23.22 9.43 5.38
C6 NAG I . 23.72 8.44 6.41
C7 NAG I . 22.94 14.71 5.56
C8 NAG I . 21.93 15.72 5.12
N2 NAG I . 22.81 13.49 5.06
O3 NAG I . 24.86 12.07 3.29
O4 NAG I . 24.63 9.32 3.44
O5 NAG I . 22.45 10.42 6.09
O6 NAG I . 24.62 9.05 7.32
O7 NAG I . 23.85 15.00 6.35
C1 NAG I . 25.88 8.64 3.49
C2 NAG I . 25.88 7.48 2.50
C3 NAG I . 27.24 7.35 1.83
C4 NAG I . 27.66 8.67 1.22
C5 NAG I . 27.58 9.79 2.25
C6 NAG I . 27.84 11.15 1.66
C7 NAG I . 26.13 5.71 4.19
C8 NAG I . 25.59 4.42 4.72
N2 NAG I . 25.49 6.23 3.14
O3 NAG I . 27.18 6.34 0.82
O4 NAG I . 29.00 8.58 0.74
O5 NAG I . 26.26 9.84 2.82
O6 NAG I . 26.84 11.52 0.72
O7 NAG I . 27.12 6.26 4.70
C1 BMA I . 29.20 8.87 -0.65
C2 BMA I . 30.72 9.09 -0.63
C3 BMA I . 31.30 8.74 -1.99
C4 BMA I . 30.82 7.37 -2.48
C5 BMA I . 29.29 7.31 -2.44
C6 BMA I . 28.75 5.96 -2.83
O2 BMA I . 31.35 8.24 0.31
O3 BMA I . 32.73 8.77 -1.97
O4 BMA I . 31.26 7.14 -3.80
O5 BMA I . 28.86 7.58 -1.10
O6 BMA I . 27.33 5.97 -2.67
C1 MAN I . 33.37 9.53 -3.00
C2 MAN I . 34.76 9.16 -2.44
C3 MAN I . 35.12 10.04 -1.23
C4 MAN I . 34.87 11.52 -1.55
C5 MAN I . 33.42 11.71 -2.01
C6 MAN I . 33.09 13.14 -2.36
O2 MAN I . 35.79 9.40 -3.40
O3 MAN I . 36.46 9.84 -0.81
O4 MAN I . 35.11 12.31 -0.40
O5 MAN I . 33.19 10.91 -3.17
O6 MAN I . 33.39 13.97 -1.23
C1 MAN I . 36.76 8.73 -4.23
C2 MAN I . 37.79 9.36 -5.18
C3 MAN I . 37.11 9.81 -6.47
C4 MAN I . 36.27 8.66 -7.06
C5 MAN I . 35.26 8.19 -6.02
C6 MAN I . 34.42 7.03 -6.50
O2 MAN I . 38.79 8.42 -5.58
O3 MAN I . 38.05 10.27 -7.43
O4 MAN I . 35.59 9.11 -8.22
O5 MAN I . 35.96 7.75 -4.84
O6 MAN I . 35.30 5.95 -6.77
C1 MAN I . 39.88 8.30 -4.64
C2 MAN I . 40.97 8.13 -5.72
C3 MAN I . 41.05 6.67 -6.18
C4 MAN I . 41.11 5.72 -4.98
C5 MAN I . 39.90 5.97 -4.08
C6 MAN I . 39.88 5.08 -2.85
O2 MAN I . 42.26 8.44 -5.20
O3 MAN I . 42.16 6.45 -7.04
O4 MAN I . 41.11 4.37 -5.43
O5 MAN I . 39.94 7.33 -3.63
O6 MAN I . 38.74 5.43 -2.07
C1 MAN I . 26.36 5.01 -3.08
C2 MAN I . 24.86 5.15 -2.78
C3 MAN I . 24.57 4.80 -1.33
C4 MAN I . 25.22 3.46 -0.95
C5 MAN I . 26.72 3.51 -1.26
C6 MAN I . 27.42 2.19 -0.96
O2 MAN I . 24.09 4.24 -3.55
O3 MAN I . 23.18 4.76 -1.07
O4 MAN I . 25.02 3.21 0.44
O5 MAN I . 26.89 3.79 -2.65
O6 MAN I . 28.82 2.39 -1.14
C1 MAN I . 30.18 2.05 -0.88
C2 MAN I . 31.61 2.49 -0.55
C3 MAN I . 32.19 3.33 -1.69
C4 MAN I . 32.01 2.60 -3.03
C5 MAN I . 30.54 2.27 -3.24
C6 MAN I . 30.25 1.51 -4.52
O2 MAN I . 32.49 1.37 -0.40
O3 MAN I . 33.56 3.64 -1.47
O4 MAN I . 32.48 3.43 -4.08
O5 MAN I . 30.08 1.45 -2.15
O6 MAN I . 31.19 0.45 -4.64
C1 MAN I . 32.06 0.63 0.75
C2 MAN I . 33.36 -0.17 0.64
C3 MAN I . 33.16 -1.35 -0.32
C4 MAN I . 31.91 -2.14 0.06
C5 MAN I . 30.70 -1.21 0.05
C6 MAN I . 29.41 -1.92 0.44
O2 MAN I . 33.73 -0.76 1.89
O3 MAN I . 34.31 -2.20 -0.35
O4 MAN I . 31.70 -3.20 -0.87
O5 MAN I . 30.93 -0.16 1.00
O6 MAN I . 28.48 -1.74 -0.62
C1 MAN I . 22.57 5.95 -0.53
C2 MAN I . 21.11 5.76 -0.07
C3 MAN I . 20.16 6.51 -0.99
C4 MAN I . 20.63 7.97 -1.20
C5 MAN I . 22.07 7.96 -1.75
C6 MAN I . 22.62 9.36 -1.94
O2 MAN I . 20.91 6.32 1.23
O3 MAN I . 18.83 6.50 -0.50
O4 MAN I . 19.78 8.63 -2.11
O5 MAN I . 22.91 7.28 -0.80
O6 MAN I . 21.55 10.29 -1.82
C1 NAG J . 26.47 40.23 -7.05
C2 NAG J . 25.87 40.73 -8.37
C3 NAG J . 24.88 41.85 -8.09
C4 NAG J . 23.83 41.42 -7.08
C5 NAG J . 24.53 40.86 -5.83
C6 NAG J . 23.55 40.28 -4.83
C7 NAG J . 27.59 40.33 -10.07
C8 NAG J . 28.63 40.94 -10.96
N2 NAG J . 26.91 41.16 -9.29
O3 NAG J . 24.24 42.21 -9.31
O4 NAG J . 23.01 42.52 -6.71
O5 NAG J . 25.43 39.81 -6.18
O6 NAG J . 22.61 39.41 -5.45
O7 NAG J . 27.38 39.11 -10.07
C1 NAG J . 21.68 42.64 -6.21
C2 NAG J . 20.80 43.48 -5.27
C3 NAG J . 19.34 43.41 -5.72
C4 NAG J . 19.22 43.80 -7.19
C5 NAG J . 20.16 42.96 -8.04
C6 NAG J . 20.19 43.37 -9.49
C7 NAG J . 21.96 43.29 -3.08
C8 NAG J . 23.10 44.10 -3.66
N2 NAG J . 20.93 43.03 -3.89
O3 NAG J . 18.56 44.28 -4.92
O4 NAG J . 17.88 43.61 -7.63
O5 NAG J . 21.51 43.09 -7.55
O6 NAG J . 21.46 43.89 -9.86
O7 NAG J . 22.00 42.88 -1.93
C1 BMA J . 17.02 44.74 -7.46
C2 BMA J . 15.61 44.72 -8.09
C3 BMA J . 15.03 46.12 -8.12
C4 BMA J . 15.14 46.80 -6.74
C5 BMA J . 16.60 46.77 -6.27
C6 BMA J . 16.79 47.39 -4.90
O2 BMA J . 14.73 43.91 -7.32
O3 BMA J . 13.67 46.11 -8.54
O4 BMA J . 14.69 48.14 -6.82
O5 BMA J . 17.03 45.40 -6.21
O6 BMA J . 16.08 46.60 -3.96
C1 NAG K . -2.62 26.81 11.07
C2 NAG K . -2.40 28.33 10.96
C3 NAG K . -1.18 28.75 11.77
C4 NAG K . -1.29 28.25 13.20
C5 NAG K . -1.51 26.75 13.20
C6 NAG K . -1.69 26.18 14.59
C7 NAG K . -3.24 28.59 8.66
C8 NAG K . -2.92 29.07 7.28
N2 NAG K . -2.26 28.74 9.56
O3 NAG K . -1.07 30.17 11.75
O4 NAG K . -0.11 28.58 13.92
O5 NAG K . -2.69 26.43 12.45
O6 NAG K . -2.52 27.00 15.39
O7 NAG K . -4.33 28.11 8.95
C1 NAG K . 0.04 29.88 14.54
C2 NAG K . 1.10 30.24 15.58
C3 NAG K . 0.69 31.49 16.35
C4 NAG K . 0.39 32.62 15.37
C5 NAG K . -0.65 32.17 14.34
C6 NAG K . -0.89 33.21 13.27
C7 NAG K . 2.18 28.14 16.24
C8 NAG K . 2.29 27.08 17.29
N2 NAG K . 1.32 29.13 16.49
O3 NAG K . 1.73 31.87 17.22
O4 NAG K . -0.13 33.75 16.09
O5 NAG K . -0.18 30.99 13.68
O6 NAG K . -2.14 32.99 12.62
O7 NAG K . 2.84 28.09 15.21
C1 BMA K . 0.92 34.72 16.21
C2 BMA K . 0.25 36.06 16.55
C3 BMA K . 1.13 37.22 16.08
C4 BMA K . 2.58 37.04 16.56
C5 BMA K . 3.11 35.66 16.13
C6 BMA K . 4.52 35.40 16.62
O2 BMA K . 0.10 36.19 17.95
O3 BMA K . 0.62 38.47 16.53
O4 BMA K . 3.39 38.05 16.01
O5 BMA K . 2.25 34.66 16.68
O6 BMA K . 4.49 35.28 18.03
C1 MAN K . 5.49 36.13 18.61
C2 MAN K . 4.69 35.99 19.92
C3 MAN K . 5.08 37.10 20.88
C4 MAN K . 6.57 37.37 20.79
C5 MAN K . 6.91 37.95 19.40
C6 MAN K . 8.31 37.61 18.93
O2 MAN K . 5.01 34.77 20.59
O3 MAN K . 4.69 36.80 22.22
O4 MAN K . 6.96 38.30 21.79
O5 MAN K . 5.98 37.44 18.41
O6 MAN K . 8.65 38.49 17.86
C1 MAN K . 3.37 36.28 22.62
C2 MAN K . 2.80 34.88 22.83
C3 MAN K . 1.35 34.93 23.31
C4 MAN K . 0.48 35.96 22.52
C5 MAN K . 1.22 37.30 22.25
C6 MAN K . 1.28 38.21 23.48
O2 MAN K . 3.52 34.19 23.87
O3 MAN K . 1.26 35.18 24.71
O4 MAN K . 0.09 35.40 21.27
O5 MAN K . 2.57 37.07 21.80
O6 MAN K . 2.18 39.29 23.18
C1 MAN K . -0.70 39.06 16.54
C2 MAN K . -0.73 39.77 15.17
C3 MAN K . -0.09 41.15 15.26
C4 MAN K . -0.66 41.95 16.44
C5 MAN K . -0.50 41.14 17.74
C6 MAN K . -1.09 41.84 18.94
O2 MAN K . -2.08 40.00 14.75
O3 MAN K . -0.23 41.88 14.05
O4 MAN K . 0.01 43.18 16.56
O5 MAN K . -1.17 39.87 17.59
O6 MAN K . -0.78 41.08 20.10
C1 NAG L . 30.72 -0.78 3.94
C2 NAG L . 29.99 0.41 4.55
C3 NAG L . 31.00 1.46 5.00
C4 NAG L . 32.04 0.83 5.92
C5 NAG L . 32.67 -0.40 5.27
C6 NAG L . 33.60 -1.14 6.19
C7 NAG L . 27.84 1.47 3.85
C8 NAG L . 27.37 1.42 5.28
N2 NAG L . 29.06 0.98 3.59
O3 NAG L . 30.34 2.52 5.67
O4 NAG L . 33.06 1.78 6.22
O5 NAG L . 31.65 -1.31 4.88
O6 NAG L . 33.13 -2.45 6.46
O7 NAG L . 27.13 1.93 2.96
C1 NAG L . 33.98 2.19 7.24
C2 NAG L . 35.49 2.01 7.05
C3 NAG L . 36.22 3.19 7.68
C4 NAG L . 35.83 4.47 6.99
C5 NAG L . 34.31 4.63 6.99
C6 NAG L . 33.69 4.67 5.61
C7 NAG L . 36.86 -0.07 7.15
C8 NAG L . 37.53 0.33 5.87
N2 NAG L . 35.93 0.75 7.65
O3 NAG L . 37.63 2.99 7.58
O4 NAG L . 36.41 5.59 7.65
O5 NAG L . 33.68 3.54 7.70
O6 NAG L . 34.24 3.69 4.74
O7 NAG L . 37.16 -1.12 7.74
C1 BMA L . 36.56 6.68 6.73
C2 BMA L . 36.02 7.61 7.82
C3 BMA L . 36.62 9.01 7.66
C4 BMA L . 38.14 8.94 7.49
C5 BMA L . 38.51 8.00 6.35
C6 BMA L . 40.00 7.85 6.15
O2 BMA L . 36.40 7.16 9.11
O3 BMA L . 36.28 9.84 8.75
O4 BMA L . 38.65 10.24 7.22
O5 BMA L . 37.97 6.70 6.65
O6 BMA L . 40.56 7.34 7.35
C1 MAN L . 36.10 11.26 8.77
C2 MAN L . 36.64 12.63 9.23
C3 MAN L . 36.53 12.76 10.74
C4 MAN L . 35.10 12.40 11.23
C5 MAN L . 34.74 10.99 10.74
C6 MAN L . 33.33 10.58 11.13
O2 MAN L . 35.87 13.70 8.69
O3 MAN L . 36.88 14.06 11.19
O4 MAN L . 35.05 12.44 12.64
O5 MAN L . 34.83 10.96 9.30
O6 MAN L . 32.42 11.36 10.36
C1 MAN L . 35.47 13.38 7.33
C2 MAN L . 36.17 14.48 6.51
C3 MAN L . 35.46 15.81 6.70
C4 MAN L . 33.95 15.67 6.50
C5 MAN L . 33.41 14.59 7.46
C6 MAN L . 31.92 14.36 7.31
O2 MAN L . 36.09 14.20 5.11
O3 MAN L . 35.97 16.81 5.81
O4 MAN L . 33.30 16.90 6.76
O5 MAN L . 34.08 13.35 7.18
O6 MAN L . 31.71 12.98 7.02
C1 MAN L . 41.41 8.37 7.89
C2 MAN L . 42.87 7.92 7.67
C3 MAN L . 43.83 8.74 8.54
C4 MAN L . 43.11 9.34 9.77
C5 MAN L . 42.02 8.37 10.23
C6 MAN L . 41.37 8.80 11.54
O2 MAN L . 43.29 8.15 6.32
O3 MAN L . 44.48 9.76 7.79
O4 MAN L . 44.05 9.54 10.81
O5 MAN L . 40.99 8.32 9.23
O6 MAN L . 42.36 8.77 12.56
C1 NAG M . 17.54 -28.11 9.87
C2 NAG M . 17.92 -28.96 11.07
C3 NAG M . 19.43 -29.16 11.12
C4 NAG M . 19.94 -29.70 9.79
C5 NAG M . 19.45 -28.83 8.63
C6 NAG M . 19.81 -29.39 7.28
C7 NAG M . 17.16 -29.05 13.41
C8 NAG M . 16.68 -28.27 14.58
N2 NAG M . 17.45 -28.36 12.30
O3 NAG M . 19.75 -30.08 12.16
O4 NAG M . 21.36 -29.70 9.79
O5 NAG M . 18.02 -28.72 8.68
O6 NAG M . 19.42 -30.74 7.15
O7 NAG M . 17.28 -30.27 13.45
C1 NAG M . 22.10 -30.92 9.75
C2 NAG M . 23.51 -30.63 9.23
C3 NAG M . 24.38 -31.87 9.37
C4 NAG M . 24.35 -32.38 10.80
C5 NAG M . 22.90 -32.58 11.27
C6 NAG M . 22.80 -32.95 12.73
C7 NAG M . 23.56 -28.89 7.48
C8 NAG M . 23.50 -28.62 6.01
N2 NAG M . 23.47 -30.18 7.85
O3 NAG M . 25.72 -31.54 8.99
O4 NAG M . 25.04 -33.62 10.89
O5 NAG M . 22.16 -31.37 11.09
O6 NAG M . 21.46 -32.93 13.17
O7 NAG M . 23.67 -27.99 8.30
C1 BMA M . 26.41 -33.71 11.32
C2 BMA M . 26.62 -35.10 11.90
C3 BMA M . 27.60 -35.05 13.07
C4 BMA M . 28.86 -34.25 12.72
C5 BMA M . 28.46 -32.87 12.16
C6 BMA M . 29.67 -32.05 11.73
O2 BMA M . 27.19 -35.96 10.93
O3 BMA M . 27.97 -36.35 13.51
O4 BMA M . 29.66 -34.08 13.87
O5 BMA M . 27.63 -33.07 11.02
O6 BMA M . 30.28 -32.72 10.64
C1 MAN M . 31.15 -32.28 9.57
C2 MAN M . 31.00 -33.00 8.21
C3 MAN M . 31.59 -34.41 8.30
C4 MAN M . 32.99 -34.39 8.91
C5 MAN M . 32.94 -33.72 10.28
C6 MAN M . 34.29 -33.60 10.96
O2 MAN M . 31.75 -32.34 7.18
O3 MAN M . 31.60 -35.06 7.04
O4 MAN M . 33.48 -35.72 9.04
O5 MAN M . 32.43 -32.38 10.12
O6 MAN M . 34.95 -32.46 10.46
C1 MAN M . 30.78 -36.02 6.33
C2 MAN M . 29.25 -35.99 6.60
C3 MAN M . 28.68 -37.42 6.68
C4 MAN M . 29.77 -38.47 6.91
C5 MAN M . 30.83 -37.90 7.87
C6 MAN M . 31.88 -38.92 8.29
O2 MAN M . 28.56 -35.35 5.53
O3 MAN M . 27.91 -37.73 5.51
O4 MAN M . 29.19 -39.64 7.46
O5 MAN M . 31.52 -36.82 7.23
O6 MAN M . 32.75 -39.13 7.18
C1 MAN M . 26.97 -36.90 14.38
C2 MAN M . 27.45 -36.85 15.85
C3 MAN M . 28.52 -37.92 16.09
C4 MAN M . 28.06 -39.28 15.57
C5 MAN M . 27.73 -39.15 14.07
C6 MAN M . 27.26 -40.44 13.44
O2 MAN M . 26.39 -37.15 16.76
O3 MAN M . 28.86 -38.01 17.47
O4 MAN M . 29.10 -40.24 15.74
O5 MAN M . 26.67 -38.20 13.93
O6 MAN M . 28.05 -40.69 12.28
C1 NAG N . 39.13 -9.69 31.34
C2 NAG N . 38.93 -9.76 32.86
C3 NAG N . 39.30 -11.15 33.36
C4 NAG N . 38.49 -12.20 32.60
C5 NAG N . 38.73 -12.04 31.10
C6 NAG N . 37.87 -12.97 30.27
C7 NAG N . 39.59 -8.33 34.77
C8 NAG N . 40.59 -7.33 35.25
N2 NAG N . 39.72 -8.72 33.51
O3 NAG N . 39.07 -11.25 34.76
O4 NAG N . 38.93 -13.51 32.97
O5 NAG N . 38.39 -10.70 30.68
O6 NAG N . 36.48 -12.75 30.51
O7 NAG N . 38.70 -8.76 35.50
C1 NAG N . 38.18 -14.24 33.89
C2 NAG N . 38.82 -15.62 34.10
C3 NAG N . 38.02 -16.39 35.14
C4 NAG N . 37.91 -15.58 36.43
C5 NAG N . 37.30 -14.21 36.13
C6 NAG N . 37.29 -13.30 37.33
C7 NAG N . 39.49 -16.06 31.75
C8 NAG N . 39.05 -16.81 30.53
N2 NAG N . 38.92 -16.42 32.90
O3 NAG N . 38.63 -17.64 35.38
O4 NAG N . 37.11 -16.27 37.39
O5 NAG N . 38.08 -13.53 35.12
O6 NAG N . 38.61 -13.05 37.82
O7 NAG N . 40.34 -15.18 31.70
C1 BMA N . 35.92 -16.96 37.17
C2 BMA N . 34.68 -16.19 36.80
C3 BMA N . 33.45 -17.04 37.02
C4 BMA N . 33.59 -18.36 36.26
C5 BMA N . 34.88 -19.06 36.66
C6 BMA N . 35.14 -20.31 35.84
O2 BMA N . 34.74 -15.78 35.43
O3 BMA N . 32.29 -16.34 36.58
O4 BMA N . 32.49 -19.20 36.54
O5 BMA N . 36.01 -18.19 36.45
O6 BMA N . 35.25 -20.00 34.45
C1 NAG O . 16.69 18.14 -30.44
C2 NAG O . 15.95 17.92 -31.76
C3 NAG O . 16.86 18.32 -32.92
C4 NAG O . 17.32 19.76 -32.74
C5 NAG O . 18.01 19.90 -31.40
C6 NAG O . 18.39 21.32 -31.07
C7 NAG O . 14.23 16.19 -31.87
C8 NAG O . 13.24 17.28 -32.14
N2 NAG O . 15.51 16.54 -31.87
O3 NAG O . 16.14 18.13 -34.12
O4 NAG O . 18.27 20.15 -33.72
O5 NAG O . 17.12 19.49 -30.34
O6 NAG O . 17.25 22.08 -30.72
O7 NAG O . 13.87 15.04 -31.66
C1 NAG O . 17.86 20.44 -35.02
C2 NAG O . 18.93 21.36 -35.60
C3 NAG O . 18.62 21.63 -37.07
C4 NAG O . 18.47 20.32 -37.84
C5 NAG O . 17.41 19.45 -37.17
C6 NAG O . 17.34 18.07 -37.79
C7 NAG O . 19.99 23.47 -34.85
C8 NAG O . 19.84 24.64 -33.93
N2 NAG O . 19.01 22.56 -34.81
O3 NAG O . 19.65 22.43 -37.64
O4 NAG O . 18.07 20.61 -39.16
O5 NAG O . 17.74 19.24 -35.79
O6 NAG O . 18.57 17.37 -37.59
O7 NAG O . 20.96 23.35 -35.59
C1 PIO P . -48.41 -26.38 17.18
O1 PIO P . -47.04 -26.69 17.03
P1 PIO P . -45.91 -25.59 17.52
C2 PIO P . -48.95 -27.15 18.39
O2 PIO P . -48.00 -27.11 19.43
C3 PIO P . -49.25 -28.62 18.07
O3 PIO P . -48.06 -29.27 17.75
C4 PIO P . -50.23 -28.78 16.89
O4 PIO P . -51.47 -29.24 17.36
P4 PIO P . -51.84 -30.82 17.14
C5 PIO P . -50.46 -27.47 16.12
O5 PIO P . -51.06 -27.78 14.89
P5 PIO P . -52.03 -26.69 14.12
C6 PIO P . -49.14 -26.73 15.89
O6 PIO P . -49.40 -25.53 15.20
O11 PIO P . -46.47 -24.74 18.63
O12 PIO P . -45.56 -24.70 16.35
O13 PIO P . -44.54 -26.35 18.04
C1A PIO P . -42.30 -29.80 20.01
O1A PIO P . -42.13 -30.65 19.20
C1B PIO P . -43.98 -26.88 23.17
O1B PIO P . -44.91 -27.20 23.82
C1C PIO P . -44.61 -27.65 18.55
C2A PIO P . -41.19 -29.40 20.97
C2B PIO P . -43.16 -25.66 23.58
C2C PIO P . -43.55 -27.83 19.63
O2C PIO P . -43.55 -29.16 20.07
C3A PIO P . -39.86 -29.28 20.24
C3B PIO P . -41.66 -25.91 23.38
C3C PIO P . -43.84 -26.91 20.81
O3C PIO P . -43.68 -27.60 22.01
O41 PIO P . -53.15 -31.13 17.83
O42 PIO P . -50.75 -31.69 17.73
O43 PIO P . -51.96 -31.11 15.67
C4A PIO P . -38.86 -28.59 21.16
C4B PIO P . -40.90 -24.59 23.43
O51 PIO P . -51.30 -26.18 12.89
O52 PIO P . -53.30 -27.36 13.70
O53 PIO P . -52.35 -25.52 15.01
C5A PIO P . -37.48 -28.51 20.53
C5B PIO P . -39.44 -24.82 23.02
C6A PIO P . -36.82 -27.17 20.86
C6B PIO P . -38.73 -23.46 22.94
C7A PIO P . -35.48 -27.04 20.15
C7B PIO P . -37.41 -23.60 22.17
C8A PIO P . -34.91 -25.65 20.40
C8B PIO P . -36.88 -22.21 21.83
N ABU Q . 16.76 22.97 19.89
CD ABU Q . 17.31 21.65 20.15
CB ABU Q . 17.36 21.41 21.66
CG ABU Q . 17.85 20.00 21.94
C ABU Q . 18.01 19.79 23.44
O ABU Q . 17.52 20.63 24.24
OXT ABU Q . 18.63 18.79 23.88
CL CL R . -1.97 4.62 17.50
C1 HEX S . -43.84 1.98 10.86
C2 HEX S . -42.40 2.46 11.05
C3 HEX S . -41.51 1.34 11.58
C4 HEX S . -42.15 0.63 12.77
C5 HEX S . -41.09 -0.13 13.55
C6 HEX S . -41.75 -0.98 14.64
C1 HEX T . -42.19 9.79 -3.87
C2 HEX T . -43.65 10.24 -3.78
C3 HEX T . -44.52 9.05 -3.39
C4 HEX T . -45.99 9.48 -3.35
C5 HEX T . -46.86 8.31 -2.90
C6 HEX T . -48.33 8.65 -3.12
C1 HEX U . -22.97 -0.79 10.07
C2 HEX U . -24.31 -0.31 10.63
C3 HEX U . -24.09 0.38 11.98
C4 HEX U . -25.40 1.03 12.42
C5 HEX U . -25.22 1.72 13.77
C6 HEX U . -26.36 2.70 14.00
C1 PIO V . -44.18 -26.12 -24.63
O1 PIO V . -43.06 -26.78 -25.16
P1 PIO V . -41.54 -26.42 -24.65
C2 PIO V . -44.29 -26.46 -23.14
O2 PIO V . -44.00 -27.82 -22.97
C3 PIO V . -45.68 -26.17 -22.56
O3 PIO V . -45.69 -26.58 -21.22
C4 PIO V . -46.75 -26.92 -23.35
O4 PIO V . -48.02 -26.68 -22.81
P4 PIO V . -48.53 -27.63 -21.56
C5 PIO V . -46.75 -26.47 -24.83
O5 PIO V . -47.64 -27.31 -25.53
P5 PIO V . -49.10 -26.75 -26.04
C6 PIO V . -45.38 -26.57 -25.49
O6 PIO V . -45.41 -25.75 -26.64
O11 PIO V . -41.03 -27.54 -23.76
O12 PIO V . -41.55 -25.13 -23.85
O13 PIO V . -40.57 -26.28 -25.96
C1A PIO V . -38.58 -26.58 -28.16
O1A PIO V . -38.55 -27.55 -27.48
C1B PIO V . -38.06 -22.20 -28.67
O1B PIO V . -38.68 -21.54 -29.44
C1C PIO V . -40.22 -25.02 -26.46
C2A PIO V . -37.27 -25.87 -28.52
C2B PIO V . -36.59 -21.89 -28.42
C2C PIO V . -40.40 -25.00 -27.99
O2C PIO V . -39.81 -26.12 -28.62
C3A PIO V . -36.25 -26.89 -29.00
C3B PIO V . -36.38 -20.38 -28.39
C3C PIO V . -39.86 -23.71 -28.61
O3C PIO V . -38.68 -23.26 -28.00
O41 PIO V . -47.65 -27.41 -20.35
O42 PIO V . -48.45 -29.08 -21.98
O43 PIO V . -49.96 -27.30 -21.21
C4A PIO V . -34.87 -26.27 -29.17
C4B PIO V . -34.91 -20.07 -28.13
O51 PIO V . -49.55 -25.59 -25.20
O52 PIO V . -49.00 -26.32 -27.49
O53 PIO V . -50.11 -27.86 -25.94
C5A PIO V . -34.21 -25.97 -27.82
C5B PIO V . -34.68 -18.56 -28.25
C6A PIO V . -32.68 -26.05 -27.93
C6B PIO V . -33.18 -18.26 -28.12
C7A PIO V . -32.08 -25.97 -26.53
C7B PIO V . -32.97 -16.82 -27.69
C8A PIO V . -30.57 -26.20 -26.61
C8B PIO V . -31.47 -16.58 -27.46
C1 HEX W . -27.40 -24.92 -26.37
C2 HEX W . -25.89 -25.00 -26.15
C3 HEX W . -25.38 -23.67 -25.61
C4 HEX W . -23.85 -23.66 -25.64
C5 HEX W . -23.33 -22.33 -25.13
C6 HEX W . -21.82 -22.27 -25.31
C1 HEX X . -31.84 -21.87 -26.43
C2 HEX X . -31.03 -22.22 -25.17
C3 HEX X . -30.32 -20.99 -24.62
C4 HEX X . -29.25 -20.48 -25.59
C5 HEX X . -28.44 -19.38 -24.90
C6 HEX X . -27.32 -18.92 -25.83
CL CL Y . 8.61 -17.49 -7.68
C1 D10 Z . -29.16 -28.90 12.01
C2 D10 Z . -29.89 -29.82 12.99
C3 D10 Z . -31.17 -29.14 13.50
C4 D10 Z . -32.29 -29.21 12.46
C5 D10 Z . -33.66 -29.03 13.13
C6 D10 Z . -34.14 -30.35 13.74
C7 D10 Z . -35.59 -30.21 14.21
C8 D10 Z . -36.06 -31.57 14.72
C9 D10 Z . -37.50 -31.47 15.23
C10 D10 Z . -37.97 -32.84 15.71
N ABU AA . 33.21 -18.40 1.59
CD ABU AA . 32.74 -18.64 0.23
CB ABU AA . 33.46 -17.70 -0.73
CG ABU AA . 33.07 -18.07 -2.16
C ABU AA . 33.57 -16.98 -3.10
O ABU AA . 32.95 -15.90 -3.18
OXT ABU AA . 34.60 -17.18 -3.79
C1 HEX BA . -27.18 -38.68 -7.82
C2 HEX BA . -26.75 -37.57 -6.85
C3 HEX BA . -26.73 -38.12 -5.42
C4 HEX BA . -26.29 -37.02 -4.46
C5 HEX BA . -25.89 -37.60 -3.10
C6 HEX BA . -27.00 -38.43 -2.49
C1 HEX CA . -12.58 -24.83 -4.28
C2 HEX CA . -13.44 -26.09 -4.23
C3 HEX CA . -12.76 -27.21 -5.02
C4 HEX CA . -13.53 -28.51 -4.86
C5 HEX CA . -12.76 -29.63 -5.56
C6 HEX CA . -13.44 -30.97 -5.25
C1 PLM DA . -51.56 4.11 -24.76
O1 PLM DA . -52.61 3.46 -24.51
O2 PLM DA . -51.38 4.60 -25.91
C2 PLM DA . -50.51 4.31 -23.67
C3 PLM DA . -49.51 3.16 -23.71
C4 PLM DA . -48.27 3.50 -22.89
C5 PLM DA . -47.17 4.15 -23.75
C6 PLM DA . -45.78 4.04 -23.10
C7 PLM DA . -45.77 4.29 -21.59
C8 PLM DA . -44.34 4.49 -21.09
C9 PLM DA . -43.52 3.20 -21.23
CA PLM DA . -42.23 3.33 -20.44
CB PLM DA . -41.30 2.18 -20.79
CC PLM DA . -40.01 2.28 -19.97
C1 CLR EA . -19.43 14.12 -24.35
C2 CLR EA . -18.02 14.72 -24.24
C3 CLR EA . -17.90 15.60 -23.03
C4 CLR EA . -18.23 14.81 -21.78
C5 CLR EA . -19.57 14.12 -21.87
C6 CLR EA . -20.46 14.25 -20.91
C7 CLR EA . -21.82 13.63 -20.89
C8 CLR EA . -21.94 12.49 -21.88
C9 CLR EA . -21.32 12.89 -23.23
C10 CLR EA . -19.81 13.27 -23.12
C11 CLR EA . -21.61 11.83 -24.31
C12 CLR EA . -23.08 11.42 -24.42
C13 CLR EA . -23.69 10.99 -23.08
C14 CLR EA . -23.42 12.14 -22.09
C15 CLR EA . -24.30 11.80 -20.88
C16 CLR EA . -25.54 11.15 -21.50
C17 CLR EA . -25.24 10.94 -23.00
C18 CLR EA . -23.07 9.65 -22.62
C19 CLR EA . -18.90 12.04 -23.06
C20 CLR EA . -26.00 9.74 -23.59
C21 CLR EA . -25.60 9.42 -25.03
C22 CLR EA . -27.53 9.90 -23.50
C23 CLR EA . -28.31 8.60 -23.45
C24 CLR EA . -29.82 8.80 -23.62
C25 CLR EA . -30.66 7.54 -23.62
C26 CLR EA . -32.07 7.82 -24.10
C27 CLR EA . -30.70 6.87 -22.26
O1 CLR EA . -16.57 16.13 -22.94
CAD PGW FA . -12.11 20.36 -8.00
OAE PGW FA . -11.18 20.65 -9.01
OAF PGW FA . -11.53 22.36 -6.83
P PGW FA . -15.68 19.67 -6.02
C01 PGW FA . -18.63 19.12 -9.61
C1 PGW FA . -20.10 17.50 -7.67
O01 PGW FA . -18.95 18.29 -7.36
C02 PGW FA . -18.82 19.48 -8.13
C2 PGW FA . -20.16 16.04 -7.22
O02 PGW FA . -21.00 17.98 -8.26
C03 PGW FA . -17.62 20.29 -7.64
C3 PGW FA . -20.10 15.13 -8.45
O03 PGW FA . -17.87 17.92 -9.71
C04 PGW FA . -13.62 21.33 -6.26
C4 PGW FA . -21.40 15.19 -9.27
O04 PGW FA . -16.49 18.01 -11.49
C05 PGW FA . -12.60 21.65 -7.37
C5 PGW FA . -21.95 13.77 -9.48
C06 PGW FA . -25.30 9.67 -11.20
C6 PGW FA . -23.14 13.85 -10.46
C07 PGW FA . -25.97 8.31 -11.39
C7 PGW FA . -23.76 12.45 -10.67
C08 PGW FA . -26.09 7.60 -10.03
C8 PGW FA . -22.98 11.60 -11.71
C09 PGW FA . -25.19 6.37 -9.88
C9 PGW FA . -23.92 11.08 -12.81
C10 PGW FA . -24.94 10.24 -12.59
C11 PGW FA . -23.90 6.77 -9.15
O11 PGW FA . -17.28 19.93 -6.33
C12 PGW FA . -22.94 5.58 -9.13
O12 PGW FA . -14.79 20.81 -6.85
C13 PGW FA . -21.68 5.89 -9.95
O13 PGW FA . -15.41 19.80 -4.54
C14 PGW FA . -20.75 6.83 -9.19
O14 PGW FA . -15.29 18.29 -6.49
C15 PGW FA . -25.06 13.60 -16.91
C16 PGW FA . -26.28 12.69 -16.64
C17 PGW FA . -26.49 11.73 -17.82
C18 PGW FA . -27.54 10.68 -17.44
C19 PGW FA . -17.50 17.57 -11.02
C20 PGW FA . -18.39 16.63 -11.87
C21 PGW FA . -19.01 17.42 -13.04
C22 PGW FA . -19.68 16.46 -14.03
C23 PGW FA . -20.94 15.82 -13.40
C24 PGW FA . -22.03 15.51 -14.46
C25 PGW FA . -21.68 14.19 -15.19
C26 PGW FA . -22.63 13.98 -16.41
C27 PGW FA . -23.89 13.21 -15.98
C28 PGW FA . -27.78 9.72 -18.62
C29 PGW FA . -29.30 7.86 -19.29
C30 PGW FA . -28.54 8.49 -18.13
CAD PGW GA . -49.78 -2.10 -32.84
OAE PGW GA . -48.41 -1.91 -33.10
OAF PGW GA . -51.90 -1.02 -33.08
P PGW GA . -48.54 -1.26 -36.46
C01 PGW GA . -45.97 1.93 -39.21
C1 PGW GA . -44.26 -0.60 -38.01
O01 PGW GA . -45.25 -0.39 -39.01
C02 PGW GA . -46.32 0.51 -38.74
C2 PGW GA . -43.21 0.48 -37.71
O02 PGW GA . -44.25 -1.60 -37.41
C03 PGW GA . -46.77 0.50 -37.27
C3 PGW GA . -41.81 -0.14 -37.75
O03 PGW GA . -45.28 2.66 -38.20
C04 PGW GA . -50.15 -0.33 -34.56
C4 PGW GA . -40.76 0.88 -37.31
O04 PGW GA . -45.23 4.41 -39.64
C05 PGW GA . -50.53 -0.80 -33.15
C5 PGW GA . -39.86 0.25 -36.23
C06 PGW GA . -34.00 2.72 -33.60
C6 PGW GA . -38.68 1.20 -35.92
C07 PGW GA . -33.35 2.84 -34.98
C7 PGW GA . -37.71 0.53 -34.93
C08 PGW GA . -32.45 4.07 -35.02
C8 PGW GA . -36.44 1.38 -34.78
C09 PGW GA . -31.03 3.68 -34.61
C9 PGW GA . -35.46 0.66 -33.84
C10 PGW GA . -34.38 1.25 -33.32
C11 PGW GA . -30.15 4.94 -34.47
O11 PGW GA . -47.00 -0.82 -36.85
C12 PGW GA . -28.96 4.91 -35.42
O12 PGW GA . -48.87 -0.82 -34.89
C13 PGW GA . -28.42 6.34 -35.62
O13 PGW GA . -49.52 -0.59 -37.40
C14 PGW GA . -27.20 6.31 -36.54
O14 PGW GA . -48.67 -2.76 -36.61
C15 PGW GA . -34.91 4.77 -39.71
C16 PGW GA . -33.46 4.31 -39.44
C17 PGW GA . -32.54 5.03 -40.45
C18 PGW GA . -31.11 5.08 -39.92
C19 PGW GA . -44.80 3.91 -38.64
C20 PGW GA . -43.71 4.65 -37.81
C21 PGW GA . -42.43 4.75 -38.66
C22 PGW GA . -41.15 4.37 -37.92
C23 PGW GA . -40.12 5.52 -37.95
C24 PGW GA . -39.02 5.31 -36.89
C25 PGW GA . -37.98 4.26 -37.36
C26 PGW GA . -36.80 5.00 -38.05
C27 PGW GA . -35.90 4.00 -38.80
C28 PGW GA . -30.23 5.86 -40.91
C29 PGW GA . -28.31 7.46 -41.09
C30 PGW GA . -29.42 6.94 -40.16
CL CL HA . -15.80 16.80 -20.81
#